data_7CM0
#
_entry.id   7CM0
#
_cell.length_a   116.896
_cell.length_b   116.896
_cell.length_c   99.459
_cell.angle_alpha   90.000
_cell.angle_beta   90.000
_cell.angle_gamma   120.000
#
_symmetry.space_group_name_H-M   'P 3'
#
loop_
_entity.id
_entity.type
_entity.pdbx_description
1 polymer 'Glutaminyl-peptide cyclotransferase'
2 non-polymer 1-(cyclopentylmethyl)-1-[3-methoxy-4-(2-morpholin-4-ylethoxy)phenyl]-3-[3-(5-methylimidazol-1-yl)propyl]urea
3 non-polymer 'ZINC ION'
4 water water
#
_entity_poly.entity_id   1
_entity_poly.type   'polypeptide(L)'
_entity_poly.pdbx_seq_one_letter_code
;AWPEEKNYHQPAILNSSALRQIAEGTSISEMWQNDLQPLLIERYPGSPGSYAARQHIMQRIQRLQADWVLEIDTFLSQTP
YGYRSFSNIISTLNPTAKRHLVLACHYDSKYFSHWNNRVFVGATDSAVPCAMMLELARALDKKLLSLKTVSDSKPDLSLQ
LIFFDGEEAFLHWSPQDSLYGSRHLAAKMASTPHPPGARGTSQLHGMDLLVLLDLIGAPNPTFPNFFPNSARWFERLQAI
EHELHELGLLKDHSLEGRYFQNYSYGGVIQDDHIPFLRRGVPVLHLIPSPFPEVWHTMDDNEENLDESTIDNLNKILQVF
VLEYLHL
;
_entity_poly.pdbx_strand_id   A,B,C,D
#
loop_
_chem_comp.id
_chem_comp.type
_chem_comp.name
_chem_comp.formula
G5R non-polymer 1-(cyclopentylmethyl)-1-[3-methoxy-4-(2-morpholin-4-ylethoxy)phenyl]-3-[3-(5-methylimidazol-1-yl)propyl]urea 'C27 H41 N5 O4'
ZN non-polymer 'ZINC ION' 'Zn 2'
#
# COMPACT_ATOMS: atom_id res chain seq x y z
N ALA A 1 -6.82 7.08 -13.45
CA ALA A 1 -5.93 8.17 -13.82
C ALA A 1 -4.47 7.76 -13.60
N TRP A 2 -4.24 6.83 -12.68
CA TRP A 2 -2.86 6.43 -12.40
C TRP A 2 -2.19 5.68 -13.55
N PRO A 3 -2.93 5.07 -14.50
CA PRO A 3 -2.25 4.56 -15.70
C PRO A 3 -1.55 5.65 -16.49
N GLU A 4 -1.93 6.91 -16.27
CA GLU A 4 -1.41 8.03 -17.03
C GLU A 4 -0.28 8.75 -16.28
N GLU A 5 0.02 8.34 -15.05
CA GLU A 5 1.15 8.87 -14.32
C GLU A 5 2.47 8.63 -15.04
N LYS A 6 2.61 7.45 -15.68
CA LYS A 6 3.82 7.15 -16.43
C LYS A 6 4.15 8.25 -17.44
N ASN A 7 3.13 8.84 -18.06
CA ASN A 7 3.37 9.81 -19.12
C ASN A 7 4.00 11.07 -18.56
N TYR A 8 3.87 11.30 -17.24
CA TYR A 8 4.29 12.54 -16.62
C TYR A 8 5.42 12.39 -15.61
N HIS A 9 5.74 11.17 -15.17
CA HIS A 9 6.82 10.93 -14.23
C HIS A 9 8.08 11.70 -14.62
N GLN A 10 8.73 12.28 -13.62
CA GLN A 10 10.00 12.98 -13.77
C GLN A 10 11.06 12.31 -12.92
N PRO A 11 12.32 12.30 -13.37
CA PRO A 11 13.38 11.75 -12.53
C PRO A 11 13.68 12.64 -11.35
N ALA A 12 14.51 12.10 -10.47
CA ALA A 12 15.23 12.89 -9.47
C ALA A 12 16.72 12.60 -9.73
N ILE A 13 17.43 13.57 -10.30
CA ILE A 13 18.76 13.32 -10.81
C ILE A 13 19.77 13.33 -9.67
N LEU A 14 20.68 12.35 -9.66
CA LEU A 14 21.63 12.19 -8.56
C LEU A 14 22.73 13.24 -8.63
N ASN A 15 23.32 13.56 -7.47
CA ASN A 15 24.44 14.49 -7.45
C ASN A 15 25.75 13.76 -7.78
N SER A 16 26.85 14.52 -7.86
CA SER A 16 28.11 13.97 -8.36
C SER A 16 28.75 13.01 -7.36
N SER A 17 28.64 13.28 -6.06
CA SER A 17 29.12 12.34 -5.05
C SER A 17 28.29 11.05 -5.03
N ALA A 18 26.97 11.17 -5.20
CA ALA A 18 26.15 9.97 -5.36
C ALA A 18 26.61 9.13 -6.54
N LEU A 19 26.90 9.77 -7.68
CA LEU A 19 27.41 9.06 -8.86
C LEU A 19 28.75 8.48 -8.53
N ARG A 20 29.41 9.09 -7.55
CA ARG A 20 30.67 8.54 -7.16
C ARG A 20 30.47 7.31 -6.28
N GLN A 21 29.36 7.27 -5.53
CA GLN A 21 29.00 6.12 -4.71
C GLN A 21 28.55 4.91 -5.55
N ILE A 22 27.75 5.13 -6.58
CA ILE A 22 27.21 4.00 -7.36
C ILE A 22 28.27 3.40 -8.28
N ALA A 23 29.27 4.17 -8.68
CA ALA A 23 30.30 3.62 -9.58
C ALA A 23 31.26 2.70 -8.86
N GLU A 24 31.51 2.94 -7.57
CA GLU A 24 32.32 2.04 -6.77
C GLU A 24 31.50 0.87 -6.21
N GLY A 25 30.20 1.07 -5.98
CA GLY A 25 29.32 0.07 -5.39
C GLY A 25 28.92 -1.06 -6.30
N THR A 26 29.41 -1.07 -7.54
CA THR A 26 29.20 -2.16 -8.48
C THR A 26 30.55 -2.59 -9.02
N SER A 27 30.70 -3.87 -9.31
CA SER A 27 31.99 -4.28 -9.89
C SER A 27 31.83 -5.47 -10.81
N ILE A 28 32.23 -5.28 -12.06
CA ILE A 28 32.19 -6.27 -13.13
C ILE A 28 32.93 -7.54 -12.75
N SER A 29 33.83 -7.47 -11.77
CA SER A 29 34.56 -8.67 -11.35
C SER A 29 33.61 -9.66 -10.68
N GLU A 30 32.86 -9.18 -9.69
CA GLU A 30 31.82 -9.98 -9.05
C GLU A 30 30.75 -10.40 -10.04
N MET A 31 30.33 -9.47 -10.91
CA MET A 31 29.36 -9.80 -11.96
C MET A 31 29.85 -10.93 -12.84
N TRP A 32 31.12 -10.87 -13.25
CA TRP A 32 31.69 -11.89 -14.13
C TRP A 32 31.65 -13.27 -13.46
N GLN A 33 32.11 -13.35 -12.22
CA GLN A 33 32.32 -14.62 -11.55
C GLN A 33 31.02 -15.19 -11.00
N ASN A 34 30.27 -14.39 -10.25
CA ASN A 34 29.15 -14.90 -9.47
C ASN A 34 27.83 -14.92 -10.23
N ASP A 35 27.62 -14.00 -11.16
CA ASP A 35 26.34 -13.84 -11.86
C ASP A 35 26.35 -14.25 -13.32
N LEU A 36 27.43 -13.99 -14.05
CA LEU A 36 27.43 -14.22 -15.50
C LEU A 36 27.89 -15.62 -15.88
N GLN A 37 28.94 -16.13 -15.23
CA GLN A 37 29.57 -17.38 -15.67
C GLN A 37 28.66 -18.61 -15.59
N PRO A 38 27.83 -18.79 -14.56
CA PRO A 38 26.97 -19.99 -14.53
C PRO A 38 25.97 -20.09 -15.67
N LEU A 39 25.60 -18.97 -16.31
CA LEU A 39 24.63 -19.01 -17.40
C LEU A 39 25.29 -19.16 -18.77
N LEU A 40 26.61 -19.37 -18.80
CA LEU A 40 27.32 -19.58 -20.05
C LEU A 40 27.21 -21.04 -20.44
N ILE A 41 25.97 -21.55 -20.53
CA ILE A 41 25.68 -22.95 -20.81
C ILE A 41 24.55 -23.05 -21.83
N GLU A 42 24.47 -24.20 -22.45
CA GLU A 42 23.33 -24.54 -23.30
C GLU A 42 22.06 -24.47 -22.46
N ARG A 43 21.11 -23.59 -22.84
CA ARG A 43 19.90 -23.43 -22.03
C ARG A 43 18.69 -23.06 -22.91
N TYR A 44 18.34 -23.91 -23.79
CA TYR A 44 17.14 -23.66 -24.59
C TYR A 44 15.93 -24.07 -23.76
N PRO A 45 14.72 -23.61 -24.14
CA PRO A 45 13.53 -23.94 -23.33
C PRO A 45 13.39 -25.44 -23.08
N GLY A 46 12.98 -25.79 -21.86
CA GLY A 46 12.75 -27.19 -21.56
C GLY A 46 13.99 -28.03 -21.54
N SER A 47 15.16 -27.42 -21.42
CA SER A 47 16.45 -28.10 -21.39
C SER A 47 16.92 -28.28 -19.96
N PRO A 48 17.94 -29.10 -19.76
CA PRO A 48 18.55 -29.16 -18.42
C PRO A 48 19.18 -27.83 -17.99
N GLY A 49 19.86 -27.12 -18.90
CA GLY A 49 20.42 -25.83 -18.54
C GLY A 49 19.37 -24.78 -18.24
N SER A 50 18.22 -24.87 -18.92
CA SER A 50 17.12 -23.92 -18.69
C SER A 50 16.70 -23.92 -17.23
N TYR A 51 16.57 -25.10 -16.62
CA TYR A 51 16.23 -25.17 -15.20
C TYR A 51 17.39 -24.64 -14.35
N ALA A 52 18.60 -25.13 -14.61
CA ALA A 52 19.78 -24.61 -13.91
C ALA A 52 19.95 -23.11 -14.13
N ALA A 53 19.65 -22.61 -15.33
CA ALA A 53 19.71 -21.16 -15.55
C ALA A 53 18.72 -20.44 -14.66
N ARG A 54 17.50 -20.97 -14.57
CA ARG A 54 16.43 -20.34 -13.82
C ARG A 54 16.71 -20.39 -12.32
N GLN A 55 17.31 -21.48 -11.83
CA GLN A 55 17.55 -21.59 -10.40
C GLN A 55 18.77 -20.80 -10.00
N HIS A 56 19.70 -20.60 -10.92
CA HIS A 56 20.76 -19.62 -10.71
C HIS A 56 20.15 -18.26 -10.43
N ILE A 57 19.28 -17.80 -11.33
CA ILE A 57 18.71 -16.47 -11.19
C ILE A 57 18.04 -16.27 -9.85
N MET A 58 17.07 -17.14 -9.54
CA MET A 58 16.25 -16.96 -8.34
C MET A 58 17.08 -17.06 -7.06
N GLN A 59 18.01 -18.01 -7.02
CA GLN A 59 18.90 -18.12 -5.87
C GLN A 59 19.60 -16.79 -5.59
N ARG A 60 20.26 -16.22 -6.61
CA ARG A 60 20.95 -14.94 -6.42
C ARG A 60 19.99 -13.83 -5.98
N ILE A 61 18.76 -13.87 -6.49
CA ILE A 61 17.76 -12.88 -6.12
C ILE A 61 17.32 -13.06 -4.67
N GLN A 62 17.41 -14.28 -4.12
CA GLN A 62 17.08 -14.48 -2.73
C GLN A 62 18.28 -14.34 -1.80
N ARG A 63 19.50 -14.33 -2.35
CA ARG A 63 20.65 -13.93 -1.55
C ARG A 63 20.46 -12.51 -1.03
N LEU A 64 19.82 -11.66 -1.83
CA LEU A 64 19.70 -10.25 -1.57
C LEU A 64 18.84 -9.97 -0.33
N GLN A 65 18.98 -8.76 0.19
CA GLN A 65 18.22 -8.36 1.38
C GLN A 65 16.88 -7.72 1.03
N ALA A 66 16.76 -7.10 -0.13
CA ALA A 66 15.47 -6.59 -0.57
C ALA A 66 14.52 -7.76 -0.84
N ASP A 67 13.29 -7.62 -0.36
CA ASP A 67 12.31 -8.71 -0.38
C ASP A 67 11.69 -8.78 -1.78
N TRP A 68 12.42 -9.42 -2.69
CA TRP A 68 11.89 -9.71 -4.01
C TRP A 68 10.87 -10.85 -3.92
N VAL A 69 9.70 -10.63 -4.53
CA VAL A 69 8.69 -11.67 -4.69
C VAL A 69 8.93 -12.35 -6.03
N LEU A 70 9.45 -13.57 -6.00
CA LEU A 70 9.70 -14.30 -7.24
C LEU A 70 8.43 -14.95 -7.76
N GLU A 71 8.28 -14.99 -9.08
CA GLU A 71 7.17 -15.68 -9.71
C GLU A 71 7.69 -16.43 -10.95
N ILE A 72 7.45 -17.74 -11.00
CA ILE A 72 7.72 -18.53 -12.21
C ILE A 72 6.39 -18.75 -12.90
N ASP A 73 6.34 -18.40 -14.18
CA ASP A 73 5.13 -18.44 -15.00
C ASP A 73 5.33 -19.51 -16.07
N THR A 74 5.01 -20.75 -15.71
CA THR A 74 5.10 -21.87 -16.63
C THR A 74 3.80 -21.96 -17.42
N PHE A 75 3.92 -22.40 -18.66
CA PHE A 75 2.80 -22.37 -19.58
C PHE A 75 3.14 -23.27 -20.75
N LEU A 76 2.12 -23.66 -21.51
CA LEU A 76 2.32 -24.42 -22.72
C LEU A 76 2.03 -23.55 -23.94
N SER A 77 2.75 -23.82 -25.02
CA SER A 77 2.38 -23.23 -26.28
C SER A 77 2.88 -24.14 -27.37
N GLN A 78 2.22 -24.03 -28.53
CA GLN A 78 2.65 -24.79 -29.68
C GLN A 78 3.92 -24.18 -30.27
N THR A 79 4.81 -25.02 -30.77
CA THR A 79 5.99 -24.61 -31.51
C THR A 79 6.02 -25.49 -32.74
N PRO A 80 6.90 -25.20 -33.73
CA PRO A 80 7.02 -26.13 -34.87
C PRO A 80 7.31 -27.56 -34.43
N TYR A 81 7.96 -27.75 -33.29
CA TYR A 81 7.97 -29.03 -32.62
C TYR A 81 6.84 -28.97 -31.60
N GLY A 82 6.07 -30.05 -31.50
CA GLY A 82 4.81 -29.99 -30.78
C GLY A 82 4.95 -29.47 -29.37
N TYR A 83 3.83 -28.89 -28.89
CA TYR A 83 3.58 -28.38 -27.55
C TYR A 83 4.79 -28.42 -26.63
N ARG A 84 5.36 -27.25 -26.31
CA ARG A 84 6.50 -27.15 -25.41
C ARG A 84 6.13 -26.36 -24.16
N SER A 85 6.94 -26.50 -23.12
CA SER A 85 6.79 -25.73 -21.90
C SER A 85 7.87 -24.67 -21.81
N PHE A 86 7.48 -23.49 -21.35
CA PHE A 86 8.32 -22.31 -21.16
C PHE A 86 8.00 -21.72 -19.79
N SER A 87 9.02 -21.23 -19.10
CA SER A 87 8.84 -20.62 -17.78
C SER A 87 9.57 -19.28 -17.70
N ASN A 88 8.83 -18.19 -17.86
CA ASN A 88 9.38 -16.87 -17.62
C ASN A 88 9.65 -16.70 -16.13
N ILE A 89 10.71 -15.97 -15.81
CA ILE A 89 11.01 -15.58 -14.44
C ILE A 89 10.58 -14.15 -14.27
N ILE A 90 10.00 -13.84 -13.11
CA ILE A 90 9.52 -12.49 -12.80
C ILE A 90 9.84 -12.22 -11.34
N SER A 91 10.75 -11.27 -11.10
CA SER A 91 11.13 -10.84 -9.77
C SER A 91 10.50 -9.48 -9.51
N THR A 92 9.90 -9.32 -8.34
CA THR A 92 9.12 -8.12 -8.09
C THR A 92 9.38 -7.58 -6.70
N LEU A 93 9.43 -6.26 -6.60
CA LEU A 93 9.40 -5.52 -5.35
C LEU A 93 8.09 -4.77 -5.26
N ASN A 94 7.55 -4.68 -4.06
CA ASN A 94 6.26 -4.02 -3.88
C ASN A 94 5.26 -4.58 -4.89
N PRO A 95 4.91 -5.87 -4.84
CA PRO A 95 3.87 -6.35 -5.76
C PRO A 95 2.58 -5.59 -5.61
N THR A 96 2.31 -5.04 -4.43
CA THR A 96 1.09 -4.28 -4.22
C THR A 96 1.14 -2.89 -4.87
N ALA A 97 2.33 -2.41 -5.26
CA ALA A 97 2.45 -1.07 -5.82
C ALA A 97 1.86 -0.98 -7.23
N LYS A 98 1.14 0.12 -7.51
CA LYS A 98 0.40 0.24 -8.76
C LYS A 98 1.32 0.30 -9.99
N ARG A 99 2.44 1.03 -9.92
CA ARG A 99 3.30 1.26 -11.09
C ARG A 99 4.65 0.56 -10.92
N HIS A 100 5.16 -0.03 -11.99
CA HIS A 100 6.45 -0.70 -11.94
C HIS A 100 7.32 -0.32 -13.13
N LEU A 101 8.59 0.02 -12.84
CA LEU A 101 9.62 0.07 -13.86
C LEU A 101 10.14 -1.34 -14.08
N VAL A 102 10.27 -1.73 -15.35
CA VAL A 102 10.57 -3.11 -15.71
C VAL A 102 11.83 -3.12 -16.56
N LEU A 103 12.88 -3.75 -16.04
CA LEU A 103 14.09 -4.09 -16.77
C LEU A 103 13.97 -5.53 -17.22
N ALA A 104 14.11 -5.77 -18.52
CA ALA A 104 13.81 -7.08 -19.08
C ALA A 104 14.95 -7.61 -19.96
N CYS A 105 15.05 -8.94 -19.98
CA CYS A 105 16.04 -9.75 -20.68
C CYS A 105 15.34 -11.09 -20.90
N HIS A 106 15.82 -11.88 -21.87
CA HIS A 106 15.37 -13.25 -22.07
C HIS A 106 16.50 -14.18 -21.68
N TYR A 107 16.21 -15.31 -21.03
CA TYR A 107 17.28 -16.18 -20.54
C TYR A 107 17.42 -17.47 -21.33
N ASP A 108 16.65 -17.67 -22.39
CA ASP A 108 16.82 -18.86 -23.20
C ASP A 108 17.91 -18.65 -24.23
N SER A 109 18.58 -19.73 -24.60
CA SER A 109 19.45 -19.72 -25.77
C SER A 109 18.76 -20.46 -26.90
N LYS A 110 19.33 -20.32 -28.09
CA LYS A 110 18.77 -20.85 -29.32
C LYS A 110 19.42 -22.19 -29.64
N TYR A 111 18.59 -23.17 -30.02
CA TYR A 111 19.09 -24.50 -30.32
C TYR A 111 19.90 -24.49 -31.60
N PHE A 112 21.15 -24.95 -31.53
CA PHE A 112 22.02 -25.09 -32.70
C PHE A 112 22.61 -26.50 -32.76
N SER A 113 23.09 -26.85 -33.94
CA SER A 113 23.71 -28.14 -34.21
C SER A 113 25.01 -28.35 -33.43
N ASN A 116 30.44 -27.06 -34.82
CA ASN A 116 31.47 -28.09 -34.88
C ASN A 116 31.73 -28.71 -33.50
N ASN A 117 32.75 -28.18 -32.82
CA ASN A 117 33.15 -28.61 -31.48
C ASN A 117 32.87 -27.53 -30.44
N ARG A 118 31.87 -26.70 -30.72
CA ARG A 118 31.58 -25.53 -29.90
C ARG A 118 30.08 -25.44 -29.73
N VAL A 119 29.66 -24.97 -28.56
CA VAL A 119 28.26 -24.91 -28.19
C VAL A 119 27.84 -23.45 -28.13
N PHE A 120 26.57 -23.19 -28.47
CA PHE A 120 26.03 -21.83 -28.52
C PHE A 120 25.54 -21.47 -27.12
N VAL A 121 26.21 -20.50 -26.49
CA VAL A 121 25.85 -20.03 -25.15
C VAL A 121 25.24 -18.63 -25.17
N GLY A 122 25.19 -17.96 -26.31
CA GLY A 122 24.55 -16.66 -26.38
C GLY A 122 25.07 -15.70 -25.31
N ALA A 123 26.38 -15.44 -25.31
CA ALA A 123 26.98 -14.56 -24.30
C ALA A 123 26.31 -13.19 -24.32
N THR A 124 26.18 -12.61 -25.51
CA THR A 124 25.52 -11.33 -25.66
C THR A 124 24.03 -11.53 -25.87
N ASP A 125 23.67 -12.57 -26.61
CA ASP A 125 22.29 -12.94 -26.81
C ASP A 125 21.73 -13.42 -25.49
N SER A 126 21.52 -12.48 -24.57
CA SER A 126 20.88 -12.65 -23.26
C SER A 126 21.78 -12.84 -22.06
N ALA A 127 22.89 -13.56 -22.19
CA ALA A 127 23.59 -13.99 -20.98
C ALA A 127 24.15 -12.80 -20.22
N VAL A 128 24.87 -11.91 -20.92
CA VAL A 128 25.34 -10.69 -20.27
C VAL A 128 24.19 -9.81 -19.81
N PRO A 129 23.20 -9.48 -20.65
CA PRO A 129 22.11 -8.63 -20.17
C PRO A 129 21.37 -9.19 -18.95
N CYS A 130 21.10 -10.50 -18.94
CA CYS A 130 20.47 -11.11 -17.77
C CYS A 130 21.39 -11.06 -16.56
N ALA A 131 22.68 -11.25 -16.77
CA ALA A 131 23.64 -11.08 -15.68
C ALA A 131 23.69 -9.63 -15.22
N MET A 132 23.62 -8.68 -16.15
CA MET A 132 23.65 -7.27 -15.73
C MET A 132 22.46 -6.93 -14.86
N MET A 133 21.33 -7.59 -15.12
CA MET A 133 20.17 -7.39 -14.25
C MET A 133 20.40 -7.99 -12.87
N LEU A 134 21.12 -9.09 -12.78
CA LEU A 134 21.44 -9.64 -11.47
C LEU A 134 22.33 -8.70 -10.67
N GLU A 135 23.41 -8.23 -11.29
CA GLU A 135 24.36 -7.32 -10.65
C GLU A 135 23.69 -6.08 -10.10
N LEU A 136 22.93 -5.38 -10.95
CA LEU A 136 22.25 -4.16 -10.53
C LEU A 136 21.46 -4.38 -9.25
N ALA A 137 20.84 -5.56 -9.12
CA ALA A 137 20.07 -5.87 -7.92
C ALA A 137 20.96 -6.08 -6.72
N ARG A 138 22.08 -6.78 -6.90
CA ARG A 138 23.06 -6.92 -5.83
C ARG A 138 23.65 -5.57 -5.46
N ALA A 139 23.98 -4.74 -6.46
CA ALA A 139 24.63 -3.46 -6.20
C ALA A 139 23.69 -2.49 -5.47
N LEU A 140 22.48 -2.30 -6.01
CA LEU A 140 21.50 -1.37 -5.46
C LEU A 140 20.70 -1.95 -4.29
N ASP A 141 21.07 -3.15 -3.81
CA ASP A 141 20.30 -3.83 -2.76
C ASP A 141 20.01 -2.89 -1.60
N LYS A 142 21.06 -2.26 -1.05
CA LYS A 142 20.88 -1.38 0.11
C LYS A 142 19.91 -0.25 -0.17
N LYS A 143 19.83 0.20 -1.42
CA LYS A 143 18.93 1.27 -1.81
C LYS A 143 17.54 0.77 -2.15
N LEU A 144 17.42 -0.45 -2.67
CA LEU A 144 16.12 -1.06 -2.90
C LEU A 144 15.45 -1.49 -1.59
N LEU A 145 16.25 -1.92 -0.61
CA LEU A 145 15.72 -2.25 0.70
C LEU A 145 14.93 -1.11 1.31
N SER A 146 15.22 0.13 0.90
CA SER A 146 14.47 1.31 1.34
C SER A 146 13.02 1.31 0.87
N LEU A 147 12.72 0.59 -0.23
CA LEU A 147 11.36 0.55 -0.74
C LEU A 147 10.47 -0.41 0.05
N LYS A 148 11.05 -1.36 0.78
CA LYS A 148 10.24 -2.25 1.61
C LYS A 148 9.39 -1.43 2.58
N THR A 149 10.02 -0.55 3.35
CA THR A 149 9.31 0.34 4.24
C THR A 149 8.69 1.48 3.44
N VAL A 150 7.41 1.75 3.67
CA VAL A 150 6.72 2.80 2.93
C VAL A 150 6.50 4.03 3.81
N PRO A 155 5.30 8.78 -4.83
CA PRO A 155 4.60 7.98 -5.85
C PRO A 155 4.49 6.49 -5.48
N ASP A 156 3.75 5.72 -6.27
CA ASP A 156 3.52 4.29 -6.01
C ASP A 156 4.21 3.48 -7.11
N LEU A 157 5.54 3.53 -7.12
CA LEU A 157 6.36 3.00 -8.21
C LEU A 157 7.50 2.18 -7.64
N SER A 158 7.73 0.99 -8.20
CA SER A 158 8.84 0.15 -7.75
C SER A 158 9.41 -0.62 -8.94
N LEU A 159 10.29 -1.57 -8.68
CA LEU A 159 11.09 -2.20 -9.73
C LEU A 159 10.64 -3.62 -10.00
N GLN A 160 10.70 -4.04 -11.28
CA GLN A 160 10.37 -5.41 -11.61
C GLN A 160 11.35 -5.95 -12.64
N LEU A 161 11.85 -7.16 -12.38
CA LEU A 161 12.76 -7.90 -13.24
C LEU A 161 12.01 -9.04 -13.92
N ILE A 162 12.15 -9.13 -15.23
CA ILE A 162 11.54 -10.16 -16.07
C ILE A 162 12.66 -10.79 -16.89
N PHE A 163 12.77 -12.10 -16.79
CA PHE A 163 13.69 -12.95 -17.55
C PHE A 163 12.84 -13.85 -18.45
N PHE A 164 12.51 -13.39 -19.65
CA PHE A 164 11.59 -14.13 -20.50
C PHE A 164 12.18 -15.49 -20.90
N ASP A 165 11.31 -16.47 -21.13
CA ASP A 165 11.71 -17.70 -21.76
C ASP A 165 11.34 -17.70 -23.24
N GLY A 166 11.98 -18.59 -24.00
CA GLY A 166 11.57 -18.86 -25.39
C GLY A 166 11.48 -17.65 -26.31
N GLU A 167 12.45 -16.74 -26.22
CA GLU A 167 12.56 -15.69 -27.22
C GLU A 167 12.89 -16.26 -28.60
N GLU A 168 13.74 -17.26 -28.67
CA GLU A 168 14.38 -17.66 -29.92
C GLU A 168 13.49 -18.50 -30.83
N ALA A 169 13.73 -18.36 -32.13
CA ALA A 169 13.14 -19.28 -33.06
C ALA A 169 13.72 -20.66 -32.82
N PHE A 170 12.83 -21.68 -32.88
CA PHE A 170 13.22 -23.09 -32.80
C PHE A 170 13.71 -23.61 -34.14
N LEU A 171 13.08 -23.16 -35.22
CA LEU A 171 13.37 -23.70 -36.55
C LEU A 171 13.70 -22.61 -37.54
N HIS A 172 12.80 -21.64 -37.67
CA HIS A 172 12.90 -20.57 -38.65
C HIS A 172 12.04 -19.44 -38.13
N TRP A 173 12.65 -18.25 -38.01
CA TRP A 173 12.06 -17.14 -37.27
C TRP A 173 10.87 -16.59 -38.03
N SER A 174 9.73 -16.56 -37.35
CA SER A 174 8.46 -16.16 -37.94
C SER A 174 7.61 -15.62 -36.81
N PRO A 175 6.52 -14.91 -37.12
CA PRO A 175 5.62 -14.45 -36.05
C PRO A 175 5.14 -15.58 -35.15
N GLN A 176 4.93 -16.76 -35.74
CA GLN A 176 4.38 -17.91 -35.02
C GLN A 176 5.45 -18.68 -34.24
N ASP A 177 6.69 -18.69 -34.74
CA ASP A 177 7.77 -19.47 -34.12
C ASP A 177 8.67 -18.58 -33.25
N SER A 178 8.20 -17.41 -32.86
CA SER A 178 9.05 -16.48 -32.14
C SER A 178 8.40 -16.14 -30.78
N LEU A 179 9.06 -15.21 -30.08
CA LEU A 179 8.70 -14.71 -28.75
C LEU A 179 7.57 -15.46 -28.03
N TYR A 180 7.83 -16.72 -27.67
CA TYR A 180 6.80 -17.52 -26.99
C TYR A 180 6.52 -16.96 -25.61
N GLY A 181 7.59 -16.73 -24.81
CA GLY A 181 7.42 -16.35 -23.42
C GLY A 181 6.78 -14.99 -23.21
N SER A 182 7.03 -14.04 -24.11
CA SER A 182 6.53 -12.67 -23.94
C SER A 182 5.16 -12.46 -24.60
N ARG A 183 4.87 -13.18 -25.69
CA ARG A 183 3.51 -13.18 -26.20
C ARG A 183 2.52 -13.69 -25.16
N HIS A 184 2.90 -14.72 -24.41
CA HIS A 184 2.02 -15.23 -23.36
C HIS A 184 1.99 -14.27 -22.17
N LEU A 185 3.13 -13.71 -21.80
CA LEU A 185 3.16 -12.98 -20.56
C LEU A 185 2.54 -11.61 -20.72
N ALA A 186 2.58 -11.06 -21.92
CA ALA A 186 1.81 -9.86 -22.17
C ALA A 186 0.33 -10.12 -21.98
N ALA A 187 -0.21 -11.14 -22.66
CA ALA A 187 -1.64 -11.45 -22.56
C ALA A 187 -2.03 -11.79 -21.13
N LYS A 188 -1.25 -12.64 -20.47
CA LYS A 188 -1.46 -12.92 -19.06
C LYS A 188 -1.50 -11.62 -18.26
N MET A 189 -0.58 -10.70 -18.54
CA MET A 189 -0.60 -9.44 -17.82
C MET A 189 -1.79 -8.58 -18.22
N ALA A 190 -2.21 -8.64 -19.49
CA ALA A 190 -3.39 -7.87 -19.88
C ALA A 190 -4.64 -8.40 -19.25
N SER A 191 -4.60 -9.64 -18.71
CA SER A 191 -5.72 -10.28 -18.06
CA SER A 191 -5.73 -10.26 -18.05
C SER A 191 -5.63 -10.30 -16.54
N THR A 192 -4.46 -10.10 -15.96
CA THR A 192 -4.33 -10.17 -14.50
C THR A 192 -4.77 -8.86 -13.86
N PRO A 193 -5.75 -8.87 -12.95
CA PRO A 193 -6.20 -7.63 -12.29
C PRO A 193 -5.11 -7.05 -11.39
N HIS A 194 -4.69 -5.81 -11.68
CA HIS A 194 -3.69 -5.13 -10.86
C HIS A 194 -4.14 -3.71 -10.50
N PRO A 195 -4.17 -3.32 -9.22
CA PRO A 195 -3.76 -4.03 -8.00
C PRO A 195 -4.88 -4.96 -7.53
N PRO A 196 -4.69 -5.67 -6.41
CA PRO A 196 -5.75 -6.55 -5.91
C PRO A 196 -7.14 -5.92 -5.80
N GLY A 197 -7.22 -4.59 -5.79
CA GLY A 197 -8.53 -3.96 -5.82
C GLY A 197 -9.33 -4.39 -7.04
N ALA A 198 -8.66 -4.45 -8.21
CA ALA A 198 -9.24 -4.91 -9.47
C ALA A 198 -10.35 -3.97 -9.96
N ARG A 199 -10.09 -2.67 -9.91
CA ARG A 199 -11.02 -1.67 -10.46
C ARG A 199 -10.58 -1.29 -11.88
N GLY A 200 -10.67 -2.29 -12.77
CA GLY A 200 -10.61 -2.04 -14.20
C GLY A 200 -9.24 -1.76 -14.76
N THR A 201 -8.18 -2.08 -14.00
CA THR A 201 -6.79 -1.95 -14.41
C THR A 201 -6.11 -3.30 -14.45
N SER A 202 -5.10 -3.43 -15.31
CA SER A 202 -4.40 -4.67 -15.60
C SER A 202 -2.95 -4.58 -15.15
N GLN A 203 -2.25 -5.73 -15.13
CA GLN A 203 -0.81 -5.71 -14.84
C GLN A 203 -0.03 -5.02 -15.95
N LEU A 204 -0.55 -5.07 -17.17
CA LEU A 204 0.02 -4.27 -18.25
C LEU A 204 -0.13 -2.79 -17.97
N HIS A 205 -1.27 -2.37 -17.43
CA HIS A 205 -1.43 -0.94 -17.14
C HIS A 205 -0.43 -0.50 -16.08
N GLY A 206 -0.03 -1.42 -15.19
CA GLY A 206 0.95 -1.10 -14.18
C GLY A 206 2.39 -1.06 -14.66
N MET A 207 2.63 -1.28 -15.95
CA MET A 207 3.98 -1.14 -16.48
C MET A 207 4.24 0.34 -16.79
N ASP A 208 5.24 0.93 -16.12
CA ASP A 208 5.63 2.30 -16.45
C ASP A 208 6.42 2.34 -17.75
N LEU A 209 7.42 1.47 -17.87
CA LEU A 209 8.36 1.50 -18.97
C LEU A 209 9.03 0.15 -19.07
N LEU A 210 9.09 -0.41 -20.26
CA LEU A 210 9.78 -1.69 -20.47
C LEU A 210 11.17 -1.38 -21.01
N VAL A 211 12.18 -1.54 -20.16
CA VAL A 211 13.56 -1.37 -20.58
C VAL A 211 14.11 -2.75 -20.92
N LEU A 212 14.11 -3.08 -22.20
CA LEU A 212 14.52 -4.40 -22.67
C LEU A 212 15.98 -4.36 -23.10
N LEU A 213 16.84 -5.02 -22.33
CA LEU A 213 18.24 -5.22 -22.67
C LEU A 213 18.41 -6.42 -23.61
N ASP A 214 19.24 -6.25 -24.64
CA ASP A 214 19.55 -7.38 -25.48
C ASP A 214 20.85 -7.13 -26.25
N LEU A 215 21.67 -8.17 -26.35
CA LEU A 215 22.83 -8.19 -27.23
C LEU A 215 23.79 -7.05 -26.87
N ILE A 216 24.22 -7.02 -25.61
CA ILE A 216 24.89 -5.83 -25.06
C ILE A 216 26.41 -5.97 -24.93
N GLY A 217 26.89 -7.18 -24.66
CA GLY A 217 28.29 -7.37 -24.28
C GLY A 217 29.35 -6.94 -25.29
N ALA A 218 29.00 -6.68 -26.55
CA ALA A 218 30.05 -6.47 -27.55
C ALA A 218 30.71 -5.10 -27.40
N PRO A 219 31.98 -4.99 -27.79
CA PRO A 219 32.65 -3.69 -27.70
C PRO A 219 32.17 -2.71 -28.76
N ASN A 220 32.05 -1.45 -28.34
CA ASN A 220 31.66 -0.31 -29.16
C ASN A 220 30.21 -0.43 -29.67
N PRO A 221 29.21 -0.52 -28.79
CA PRO A 221 27.84 -0.51 -29.28
C PRO A 221 27.27 0.90 -29.38
N THR A 222 26.51 1.13 -30.44
CA THR A 222 25.70 2.35 -30.57
C THR A 222 24.22 1.97 -30.58
N PHE A 223 23.45 2.51 -29.61
CA PHE A 223 22.03 2.21 -29.45
C PHE A 223 21.18 3.30 -30.11
N PRO A 224 20.36 3.00 -31.11
CA PRO A 224 19.45 4.02 -31.64
C PRO A 224 18.26 4.28 -30.72
N ASN A 225 17.68 5.46 -30.90
CA ASN A 225 16.44 5.84 -30.21
C ASN A 225 15.29 5.34 -31.06
N PHE A 226 14.62 4.28 -30.62
CA PHE A 226 13.61 3.68 -31.48
C PHE A 226 12.30 4.45 -31.43
N PHE A 227 11.84 4.87 -30.24
CA PHE A 227 10.47 5.32 -30.12
C PHE A 227 10.34 6.72 -29.54
N PRO A 228 9.59 7.60 -30.22
CA PRO A 228 9.33 8.94 -29.68
C PRO A 228 8.94 8.99 -28.22
N ASN A 229 8.02 8.10 -27.78
CA ASN A 229 7.42 8.17 -26.45
C ASN A 229 8.37 7.75 -25.33
N SER A 230 9.52 7.14 -25.67
CA SER A 230 10.61 6.94 -24.73
C SER A 230 11.81 7.88 -24.98
N ALA A 231 11.68 8.86 -25.88
CA ALA A 231 12.82 9.69 -26.28
C ALA A 231 13.53 10.31 -25.07
N ARG A 232 12.77 10.96 -24.18
CA ARG A 232 13.34 11.67 -23.03
C ARG A 232 14.15 10.76 -22.13
N TRP A 233 13.75 9.49 -22.00
CA TRP A 233 14.53 8.56 -21.21
C TRP A 233 15.77 8.10 -21.95
N PHE A 234 15.73 8.11 -23.26
CA PHE A 234 16.94 7.84 -24.01
C PHE A 234 17.93 8.99 -23.80
N GLU A 235 17.41 10.22 -23.75
CA GLU A 235 18.24 11.40 -23.50
C GLU A 235 18.77 11.43 -22.07
N ARG A 236 18.04 10.89 -21.10
CA ARG A 236 18.61 10.73 -19.77
C ARG A 236 19.75 9.73 -19.79
N LEU A 237 19.70 8.76 -20.71
CA LEU A 237 20.80 7.80 -20.85
C LEU A 237 22.03 8.50 -21.42
N GLN A 238 21.83 9.38 -22.39
CA GLN A 238 22.93 10.21 -22.87
C GLN A 238 23.51 11.05 -21.73
N ALA A 239 22.65 11.80 -21.04
CA ALA A 239 23.13 12.63 -19.95
C ALA A 239 23.85 11.82 -18.87
N ILE A 240 23.40 10.59 -18.62
CA ILE A 240 24.04 9.76 -17.60
C ILE A 240 25.40 9.30 -18.08
N GLU A 241 25.52 8.93 -19.35
CA GLU A 241 26.80 8.55 -19.92
C GLU A 241 27.78 9.72 -20.00
N HIS A 242 27.26 10.93 -20.22
CA HIS A 242 28.09 12.13 -20.32
C HIS A 242 28.73 12.44 -19.00
N GLU A 243 27.92 12.41 -17.93
CA GLU A 243 28.18 12.91 -16.61
C GLU A 243 28.92 11.86 -15.80
N LEU A 244 28.87 10.57 -16.18
CA LEU A 244 29.83 9.54 -15.72
C LEU A 244 31.24 9.72 -16.36
N HIS A 245 31.30 9.99 -17.67
CA HIS A 245 32.58 10.22 -18.34
C HIS A 245 33.23 11.47 -17.81
N GLU A 246 32.47 12.57 -17.75
CA GLU A 246 33.02 13.84 -17.31
C GLU A 246 33.61 13.76 -15.91
N LEU A 247 33.07 12.91 -15.05
CA LEU A 247 33.68 12.68 -13.75
C LEU A 247 34.74 11.59 -13.78
N GLY A 248 34.99 11.00 -14.95
CA GLY A 248 35.96 9.94 -15.03
C GLY A 248 35.54 8.68 -14.32
N LEU A 249 34.28 8.26 -14.55
CA LEU A 249 33.72 7.03 -13.97
C LEU A 249 33.52 5.95 -15.01
N LEU A 250 33.75 6.24 -16.29
CA LEU A 250 33.69 5.26 -17.36
C LEU A 250 35.10 4.82 -17.75
N LYS A 251 35.24 3.54 -18.12
CA LYS A 251 36.53 2.99 -18.51
C LYS A 251 36.62 2.82 -20.02
N ASP A 252 37.78 3.20 -20.58
CA ASP A 252 38.06 3.15 -22.01
C ASP A 252 36.90 3.73 -22.82
N HIS A 253 36.35 4.81 -22.32
CA HIS A 253 35.20 5.48 -22.91
C HIS A 253 35.64 6.78 -23.53
N SER A 254 35.18 7.03 -24.75
CA SER A 254 35.45 8.26 -25.47
C SER A 254 34.15 8.94 -25.86
N LEU A 255 34.13 10.27 -25.78
CA LEU A 255 32.92 11.04 -26.06
C LEU A 255 32.61 11.13 -27.55
N GLU A 256 33.51 10.70 -28.42
CA GLU A 256 33.22 10.62 -29.84
C GLU A 256 32.68 9.27 -30.27
N GLY A 257 33.00 8.19 -29.56
CA GLY A 257 32.37 6.91 -29.82
C GLY A 257 31.47 6.48 -28.67
N ARG A 258 30.32 7.11 -28.55
CA ARG A 258 29.47 6.88 -27.40
C ARG A 258 28.48 5.75 -27.68
N TYR A 259 27.84 5.29 -26.63
CA TYR A 259 26.83 4.24 -26.78
C TYR A 259 25.49 4.82 -27.21
N PHE A 260 25.02 5.85 -26.51
CA PHE A 260 23.70 6.41 -26.75
C PHE A 260 23.83 7.67 -27.62
N GLN A 261 23.60 7.50 -28.92
CA GLN A 261 23.56 8.60 -29.86
C GLN A 261 22.12 8.84 -30.32
N ASN A 262 21.80 10.11 -30.53
CA ASN A 262 20.42 10.56 -30.71
C ASN A 262 19.69 9.90 -31.88
N TYR A 263 20.42 9.40 -32.88
CA TYR A 263 19.80 9.11 -34.17
C TYR A 263 18.63 8.14 -34.05
N SER A 264 17.65 8.33 -34.94
CA SER A 264 16.43 7.53 -34.97
C SER A 264 16.67 6.23 -35.76
N TYR A 265 15.71 5.30 -35.61
CA TYR A 265 15.70 4.04 -36.34
C TYR A 265 14.41 3.93 -37.16
N GLY A 266 14.53 3.54 -38.42
CA GLY A 266 13.41 3.58 -39.34
C GLY A 266 12.57 2.32 -39.44
N GLY A 267 13.24 1.18 -39.52
CA GLY A 267 12.53 -0.09 -39.56
C GLY A 267 12.12 -0.51 -38.16
N VAL A 268 11.74 -1.77 -38.04
CA VAL A 268 11.36 -2.36 -36.76
C VAL A 268 12.11 -3.67 -36.57
N ILE A 269 12.58 -3.90 -35.34
CA ILE A 269 13.20 -5.17 -34.96
C ILE A 269 12.22 -5.94 -34.07
N GLN A 270 12.03 -7.22 -34.37
CA GLN A 270 11.14 -8.04 -33.55
C GLN A 270 11.88 -8.52 -32.30
N ASP A 271 11.37 -8.18 -31.12
CA ASP A 271 11.94 -8.67 -29.87
C ASP A 271 10.83 -8.80 -28.82
N ASP A 272 11.21 -9.30 -27.64
CA ASP A 272 10.26 -9.53 -26.53
C ASP A 272 9.45 -8.29 -26.17
N HIS A 273 9.88 -7.12 -26.61
CA HIS A 273 9.11 -5.90 -26.39
C HIS A 273 7.91 -5.82 -27.30
N ILE A 274 7.97 -6.51 -28.45
CA ILE A 274 6.96 -6.31 -29.49
C ILE A 274 5.57 -6.69 -28.99
N PRO A 275 5.35 -7.80 -28.30
CA PRO A 275 4.01 -8.07 -27.78
C PRO A 275 3.54 -7.04 -26.77
N PHE A 276 4.44 -6.36 -26.06
CA PHE A 276 3.93 -5.34 -25.14
C PHE A 276 3.77 -4.01 -25.83
N LEU A 277 4.64 -3.68 -26.78
CA LEU A 277 4.47 -2.46 -27.55
C LEU A 277 3.12 -2.45 -28.25
N ARG A 278 2.63 -3.62 -28.65
CA ARG A 278 1.36 -3.62 -29.36
C ARG A 278 0.18 -3.34 -28.46
N ARG A 279 0.39 -3.21 -27.15
CA ARG A 279 -0.70 -2.94 -26.20
C ARG A 279 -0.54 -1.62 -25.48
N GLY A 280 0.24 -0.71 -26.04
CA GLY A 280 0.52 0.60 -25.46
C GLY A 280 1.41 0.63 -24.25
N VAL A 281 2.42 -0.24 -24.18
CA VAL A 281 3.47 -0.10 -23.17
C VAL A 281 4.61 0.79 -23.69
N PRO A 282 5.00 1.85 -22.96
CA PRO A 282 6.21 2.60 -23.35
C PRO A 282 7.45 1.73 -23.22
N VAL A 283 8.14 1.51 -24.33
CA VAL A 283 9.28 0.61 -24.42
C VAL A 283 10.55 1.45 -24.53
N LEU A 284 11.60 1.05 -23.80
CA LEU A 284 12.98 1.54 -24.03
C LEU A 284 13.86 0.37 -24.46
N HIS A 285 14.06 0.17 -25.76
CA HIS A 285 14.66 -1.06 -26.27
C HIS A 285 16.16 -0.92 -26.41
N LEU A 286 16.90 -1.33 -25.37
CA LEU A 286 18.36 -1.21 -25.31
C LEU A 286 19.07 -2.31 -26.10
N ILE A 287 18.79 -2.32 -27.41
CA ILE A 287 19.49 -3.22 -28.34
C ILE A 287 20.35 -2.38 -29.28
N PRO A 288 21.58 -2.77 -29.57
CA PRO A 288 22.42 -1.98 -30.48
C PRO A 288 22.10 -2.27 -31.95
N SER A 289 22.28 -1.25 -32.78
CA SER A 289 22.23 -1.42 -34.23
C SER A 289 23.43 -0.66 -34.78
N PRO A 290 24.38 -1.35 -35.45
CA PRO A 290 24.20 -2.75 -35.89
C PRO A 290 24.31 -3.78 -34.78
N PHE A 291 23.87 -5.00 -35.06
CA PHE A 291 23.98 -6.08 -34.10
C PHE A 291 25.44 -6.48 -33.93
N PRO A 292 25.78 -7.07 -32.80
CA PRO A 292 27.11 -7.68 -32.64
C PRO A 292 27.45 -8.62 -33.78
N GLU A 293 28.70 -8.55 -34.24
CA GLU A 293 29.16 -9.42 -35.33
C GLU A 293 29.10 -10.91 -34.95
N VAL A 294 29.13 -11.22 -33.66
CA VAL A 294 29.03 -12.62 -33.22
C VAL A 294 27.60 -13.14 -33.20
N TRP A 295 26.61 -12.25 -33.35
CA TRP A 295 25.19 -12.57 -33.18
C TRP A 295 24.86 -13.87 -33.90
N HIS A 296 24.28 -14.81 -33.14
CA HIS A 296 23.80 -16.08 -33.68
C HIS A 296 24.88 -16.89 -34.40
N THR A 297 26.10 -16.84 -33.88
CA THR A 297 27.19 -17.71 -34.27
C THR A 297 27.87 -18.16 -32.98
N MET A 298 28.48 -19.34 -32.99
CA MET A 298 29.05 -19.84 -31.75
C MET A 298 30.31 -19.10 -31.34
N ASP A 299 30.82 -18.17 -32.16
CA ASP A 299 31.83 -17.24 -31.68
C ASP A 299 31.26 -16.30 -30.62
N ASP A 300 29.94 -16.19 -30.52
CA ASP A 300 29.31 -15.47 -29.42
C ASP A 300 29.66 -16.12 -28.10
N ASN A 301 30.67 -15.59 -27.41
CA ASN A 301 31.22 -16.26 -26.25
C ASN A 301 31.90 -15.23 -25.36
N GLU A 302 32.37 -15.71 -24.22
CA GLU A 302 33.04 -14.86 -23.24
C GLU A 302 34.29 -14.20 -23.81
N GLU A 303 35.03 -14.91 -24.68
CA GLU A 303 36.30 -14.34 -25.15
C GLU A 303 36.08 -13.11 -26.01
N ASN A 304 34.91 -13.00 -26.64
CA ASN A 304 34.59 -11.86 -27.49
C ASN A 304 33.69 -10.84 -26.80
N LEU A 305 33.66 -10.84 -25.46
CA LEU A 305 33.00 -9.83 -24.65
C LEU A 305 34.01 -8.75 -24.20
N ASP A 306 33.51 -7.54 -23.96
CA ASP A 306 34.34 -6.44 -23.47
C ASP A 306 33.94 -6.13 -22.03
N GLU A 307 34.72 -6.65 -21.08
CA GLU A 307 34.46 -6.43 -19.66
C GLU A 307 34.30 -4.95 -19.32
N SER A 308 35.02 -4.07 -20.02
CA SER A 308 34.97 -2.66 -19.66
C SER A 308 33.71 -1.98 -20.21
N THR A 309 33.31 -2.32 -21.44
CA THR A 309 32.04 -1.83 -21.97
C THR A 309 30.86 -2.24 -21.09
N ILE A 310 30.83 -3.50 -20.65
CA ILE A 310 29.72 -3.98 -19.81
C ILE A 310 29.65 -3.20 -18.51
N ASP A 311 30.79 -2.95 -17.88
CA ASP A 311 30.80 -2.22 -16.61
C ASP A 311 30.30 -0.80 -16.79
N ASN A 312 30.70 -0.13 -17.87
CA ASN A 312 30.20 1.21 -18.12
C ASN A 312 28.69 1.19 -18.22
N LEU A 313 28.15 0.20 -18.94
CA LEU A 313 26.70 0.11 -19.11
C LEU A 313 26.01 -0.32 -17.83
N ASN A 314 26.63 -1.23 -17.05
CA ASN A 314 26.10 -1.51 -15.72
C ASN A 314 25.88 -0.22 -14.96
N LYS A 315 26.94 0.62 -14.85
CA LYS A 315 26.89 1.89 -14.14
C LYS A 315 25.81 2.81 -14.69
N ILE A 316 25.77 2.96 -16.02
CA ILE A 316 24.78 3.84 -16.64
C ILE A 316 23.37 3.37 -16.31
N LEU A 317 23.10 2.06 -16.45
CA LEU A 317 21.76 1.59 -16.18
C LEU A 317 21.40 1.72 -14.70
N GLN A 318 22.33 1.41 -13.80
CA GLN A 318 22.02 1.47 -12.39
C GLN A 318 21.66 2.87 -11.94
N VAL A 319 22.25 3.89 -12.56
CA VAL A 319 21.89 5.26 -12.24
C VAL A 319 20.52 5.61 -12.79
N PHE A 320 20.21 5.12 -14.00
CA PHE A 320 18.91 5.41 -14.60
C PHE A 320 17.78 4.98 -13.68
N VAL A 321 17.85 3.76 -13.15
CA VAL A 321 16.74 3.29 -12.33
C VAL A 321 16.81 3.91 -10.93
N LEU A 322 18.01 4.26 -10.46
CA LEU A 322 18.09 5.03 -9.23
C LEU A 322 17.60 6.46 -9.42
N GLU A 323 17.64 6.98 -10.64
CA GLU A 323 17.00 8.25 -10.92
C GLU A 323 15.51 8.07 -11.16
N TYR A 324 15.14 7.10 -12.00
CA TYR A 324 13.73 6.79 -12.24
C TYR A 324 12.95 6.59 -10.95
N LEU A 325 13.47 5.76 -10.05
CA LEU A 325 12.77 5.41 -8.82
C LEU A 325 12.88 6.46 -7.71
N HIS A 326 13.44 7.64 -8.01
CA HIS A 326 13.61 8.71 -7.02
C HIS A 326 14.41 8.25 -5.81
N LEU A 327 15.38 7.36 -6.03
CA LEU A 327 16.26 6.89 -4.95
C LEU A 327 17.67 7.46 -5.06
N ALA B 1 -0.08 -41.81 -23.61
CA ALA B 1 -1.15 -42.82 -23.59
C ALA B 1 -2.20 -42.48 -22.54
N TRP B 2 -1.75 -41.79 -21.50
CA TRP B 2 -2.57 -41.40 -20.36
C TRP B 2 -3.63 -40.30 -20.56
N PRO B 3 -3.57 -39.46 -21.60
CA PRO B 3 -4.70 -38.52 -21.83
C PRO B 3 -6.00 -39.20 -22.19
N GLU B 4 -5.94 -40.36 -22.86
CA GLU B 4 -7.04 -41.18 -23.34
C GLU B 4 -7.43 -42.33 -22.46
N GLU B 5 -6.77 -42.59 -21.31
CA GLU B 5 -7.28 -43.52 -20.28
C GLU B 5 -8.74 -43.25 -19.89
N LYS B 6 -9.16 -41.97 -19.92
CA LYS B 6 -10.53 -41.58 -19.59
C LYS B 6 -11.55 -42.44 -20.35
N ASN B 7 -11.24 -42.81 -21.60
CA ASN B 7 -12.14 -43.53 -22.49
C ASN B 7 -12.37 -44.97 -22.07
N TYR B 8 -11.45 -45.52 -21.27
CA TYR B 8 -11.44 -46.92 -20.94
C TYR B 8 -11.68 -47.16 -19.46
N HIS B 9 -11.56 -46.13 -18.63
CA HIS B 9 -11.81 -46.24 -17.21
C HIS B 9 -13.15 -46.93 -16.94
N GLN B 10 -13.15 -47.82 -15.95
CA GLN B 10 -14.33 -48.49 -15.43
C GLN B 10 -14.49 -48.12 -13.96
N PRO B 11 -15.71 -47.94 -13.48
CA PRO B 11 -15.90 -47.69 -12.06
C PRO B 11 -15.67 -48.98 -11.28
N ALA B 12 -15.67 -48.83 -9.95
CA ALA B 12 -15.73 -49.96 -9.03
C ALA B 12 -16.99 -49.80 -8.21
N ILE B 13 -17.99 -50.63 -8.49
CA ILE B 13 -19.32 -50.49 -7.94
C ILE B 13 -19.31 -51.00 -6.51
N LEU B 14 -19.89 -50.22 -5.60
CA LEU B 14 -19.93 -50.56 -4.19
C LEU B 14 -21.05 -51.57 -3.91
N ASN B 15 -20.88 -52.37 -2.86
CA ASN B 15 -21.92 -53.31 -2.43
C ASN B 15 -22.99 -52.57 -1.64
N SER B 16 -24.07 -53.31 -1.32
CA SER B 16 -25.29 -52.71 -0.76
C SER B 16 -25.08 -52.19 0.65
N SER B 17 -24.23 -52.86 1.43
CA SER B 17 -23.89 -52.33 2.75
C SER B 17 -23.12 -51.00 2.62
N ALA B 18 -22.17 -50.93 1.68
CA ALA B 18 -21.49 -49.67 1.39
C ALA B 18 -22.46 -48.60 0.96
N LEU B 19 -23.42 -48.95 0.09
CA LEU B 19 -24.44 -47.97 -0.31
C LEU B 19 -25.31 -47.59 0.86
N ARG B 20 -25.39 -48.47 1.86
CA ARG B 20 -26.15 -48.03 3.03
C ARG B 20 -25.35 -47.12 3.96
N GLN B 21 -24.01 -47.22 3.96
CA GLN B 21 -23.19 -46.29 4.74
C GLN B 21 -23.15 -44.90 4.11
N ILE B 22 -23.17 -44.82 2.77
CA ILE B 22 -23.13 -43.47 2.18
C ILE B 22 -24.48 -42.72 2.29
N ALA B 23 -25.66 -43.38 2.28
CA ALA B 23 -26.86 -42.55 2.45
C ALA B 23 -27.12 -42.18 3.91
N GLU B 24 -26.52 -42.89 4.87
CA GLU B 24 -26.57 -42.38 6.23
C GLU B 24 -25.47 -41.34 6.50
N GLY B 25 -24.36 -41.37 5.75
CA GLY B 25 -23.21 -40.48 5.91
C GLY B 25 -23.34 -39.06 5.39
N THR B 26 -24.50 -38.68 4.84
CA THR B 26 -24.79 -37.32 4.39
C THR B 26 -26.07 -36.88 5.06
N SER B 27 -26.18 -35.59 5.33
CA SER B 27 -27.34 -35.04 6.04
C SER B 27 -27.70 -33.72 5.38
N ILE B 28 -28.90 -33.68 4.79
CA ILE B 28 -29.39 -32.47 4.13
C ILE B 28 -29.50 -31.32 5.12
N SER B 29 -29.71 -31.63 6.40
CA SER B 29 -29.90 -30.58 7.39
C SER B 29 -28.63 -29.75 7.57
N GLU B 30 -27.49 -30.41 7.79
CA GLU B 30 -26.21 -29.72 7.91
C GLU B 30 -25.89 -28.91 6.65
N MET B 31 -26.05 -29.53 5.48
CA MET B 31 -25.89 -28.81 4.22
C MET B 31 -26.85 -27.63 4.16
N TRP B 32 -28.11 -27.86 4.55
CA TRP B 32 -29.10 -26.78 4.55
C TRP B 32 -28.67 -25.65 5.48
N GLN B 33 -28.18 -25.98 6.67
CA GLN B 33 -27.88 -24.99 7.71
C GLN B 33 -26.51 -24.36 7.52
N ASN B 34 -25.48 -25.18 7.38
CA ASN B 34 -24.10 -24.70 7.39
C ASN B 34 -23.59 -24.35 6.00
N ASP B 35 -24.11 -24.98 4.95
CA ASP B 35 -23.62 -24.79 3.58
C ASP B 35 -24.59 -24.07 2.66
N LEU B 36 -25.90 -24.29 2.80
CA LEU B 36 -26.79 -23.73 1.79
C LEU B 36 -27.25 -22.31 2.10
N GLN B 37 -27.71 -22.04 3.32
CA GLN B 37 -28.29 -20.73 3.58
C GLN B 37 -27.26 -19.59 3.51
N PRO B 38 -26.01 -19.76 3.95
CA PRO B 38 -25.05 -18.66 3.85
C PRO B 38 -24.77 -18.23 2.43
N LEU B 39 -25.02 -19.08 1.44
CA LEU B 39 -24.82 -18.77 0.03
C LEU B 39 -26.08 -18.19 -0.61
N LEU B 40 -27.14 -17.98 0.17
CA LEU B 40 -28.40 -17.42 -0.33
C LEU B 40 -28.38 -15.88 -0.25
N ILE B 41 -27.45 -15.28 -0.99
CA ILE B 41 -27.26 -13.84 -0.98
C ILE B 41 -27.10 -13.32 -2.40
N GLU B 42 -27.34 -12.02 -2.55
CA GLU B 42 -26.98 -11.32 -3.77
C GLU B 42 -25.48 -11.49 -3.99
N ARG B 43 -25.09 -12.14 -5.08
CA ARG B 43 -23.66 -12.37 -5.25
C ARG B 43 -23.26 -12.35 -6.74
N TYR B 44 -23.42 -11.22 -7.34
CA TYR B 44 -22.92 -11.10 -8.70
C TYR B 44 -21.45 -10.69 -8.65
N PRO B 45 -20.68 -10.95 -9.72
CA PRO B 45 -19.23 -10.69 -9.67
C PRO B 45 -18.88 -9.28 -9.19
N GLY B 46 -17.82 -9.21 -8.38
CA GLY B 46 -17.28 -7.97 -7.84
C GLY B 46 -18.16 -7.28 -6.83
N SER B 47 -19.18 -7.97 -6.30
CA SER B 47 -20.10 -7.50 -5.29
C SER B 47 -19.72 -8.04 -3.91
N PRO B 48 -20.28 -7.48 -2.83
CA PRO B 48 -19.97 -8.02 -1.49
C PRO B 48 -20.38 -9.47 -1.29
N GLY B 49 -21.51 -9.89 -1.86
CA GLY B 49 -21.92 -11.29 -1.75
C GLY B 49 -20.93 -12.23 -2.42
N SER B 50 -20.29 -11.78 -3.49
CA SER B 50 -19.28 -12.60 -4.16
C SER B 50 -18.10 -12.88 -3.24
N TYR B 51 -17.72 -11.90 -2.41
CA TYR B 51 -16.67 -12.16 -1.43
C TYR B 51 -17.14 -13.15 -0.37
N ALA B 52 -18.32 -12.89 0.22
CA ALA B 52 -18.85 -13.79 1.25
C ALA B 52 -18.99 -15.20 0.73
N ALA B 53 -19.44 -15.34 -0.52
CA ALA B 53 -19.53 -16.66 -1.12
C ALA B 53 -18.15 -17.30 -1.24
N ARG B 54 -17.17 -16.54 -1.73
CA ARG B 54 -15.87 -17.11 -2.06
C ARG B 54 -15.11 -17.61 -0.84
N GLN B 55 -15.21 -16.92 0.30
CA GLN B 55 -14.46 -17.42 1.44
C GLN B 55 -15.27 -18.38 2.28
N HIS B 56 -16.61 -18.32 2.21
CA HIS B 56 -17.41 -19.38 2.78
C HIS B 56 -16.99 -20.73 2.21
N ILE B 57 -16.94 -20.84 0.88
CA ILE B 57 -16.57 -22.08 0.21
C ILE B 57 -15.22 -22.57 0.71
N MET B 58 -14.20 -21.71 0.63
CA MET B 58 -12.85 -22.10 0.98
C MET B 58 -12.76 -22.55 2.43
N GLN B 59 -13.46 -21.84 3.33
CA GLN B 59 -13.49 -22.23 4.73
C GLN B 59 -13.97 -23.66 4.90
N ARG B 60 -15.13 -23.99 4.32
CA ARG B 60 -15.69 -25.33 4.46
C ARG B 60 -14.75 -26.40 3.92
N ILE B 61 -14.03 -26.10 2.83
CA ILE B 61 -13.11 -27.06 2.24
C ILE B 61 -11.87 -27.24 3.11
N GLN B 62 -11.46 -26.20 3.84
CA GLN B 62 -10.31 -26.27 4.74
C GLN B 62 -10.70 -26.78 6.12
N ARG B 63 -12.00 -26.80 6.43
CA ARG B 63 -12.51 -27.52 7.60
C ARG B 63 -12.25 -29.03 7.47
N LEU B 64 -12.34 -29.57 6.26
CA LEU B 64 -12.25 -30.99 6.05
C LEU B 64 -10.85 -31.51 6.36
N GLN B 65 -10.75 -32.82 6.55
CA GLN B 65 -9.48 -33.47 6.85
C GLN B 65 -8.74 -33.91 5.59
N ALA B 66 -9.44 -34.13 4.48
CA ALA B 66 -8.75 -34.37 3.22
C ALA B 66 -8.00 -33.11 2.80
N ASP B 67 -6.79 -33.30 2.31
CA ASP B 67 -5.83 -32.23 2.05
C ASP B 67 -6.14 -31.58 0.69
N TRP B 68 -7.16 -30.73 0.68
CA TRP B 68 -7.53 -29.96 -0.50
C TRP B 68 -6.55 -28.83 -0.79
N VAL B 69 -6.06 -28.79 -2.03
CA VAL B 69 -5.26 -27.67 -2.52
C VAL B 69 -6.21 -26.72 -3.24
N LEU B 70 -6.51 -25.59 -2.61
CA LEU B 70 -7.33 -24.54 -3.21
C LEU B 70 -6.51 -23.63 -4.12
N GLU B 71 -7.17 -23.12 -5.17
CA GLU B 71 -6.58 -22.12 -6.05
C GLU B 71 -7.63 -21.07 -6.40
N ILE B 72 -7.27 -19.79 -6.27
CA ILE B 72 -8.14 -18.69 -6.69
C ILE B 72 -7.67 -18.22 -8.05
N ASP B 73 -8.59 -18.18 -9.01
CA ASP B 73 -8.28 -17.81 -10.38
C ASP B 73 -8.94 -16.47 -10.66
N THR B 74 -8.26 -15.40 -10.24
CA THR B 74 -8.74 -14.05 -10.48
C THR B 74 -8.20 -13.54 -11.81
N PHE B 75 -9.02 -12.74 -12.50
CA PHE B 75 -8.70 -12.36 -13.88
C PHE B 75 -9.61 -11.21 -14.31
N LEU B 76 -9.20 -10.53 -15.38
CA LEU B 76 -9.97 -9.45 -16.00
C LEU B 76 -10.53 -9.90 -17.35
N SER B 77 -11.71 -9.40 -17.68
CA SER B 77 -12.23 -9.60 -19.03
C SER B 77 -13.21 -8.50 -19.38
N GLN B 78 -13.36 -8.27 -20.69
CA GLN B 78 -14.27 -7.26 -21.19
C GLN B 78 -15.71 -7.69 -20.94
N THR B 79 -16.54 -6.74 -20.48
CA THR B 79 -17.97 -6.94 -20.25
C THR B 79 -18.77 -5.77 -20.81
N PRO B 80 -20.10 -5.88 -20.86
CA PRO B 80 -20.94 -4.72 -21.23
C PRO B 80 -20.78 -3.48 -20.36
N TYR B 81 -20.37 -3.63 -19.10
CA TYR B 81 -20.07 -2.48 -18.25
C TYR B 81 -18.60 -2.06 -18.22
N GLY B 82 -17.73 -2.76 -18.92
CA GLY B 82 -16.31 -2.50 -18.84
C GLY B 82 -15.59 -3.61 -18.10
N TYR B 83 -14.29 -3.74 -18.38
CA TYR B 83 -13.40 -4.67 -17.71
C TYR B 83 -13.78 -4.91 -16.26
N ARG B 84 -14.20 -6.12 -15.91
CA ARG B 84 -14.50 -6.46 -14.53
C ARG B 84 -13.59 -7.59 -14.06
N SER B 85 -13.58 -7.81 -12.76
CA SER B 85 -12.81 -8.89 -12.17
C SER B 85 -13.74 -10.05 -11.80
N PHE B 86 -13.27 -11.27 -12.06
CA PHE B 86 -13.97 -12.53 -11.80
C PHE B 86 -12.94 -13.39 -11.08
N SER B 87 -13.37 -14.14 -10.05
CA SER B 87 -12.45 -15.00 -9.30
C SER B 87 -13.01 -16.42 -9.19
N ASN B 88 -12.59 -17.31 -10.09
CA ASN B 88 -12.99 -18.72 -9.95
C ASN B 88 -12.30 -19.32 -8.74
N ILE B 89 -13.01 -20.19 -8.05
CA ILE B 89 -12.46 -20.96 -6.94
C ILE B 89 -12.18 -22.34 -7.45
N ILE B 90 -11.07 -22.91 -7.03
CA ILE B 90 -10.66 -24.21 -7.55
C ILE B 90 -9.97 -25.00 -6.45
N SER B 91 -10.61 -26.08 -6.01
CA SER B 91 -10.08 -26.97 -4.99
C SER B 91 -9.74 -28.31 -5.63
N THR B 92 -8.52 -28.81 -5.36
CA THR B 92 -8.02 -30.02 -5.98
C THR B 92 -7.36 -30.90 -4.91
N LEU B 93 -7.54 -32.21 -5.07
CA LEU B 93 -6.83 -33.21 -4.29
C LEU B 93 -5.82 -33.91 -5.18
N ASN B 94 -4.66 -34.19 -4.62
CA ASN B 94 -3.55 -34.77 -5.38
C ASN B 94 -3.26 -33.93 -6.64
N PRO B 95 -2.77 -32.69 -6.48
CA PRO B 95 -2.41 -31.90 -7.67
C PRO B 95 -1.35 -32.56 -8.52
N THR B 96 -0.52 -33.45 -7.96
CA THR B 96 0.44 -34.19 -8.76
C THR B 96 -0.23 -35.29 -9.60
N ALA B 97 -1.45 -35.68 -9.26
CA ALA B 97 -2.08 -36.79 -9.95
C ALA B 97 -2.43 -36.38 -11.38
N LYS B 98 -2.18 -37.30 -12.31
CA LYS B 98 -2.31 -36.99 -13.73
C LYS B 98 -3.76 -36.72 -14.13
N ARG B 99 -4.70 -37.48 -13.60
CA ARG B 99 -6.09 -37.40 -14.02
C ARG B 99 -6.94 -36.88 -12.88
N HIS B 100 -7.98 -36.12 -13.21
CA HIS B 100 -8.91 -35.70 -12.19
C HIS B 100 -10.34 -35.90 -12.68
N LEU B 101 -11.18 -36.42 -11.80
CA LEU B 101 -12.62 -36.32 -11.99
C LEU B 101 -13.05 -34.96 -11.46
N VAL B 102 -13.86 -34.25 -12.23
CA VAL B 102 -14.15 -32.86 -11.96
C VAL B 102 -15.65 -32.67 -11.80
N LEU B 103 -16.10 -32.28 -10.61
CA LEU B 103 -17.46 -31.82 -10.44
C LEU B 103 -17.43 -30.31 -10.35
N ALA B 104 -18.20 -29.63 -11.22
CA ALA B 104 -18.10 -28.18 -11.39
C ALA B 104 -19.45 -27.50 -11.28
N CYS B 105 -19.44 -26.25 -10.83
CA CYS B 105 -20.63 -25.44 -10.68
C CYS B 105 -20.20 -23.99 -10.74
N HIS B 106 -21.18 -23.11 -10.97
CA HIS B 106 -20.93 -21.69 -10.95
C HIS B 106 -21.52 -21.11 -9.68
N TYR B 107 -20.78 -20.18 -9.05
CA TYR B 107 -21.19 -19.67 -7.73
C TYR B 107 -21.72 -18.25 -7.75
N ASP B 108 -21.82 -17.60 -8.92
CA ASP B 108 -22.37 -16.25 -9.04
C ASP B 108 -23.89 -16.30 -9.23
N SER B 109 -24.56 -15.24 -8.77
CA SER B 109 -25.97 -15.00 -9.08
C SER B 109 -26.07 -13.87 -10.09
N LYS B 110 -27.27 -13.67 -10.61
CA LYS B 110 -27.50 -12.70 -11.67
C LYS B 110 -28.00 -11.38 -11.07
N TYR B 111 -27.41 -10.27 -11.52
CA TYR B 111 -27.80 -8.98 -10.98
C TYR B 111 -29.20 -8.61 -11.41
N PHE B 112 -30.03 -8.24 -10.44
CA PHE B 112 -31.37 -7.77 -10.70
C PHE B 112 -31.62 -6.49 -9.92
N SER B 113 -32.60 -5.72 -10.38
CA SER B 113 -33.00 -4.47 -9.74
C SER B 113 -33.63 -4.69 -8.36
N ASN B 116 -39.13 -5.27 -6.05
CA ASN B 116 -39.76 -4.49 -4.99
C ASN B 116 -38.83 -4.39 -3.80
N ASN B 117 -39.05 -5.27 -2.82
CA ASN B 117 -38.22 -5.38 -1.64
C ASN B 117 -37.49 -6.72 -1.60
N ARG B 118 -37.22 -7.32 -2.76
CA ARG B 118 -36.63 -8.65 -2.81
C ARG B 118 -35.47 -8.69 -3.79
N VAL B 119 -34.42 -9.44 -3.41
CA VAL B 119 -33.20 -9.56 -4.17
C VAL B 119 -33.06 -11.01 -4.66
N PHE B 120 -32.44 -11.17 -5.83
CA PHE B 120 -32.30 -12.48 -6.44
C PHE B 120 -31.11 -13.22 -5.85
N VAL B 121 -31.37 -14.37 -5.22
CA VAL B 121 -30.31 -15.20 -4.66
C VAL B 121 -30.06 -16.45 -5.47
N GLY B 122 -30.90 -16.78 -6.45
CA GLY B 122 -30.63 -17.91 -7.32
C GLY B 122 -30.42 -19.20 -6.55
N ALA B 123 -31.46 -19.65 -5.84
CA ALA B 123 -31.35 -20.88 -5.05
C ALA B 123 -30.89 -22.05 -5.89
N THR B 124 -31.49 -22.24 -7.06
CA THR B 124 -31.12 -23.38 -7.89
C THR B 124 -30.00 -23.08 -8.86
N ASP B 125 -29.89 -21.85 -9.36
CA ASP B 125 -28.89 -21.54 -10.37
C ASP B 125 -27.47 -21.81 -9.87
N SER B 126 -27.22 -21.62 -8.59
CA SER B 126 -25.88 -21.82 -8.11
C SER B 126 -25.83 -22.42 -6.72
N ALA B 127 -26.78 -22.02 -5.88
CA ALA B 127 -26.62 -22.22 -4.45
C ALA B 127 -26.68 -23.69 -4.07
N VAL B 128 -27.75 -24.39 -4.47
CA VAL B 128 -27.86 -25.81 -4.17
C VAL B 128 -26.74 -26.62 -4.83
N PRO B 129 -26.49 -26.48 -6.14
CA PRO B 129 -25.36 -27.24 -6.72
C PRO B 129 -24.01 -26.98 -6.01
N CYS B 130 -23.68 -25.74 -5.59
CA CYS B 130 -22.45 -25.54 -4.82
C CYS B 130 -22.52 -26.19 -3.44
N ALA B 131 -23.70 -26.15 -2.81
CA ALA B 131 -23.89 -26.86 -1.55
C ALA B 131 -23.76 -28.38 -1.75
N MET B 132 -24.28 -28.90 -2.86
CA MET B 132 -24.13 -30.33 -3.10
C MET B 132 -22.67 -30.71 -3.20
N MET B 133 -21.84 -29.84 -3.79
CA MET B 133 -20.43 -30.17 -3.84
C MET B 133 -19.79 -30.07 -2.47
N LEU B 134 -20.23 -29.12 -1.65
CA LEU B 134 -19.68 -28.97 -0.30
C LEU B 134 -19.99 -30.17 0.57
N GLU B 135 -21.29 -30.56 0.64
CA GLU B 135 -21.68 -31.73 1.42
C GLU B 135 -20.92 -32.98 0.98
N LEU B 136 -20.91 -33.23 -0.33
CA LEU B 136 -20.19 -34.38 -0.86
C LEU B 136 -18.77 -34.43 -0.32
N ALA B 137 -18.12 -33.24 -0.20
CA ALA B 137 -16.76 -33.20 0.28
C ALA B 137 -16.69 -33.52 1.77
N ARG B 138 -17.61 -32.96 2.55
CA ARG B 138 -17.66 -33.27 3.98
C ARG B 138 -18.01 -34.75 4.23
N ALA B 139 -18.97 -35.28 3.47
CA ALA B 139 -19.41 -36.66 3.69
C ALA B 139 -18.31 -37.67 3.33
N LEU B 140 -17.72 -37.52 2.15
CA LEU B 140 -16.73 -38.48 1.64
C LEU B 140 -15.33 -38.29 2.22
N ASP B 141 -15.18 -37.39 3.20
CA ASP B 141 -13.86 -37.00 3.69
C ASP B 141 -12.97 -38.17 4.01
N LYS B 142 -13.45 -39.08 4.88
CA LYS B 142 -12.62 -40.20 5.31
C LYS B 142 -12.17 -41.07 4.14
N LYS B 143 -12.98 -41.14 3.08
CA LYS B 143 -12.60 -41.93 1.91
C LYS B 143 -11.72 -41.12 0.97
N LEU B 144 -11.97 -39.82 0.89
CA LEU B 144 -11.02 -38.97 0.18
C LEU B 144 -9.72 -38.90 0.96
N LEU B 145 -9.80 -39.01 2.29
CA LEU B 145 -8.63 -39.12 3.16
C LEU B 145 -7.68 -40.23 2.72
N SER B 146 -8.22 -41.26 2.08
CA SER B 146 -7.38 -42.33 1.54
C SER B 146 -6.49 -41.85 0.40
N LEU B 147 -6.86 -40.77 -0.27
CA LEU B 147 -6.06 -40.26 -1.38
C LEU B 147 -4.83 -39.48 -0.92
N LYS B 148 -4.82 -39.01 0.33
CA LYS B 148 -3.65 -38.32 0.88
C LYS B 148 -2.39 -39.18 0.77
N THR B 149 -2.45 -40.42 1.24
CA THR B 149 -1.27 -41.26 1.26
C THR B 149 -0.87 -41.68 -0.15
N VAL B 150 0.42 -41.52 -0.43
CA VAL B 150 1.05 -41.85 -1.71
C VAL B 150 0.47 -43.11 -2.38
N PRO B 155 -4.51 -46.46 -11.15
CA PRO B 155 -4.52 -45.28 -12.02
C PRO B 155 -4.14 -44.03 -11.23
N ASP B 156 -3.94 -42.92 -11.92
CA ASP B 156 -3.48 -41.68 -11.33
C ASP B 156 -4.58 -40.64 -11.41
N LEU B 157 -5.67 -40.89 -10.68
CA LEU B 157 -6.93 -40.19 -10.76
C LEU B 157 -7.45 -39.82 -9.38
N SER B 158 -7.93 -38.58 -9.25
CA SER B 158 -8.40 -38.01 -7.98
C SER B 158 -9.55 -37.06 -8.30
N LEU B 159 -9.94 -36.26 -7.33
CA LEU B 159 -11.11 -35.40 -7.42
C LEU B 159 -10.68 -33.93 -7.53
N GLN B 160 -11.43 -33.16 -8.30
CA GLN B 160 -11.21 -31.72 -8.40
C GLN B 160 -12.55 -31.00 -8.42
N LEU B 161 -12.69 -29.96 -7.59
CA LEU B 161 -13.90 -29.16 -7.49
C LEU B 161 -13.67 -27.79 -8.09
N ILE B 162 -14.58 -27.36 -8.96
CA ILE B 162 -14.42 -26.06 -9.62
C ILE B 162 -15.66 -25.23 -9.40
N PHE B 163 -15.46 -24.02 -8.88
CA PHE B 163 -16.53 -23.08 -8.57
C PHE B 163 -16.39 -21.92 -9.56
N PHE B 164 -17.11 -22.05 -10.68
CA PHE B 164 -16.98 -21.05 -11.73
C PHE B 164 -17.56 -19.71 -11.29
N ASP B 165 -16.92 -18.62 -11.73
CA ASP B 165 -17.49 -17.29 -11.64
C ASP B 165 -18.12 -16.91 -12.97
N GLY B 166 -18.94 -15.87 -12.95
CA GLY B 166 -19.38 -15.23 -14.19
C GLY B 166 -19.99 -16.17 -15.22
N GLU B 167 -20.85 -17.10 -14.78
CA GLU B 167 -21.72 -17.79 -15.72
C GLU B 167 -22.73 -16.82 -16.30
N GLU B 168 -23.25 -15.92 -15.49
CA GLU B 168 -24.45 -15.19 -15.85
C GLU B 168 -24.17 -13.98 -16.74
N ALA B 169 -25.12 -13.71 -17.62
CA ALA B 169 -25.10 -12.50 -18.42
C ALA B 169 -25.21 -11.27 -17.54
N PHE B 170 -24.47 -10.22 -17.91
CA PHE B 170 -24.58 -8.89 -17.29
C PHE B 170 -25.70 -8.07 -17.93
N LEU B 171 -25.83 -8.14 -19.25
CA LEU B 171 -26.78 -7.30 -19.96
C LEU B 171 -27.73 -8.07 -20.85
N HIS B 172 -27.19 -8.92 -21.70
CA HIS B 172 -27.99 -9.61 -22.70
C HIS B 172 -27.24 -10.85 -23.09
N TRP B 173 -27.92 -12.01 -23.03
CA TRP B 173 -27.23 -13.30 -23.11
C TRP B 173 -26.69 -13.48 -24.51
N SER B 174 -25.37 -13.60 -24.61
CA SER B 174 -24.67 -13.60 -25.89
C SER B 174 -23.36 -14.34 -25.71
N PRO B 175 -22.68 -14.72 -26.81
CA PRO B 175 -21.34 -15.31 -26.67
C PRO B 175 -20.37 -14.44 -25.89
N GLN B 176 -20.44 -13.12 -26.07
CA GLN B 176 -19.47 -12.23 -25.46
C GLN B 176 -19.82 -11.92 -24.01
N ASP B 177 -21.12 -11.88 -23.69
CA ASP B 177 -21.64 -11.54 -22.37
C ASP B 177 -22.08 -12.78 -21.57
N SER B 178 -21.41 -13.92 -21.73
CA SER B 178 -21.90 -15.16 -21.13
C SER B 178 -20.97 -15.72 -20.05
N LEU B 179 -20.33 -16.85 -20.37
CA LEU B 179 -19.54 -17.64 -19.41
C LEU B 179 -18.10 -17.12 -19.26
N TYR B 180 -17.95 -15.97 -18.57
CA TYR B 180 -16.63 -15.31 -18.48
C TYR B 180 -15.61 -16.21 -17.77
N GLY B 181 -15.99 -16.73 -16.60
CA GLY B 181 -15.06 -17.49 -15.78
C GLY B 181 -14.63 -18.80 -16.41
N SER B 182 -15.51 -19.45 -17.18
CA SER B 182 -15.21 -20.72 -17.81
C SER B 182 -14.64 -20.53 -19.21
N ARG B 183 -15.03 -19.48 -19.92
CA ARG B 183 -14.29 -19.09 -21.12
C ARG B 183 -12.82 -18.81 -20.78
N HIS B 184 -12.57 -18.18 -19.64
CA HIS B 184 -11.19 -17.93 -19.22
C HIS B 184 -10.52 -19.21 -18.74
N LEU B 185 -11.28 -20.07 -18.02
CA LEU B 185 -10.68 -21.24 -17.38
C LEU B 185 -10.37 -22.37 -18.34
N ALA B 186 -11.11 -22.47 -19.43
CA ALA B 186 -10.70 -23.41 -20.49
C ALA B 186 -9.33 -23.00 -21.06
N ALA B 187 -9.20 -21.74 -21.48
CA ALA B 187 -7.96 -21.30 -22.15
C ALA B 187 -6.74 -21.44 -21.24
N LYS B 188 -6.82 -20.94 -20.01
CA LYS B 188 -5.72 -21.11 -19.06
C LYS B 188 -5.34 -22.59 -18.87
N MET B 189 -6.35 -23.47 -18.70
CA MET B 189 -6.06 -24.88 -18.45
C MET B 189 -5.47 -25.56 -19.66
N ALA B 190 -5.93 -25.20 -20.86
CA ALA B 190 -5.32 -25.80 -22.04
C ALA B 190 -3.91 -25.27 -22.31
N SER B 191 -3.47 -24.22 -21.61
CA SER B 191 -2.12 -23.68 -21.74
C SER B 191 -1.27 -23.92 -20.50
N THR B 192 -1.78 -24.61 -19.49
CA THR B 192 -1.01 -24.91 -18.31
C THR B 192 -0.46 -26.33 -18.41
N PRO B 193 0.86 -26.53 -18.36
CA PRO B 193 1.41 -27.89 -18.49
C PRO B 193 1.03 -28.78 -17.31
N HIS B 194 0.35 -29.88 -17.59
CA HIS B 194 -0.01 -30.86 -16.56
C HIS B 194 0.43 -32.24 -17.01
N PRO B 195 1.15 -32.99 -16.20
CA PRO B 195 1.57 -32.74 -14.82
C PRO B 195 2.86 -31.87 -14.77
N PRO B 196 3.41 -31.62 -13.55
CA PRO B 196 4.64 -30.81 -13.46
C PRO B 196 5.75 -31.22 -14.42
N GLY B 197 5.66 -32.44 -14.94
CA GLY B 197 6.65 -32.89 -15.92
C GLY B 197 6.79 -31.94 -17.09
N ALA B 198 5.68 -31.39 -17.57
CA ALA B 198 5.68 -30.36 -18.64
C ALA B 198 6.25 -30.87 -19.96
N ARG B 199 6.02 -32.13 -20.27
CA ARG B 199 6.36 -32.69 -21.57
C ARG B 199 5.11 -32.85 -22.45
N GLY B 200 4.45 -31.73 -22.77
CA GLY B 200 3.45 -31.65 -23.83
C GLY B 200 2.02 -32.07 -23.51
N THR B 201 1.63 -32.15 -22.23
CA THR B 201 0.21 -32.30 -21.88
C THR B 201 -0.16 -31.17 -20.93
N SER B 202 -1.44 -30.80 -20.96
CA SER B 202 -1.97 -29.65 -20.25
C SER B 202 -2.98 -30.09 -19.18
N GLN B 203 -3.42 -29.12 -18.38
CA GLN B 203 -4.42 -29.41 -17.35
C GLN B 203 -5.77 -29.84 -17.93
N LEU B 204 -6.12 -29.39 -19.15
CA LEU B 204 -7.31 -29.95 -19.79
C LEU B 204 -7.12 -31.42 -20.08
N HIS B 205 -5.93 -31.81 -20.53
CA HIS B 205 -5.71 -33.22 -20.77
C HIS B 205 -5.82 -34.01 -19.48
N GLY B 206 -5.56 -33.37 -18.33
CA GLY B 206 -5.77 -34.14 -17.12
C GLY B 206 -7.23 -34.23 -16.66
N MET B 207 -8.17 -33.62 -17.40
CA MET B 207 -9.58 -33.68 -17.03
C MET B 207 -10.19 -35.00 -17.51
N ASP B 208 -10.61 -35.84 -16.56
CA ASP B 208 -11.25 -37.09 -16.92
C ASP B 208 -12.66 -36.85 -17.46
N LEU B 209 -13.45 -36.09 -16.70
CA LEU B 209 -14.87 -35.92 -16.95
C LEU B 209 -15.33 -34.67 -16.22
N LEU B 210 -16.06 -33.81 -16.92
CA LEU B 210 -16.59 -32.60 -16.29
C LEU B 210 -18.06 -32.84 -15.91
N VAL B 211 -18.32 -33.02 -14.62
CA VAL B 211 -19.69 -33.16 -14.15
C VAL B 211 -20.18 -31.81 -13.66
N LEU B 212 -20.92 -31.13 -14.53
CA LEU B 212 -21.45 -29.80 -14.28
C LEU B 212 -22.89 -29.89 -13.75
N LEU B 213 -23.06 -29.52 -12.48
CA LEU B 213 -24.37 -29.39 -11.81
C LEU B 213 -24.94 -27.97 -11.98
N ASP B 214 -26.25 -27.88 -12.28
CA ASP B 214 -26.88 -26.57 -12.38
C ASP B 214 -28.39 -26.69 -12.25
N LEU B 215 -29.00 -25.79 -11.45
CA LEU B 215 -30.46 -25.68 -11.36
C LEU B 215 -31.15 -26.95 -10.81
N ILE B 216 -30.78 -27.37 -9.58
CA ILE B 216 -31.15 -28.70 -9.11
C ILE B 216 -32.26 -28.73 -8.05
N GLY B 217 -32.36 -27.74 -7.17
CA GLY B 217 -33.21 -27.80 -5.98
C GLY B 217 -34.71 -27.97 -6.22
N ALA B 218 -35.18 -27.84 -7.46
CA ALA B 218 -36.61 -27.89 -7.72
C ALA B 218 -37.12 -29.32 -7.61
N PRO B 219 -38.41 -29.50 -7.31
CA PRO B 219 -38.98 -30.85 -7.27
C PRO B 219 -39.22 -31.42 -8.66
N ASN B 220 -39.00 -32.73 -8.79
CA ASN B 220 -39.25 -33.52 -10.00
C ASN B 220 -38.33 -33.15 -11.15
N PRO B 221 -37.00 -33.21 -11.01
CA PRO B 221 -36.12 -32.92 -12.15
C PRO B 221 -35.87 -34.16 -12.99
N THR B 222 -35.95 -34.00 -14.32
CA THR B 222 -35.54 -35.05 -15.24
C THR B 222 -34.39 -34.54 -16.11
N PHE B 223 -33.23 -35.21 -16.01
CA PHE B 223 -32.02 -34.83 -16.71
C PHE B 223 -31.88 -35.67 -17.97
N PRO B 224 -31.83 -35.06 -19.15
CA PRO B 224 -31.54 -35.85 -20.36
C PRO B 224 -30.07 -36.24 -20.41
N ASN B 225 -29.79 -37.27 -21.21
CA ASN B 225 -28.41 -37.59 -21.54
C ASN B 225 -28.05 -36.77 -22.77
N PHE B 226 -27.17 -35.78 -22.59
CA PHE B 226 -26.91 -34.82 -23.65
C PHE B 226 -25.94 -35.35 -24.70
N PHE B 227 -24.85 -36.00 -24.29
CA PHE B 227 -23.79 -36.28 -25.25
C PHE B 227 -23.52 -37.77 -25.31
N PRO B 228 -23.47 -38.35 -26.51
CA PRO B 228 -23.11 -39.77 -26.62
C PRO B 228 -21.88 -40.18 -25.83
N ASN B 229 -20.79 -39.38 -25.85
CA ASN B 229 -19.53 -39.82 -25.26
C ASN B 229 -19.58 -39.88 -23.74
N SER B 230 -20.59 -39.29 -23.13
CA SER B 230 -20.81 -39.38 -21.71
C SER B 230 -21.95 -40.36 -21.35
N ALA B 231 -22.48 -41.09 -22.33
CA ALA B 231 -23.67 -41.92 -22.11
C ALA B 231 -23.46 -42.94 -20.99
N ARG B 232 -22.36 -43.70 -21.05
CA ARG B 232 -22.17 -44.80 -20.10
C ARG B 232 -22.16 -44.31 -18.67
N TRP B 233 -21.61 -43.11 -18.42
CA TRP B 233 -21.64 -42.53 -17.08
C TRP B 233 -23.00 -41.95 -16.76
N PHE B 234 -23.75 -41.56 -17.76
CA PHE B 234 -25.14 -41.24 -17.48
C PHE B 234 -25.90 -42.52 -17.07
N GLU B 235 -25.61 -43.63 -17.74
CA GLU B 235 -26.21 -44.92 -17.39
C GLU B 235 -25.73 -45.40 -16.03
N ARG B 236 -24.51 -45.03 -15.62
CA ARG B 236 -24.10 -45.43 -14.28
C ARG B 236 -24.92 -44.69 -13.22
N LEU B 237 -25.40 -43.49 -13.55
CA LEU B 237 -26.31 -42.80 -12.63
C LEU B 237 -27.68 -43.47 -12.59
N GLN B 238 -28.19 -43.95 -13.73
CA GLN B 238 -29.47 -44.67 -13.76
C GLN B 238 -29.47 -45.87 -12.81
N ALA B 239 -28.47 -46.73 -12.92
CA ALA B 239 -28.38 -47.86 -12.01
C ALA B 239 -28.25 -47.38 -10.56
N ILE B 240 -27.62 -46.23 -10.32
CA ILE B 240 -27.47 -45.76 -8.94
C ILE B 240 -28.83 -45.31 -8.41
N GLU B 241 -29.58 -44.53 -9.18
CA GLU B 241 -30.91 -44.14 -8.76
C GLU B 241 -31.85 -45.34 -8.64
N HIS B 242 -31.58 -46.39 -9.42
CA HIS B 242 -32.42 -47.59 -9.35
C HIS B 242 -32.21 -48.34 -8.05
N GLU B 243 -30.96 -48.69 -7.73
CA GLU B 243 -30.73 -49.51 -6.56
C GLU B 243 -30.67 -48.73 -5.27
N LEU B 244 -30.57 -47.40 -5.33
CA LEU B 244 -30.81 -46.61 -4.12
C LEU B 244 -32.29 -46.71 -3.76
N HIS B 245 -33.16 -46.66 -4.77
CA HIS B 245 -34.59 -46.82 -4.54
C HIS B 245 -34.88 -48.22 -4.02
N GLU B 246 -34.34 -49.24 -4.71
CA GLU B 246 -34.57 -50.63 -4.35
C GLU B 246 -34.13 -50.93 -2.93
N LEU B 247 -33.10 -50.23 -2.45
CA LEU B 247 -32.66 -50.35 -1.07
C LEU B 247 -33.42 -49.43 -0.12
N GLY B 248 -34.37 -48.67 -0.63
CA GLY B 248 -35.15 -47.79 0.24
C GLY B 248 -34.31 -46.72 0.89
N LEU B 249 -33.41 -46.12 0.10
CA LEU B 249 -32.51 -45.08 0.57
C LEU B 249 -32.82 -43.70 0.00
N LEU B 250 -33.73 -43.60 -0.96
CA LEU B 250 -34.27 -42.35 -1.46
C LEU B 250 -35.61 -42.09 -0.77
N LYS B 251 -35.91 -40.81 -0.50
CA LYS B 251 -37.17 -40.43 0.13
C LYS B 251 -38.11 -39.78 -0.87
N ASP B 252 -39.40 -40.12 -0.76
CA ASP B 252 -40.47 -39.63 -1.63
C ASP B 252 -40.09 -39.75 -3.10
N HIS B 253 -39.45 -40.87 -3.44
CA HIS B 253 -38.97 -41.16 -4.79
C HIS B 253 -39.81 -42.28 -5.38
N SER B 254 -40.25 -42.09 -6.63
CA SER B 254 -41.00 -43.11 -7.35
C SER B 254 -40.28 -43.44 -8.64
N LEU B 255 -40.26 -44.73 -8.99
CA LEU B 255 -39.61 -45.26 -10.18
C LEU B 255 -40.36 -44.99 -11.48
N GLU B 256 -41.54 -44.38 -11.41
CA GLU B 256 -42.20 -43.88 -12.61
C GLU B 256 -41.82 -42.43 -12.89
N GLY B 257 -41.43 -41.70 -11.86
CA GLY B 257 -40.86 -40.37 -12.06
C GLY B 257 -39.39 -40.32 -11.72
N ARG B 258 -38.54 -40.84 -12.59
CA ARG B 258 -37.13 -40.91 -12.26
C ARG B 258 -36.44 -39.61 -12.70
N TYR B 259 -35.22 -39.42 -12.19
CA TYR B 259 -34.45 -38.23 -12.53
C TYR B 259 -33.77 -38.42 -13.88
N PHE B 260 -33.05 -39.51 -14.04
CA PHE B 260 -32.25 -39.78 -15.23
C PHE B 260 -33.02 -40.73 -16.14
N GLN B 261 -33.72 -40.17 -17.13
CA GLN B 261 -34.41 -40.97 -18.13
C GLN B 261 -33.61 -40.96 -19.43
N ASN B 262 -33.60 -42.12 -20.10
CA ASN B 262 -32.65 -42.41 -21.17
C ASN B 262 -32.70 -41.40 -22.31
N TYR B 263 -33.84 -40.73 -22.53
CA TYR B 263 -34.05 -39.99 -23.78
C TYR B 263 -32.98 -38.91 -23.99
N SER B 264 -32.63 -38.71 -25.27
CA SER B 264 -31.62 -37.74 -25.63
C SER B 264 -32.23 -36.34 -25.76
N TYR B 265 -31.34 -35.35 -25.88
CA TYR B 265 -31.69 -33.95 -26.09
C TYR B 265 -31.18 -33.54 -27.46
N GLY B 266 -31.99 -32.80 -28.21
CA GLY B 266 -31.67 -32.46 -29.58
C GLY B 266 -30.90 -31.16 -29.78
N GLY B 267 -31.31 -30.10 -29.09
CA GLY B 267 -30.64 -28.82 -29.17
C GLY B 267 -29.42 -28.76 -28.27
N VAL B 268 -28.95 -27.55 -28.01
CA VAL B 268 -27.83 -27.34 -27.09
C VAL B 268 -28.22 -26.26 -26.10
N ILE B 269 -27.79 -26.44 -24.85
CA ILE B 269 -27.91 -25.44 -23.81
C ILE B 269 -26.53 -24.85 -23.55
N GLN B 270 -26.46 -23.53 -23.47
CA GLN B 270 -25.22 -22.83 -23.18
C GLN B 270 -24.96 -22.86 -21.67
N ASP B 271 -23.83 -23.42 -21.26
CA ASP B 271 -23.44 -23.41 -19.85
C ASP B 271 -21.92 -23.49 -19.73
N ASP B 272 -21.43 -23.35 -18.50
CA ASP B 272 -19.98 -23.26 -18.24
C ASP B 272 -19.21 -24.42 -18.82
N HIS B 273 -19.89 -25.51 -19.17
CA HIS B 273 -19.28 -26.68 -19.78
C HIS B 273 -18.87 -26.42 -21.21
N ILE B 274 -19.50 -25.44 -21.85
CA ILE B 274 -19.30 -25.26 -23.29
C ILE B 274 -17.85 -24.96 -23.65
N PRO B 275 -17.14 -24.06 -22.97
CA PRO B 275 -15.74 -23.82 -23.35
C PRO B 275 -14.86 -25.05 -23.20
N PHE B 276 -15.25 -26.01 -22.35
CA PHE B 276 -14.44 -27.22 -22.23
C PHE B 276 -14.88 -28.28 -23.20
N LEU B 277 -16.21 -28.39 -23.41
CA LEU B 277 -16.72 -29.33 -24.40
C LEU B 277 -16.17 -29.03 -25.78
N ARG B 278 -16.00 -27.75 -26.10
CA ARG B 278 -15.50 -27.41 -27.43
C ARG B 278 -14.00 -27.68 -27.56
N ARG B 279 -13.37 -28.22 -26.51
CA ARG B 279 -11.97 -28.63 -26.57
C ARG B 279 -11.81 -30.14 -26.41
N GLY B 280 -12.90 -30.91 -26.56
CA GLY B 280 -12.89 -32.35 -26.39
C GLY B 280 -12.73 -32.85 -24.97
N VAL B 281 -13.25 -32.13 -23.98
CA VAL B 281 -13.35 -32.62 -22.60
C VAL B 281 -14.67 -33.38 -22.46
N PRO B 282 -14.66 -34.62 -21.98
CA PRO B 282 -15.93 -35.37 -21.78
C PRO B 282 -16.80 -34.70 -20.71
N VAL B 283 -17.98 -34.28 -21.12
CA VAL B 283 -18.86 -33.49 -20.27
C VAL B 283 -19.99 -34.39 -19.77
N LEU B 284 -20.32 -34.26 -18.50
CA LEU B 284 -21.55 -34.80 -17.97
C LEU B 284 -22.40 -33.64 -17.43
N HIS B 285 -23.32 -33.15 -18.25
CA HIS B 285 -24.08 -31.95 -17.93
C HIS B 285 -25.39 -32.32 -17.21
N LEU B 286 -25.32 -32.34 -15.87
CA LEU B 286 -26.45 -32.66 -15.02
C LEU B 286 -27.36 -31.43 -14.89
N ILE B 287 -27.90 -30.98 -16.01
CA ILE B 287 -28.89 -29.92 -16.04
C ILE B 287 -30.24 -30.52 -16.38
N PRO B 288 -31.31 -30.16 -15.67
CA PRO B 288 -32.63 -30.71 -15.97
C PRO B 288 -33.24 -29.96 -17.13
N SER B 289 -34.10 -30.69 -17.86
CA SER B 289 -34.94 -30.11 -18.90
C SER B 289 -36.34 -30.67 -18.69
N PRO B 290 -37.34 -29.85 -18.38
CA PRO B 290 -37.30 -28.38 -18.35
C PRO B 290 -36.59 -27.76 -17.13
N PHE B 291 -36.35 -26.45 -17.23
CA PHE B 291 -35.76 -25.70 -16.13
C PHE B 291 -36.76 -25.61 -14.98
N PRO B 292 -36.29 -25.33 -13.78
CA PRO B 292 -37.21 -24.96 -12.69
C PRO B 292 -38.12 -23.81 -13.09
N GLU B 293 -39.39 -23.90 -12.70
CA GLU B 293 -40.33 -22.83 -12.99
C GLU B 293 -39.90 -21.50 -12.36
N VAL B 294 -39.06 -21.55 -11.33
CA VAL B 294 -38.57 -20.32 -10.70
C VAL B 294 -37.39 -19.69 -11.44
N TRP B 295 -36.78 -20.42 -12.38
CA TRP B 295 -35.54 -19.99 -13.04
C TRP B 295 -35.59 -18.54 -13.48
N HIS B 296 -34.57 -17.78 -13.05
CA HIS B 296 -34.43 -16.37 -13.43
C HIS B 296 -35.67 -15.59 -13.03
N THR B 297 -36.22 -15.93 -11.87
CA THR B 297 -37.31 -15.21 -11.24
C THR B 297 -36.94 -15.01 -9.78
N MET B 298 -37.38 -13.92 -9.18
CA MET B 298 -36.96 -13.74 -7.80
C MET B 298 -37.72 -14.64 -6.86
N ASP B 299 -38.72 -15.38 -7.36
CA ASP B 299 -39.29 -16.47 -6.58
C ASP B 299 -38.30 -17.62 -6.42
N ASP B 300 -37.25 -17.67 -7.23
CA ASP B 300 -36.18 -18.64 -7.03
C ASP B 300 -35.53 -18.41 -5.67
N ASN B 301 -35.94 -19.20 -4.68
CA ASN B 301 -35.61 -18.92 -3.30
C ASN B 301 -35.60 -20.24 -2.53
N GLU B 302 -35.21 -20.13 -1.24
CA GLU B 302 -35.12 -21.29 -0.37
C GLU B 302 -36.46 -22.03 -0.25
N GLU B 303 -37.58 -21.30 -0.27
CA GLU B 303 -38.91 -21.89 -0.05
C GLU B 303 -39.36 -22.82 -1.18
N ASN B 304 -38.80 -22.67 -2.38
CA ASN B 304 -39.14 -23.51 -3.52
C ASN B 304 -38.09 -24.58 -3.78
N LEU B 305 -37.30 -24.94 -2.77
CA LEU B 305 -36.37 -26.04 -2.85
C LEU B 305 -37.01 -27.28 -2.23
N ASP B 306 -36.95 -28.40 -2.93
CA ASP B 306 -37.46 -29.68 -2.42
CA ASP B 306 -37.46 -29.68 -2.42
C ASP B 306 -36.35 -30.34 -1.62
N GLU B 307 -36.53 -30.39 -0.30
CA GLU B 307 -35.48 -30.90 0.57
C GLU B 307 -35.15 -32.37 0.30
N SER B 308 -36.14 -33.17 -0.06
CA SER B 308 -35.92 -34.60 -0.21
C SER B 308 -35.28 -34.95 -1.54
N THR B 309 -35.70 -34.29 -2.62
CA THR B 309 -35.06 -34.48 -3.92
C THR B 309 -33.57 -34.18 -3.86
N ILE B 310 -33.19 -33.07 -3.22
CA ILE B 310 -31.77 -32.72 -3.09
C ILE B 310 -31.05 -33.83 -2.32
N ASP B 311 -31.68 -34.38 -1.30
CA ASP B 311 -31.07 -35.46 -0.53
C ASP B 311 -30.88 -36.70 -1.39
N ASN B 312 -31.85 -37.00 -2.25
CA ASN B 312 -31.70 -38.14 -3.16
C ASN B 312 -30.53 -37.92 -4.11
N LEU B 313 -30.42 -36.73 -4.70
CA LEU B 313 -29.33 -36.51 -5.66
C LEU B 313 -27.98 -36.45 -4.96
N ASN B 314 -27.92 -35.85 -3.76
CA ASN B 314 -26.69 -35.92 -2.97
C ASN B 314 -26.20 -37.36 -2.88
N LYS B 315 -27.09 -38.27 -2.43
CA LYS B 315 -26.76 -39.69 -2.32
C LYS B 315 -26.37 -40.27 -3.68
N ILE B 316 -27.10 -39.91 -4.73
CA ILE B 316 -26.77 -40.42 -6.08
C ILE B 316 -25.36 -39.99 -6.49
N LEU B 317 -25.02 -38.69 -6.31
CA LEU B 317 -23.72 -38.17 -6.75
C LEU B 317 -22.57 -38.69 -5.89
N GLN B 318 -22.77 -38.84 -4.58
CA GLN B 318 -21.67 -39.31 -3.74
C GLN B 318 -21.33 -40.78 -4.01
N VAL B 319 -22.32 -41.59 -4.40
CA VAL B 319 -22.06 -42.98 -4.80
C VAL B 319 -21.36 -43.01 -6.16
N PHE B 320 -21.77 -42.16 -7.09
CA PHE B 320 -21.09 -42.06 -8.40
C PHE B 320 -19.60 -41.75 -8.23
N VAL B 321 -19.27 -40.77 -7.38
CA VAL B 321 -17.88 -40.31 -7.27
C VAL B 321 -17.02 -41.26 -6.44
N LEU B 322 -17.63 -42.03 -5.52
CA LEU B 322 -16.88 -43.08 -4.85
C LEU B 322 -16.62 -44.25 -5.79
N GLU B 323 -17.47 -44.44 -6.78
CA GLU B 323 -17.23 -45.51 -7.75
C GLU B 323 -16.19 -45.08 -8.79
N TYR B 324 -16.35 -43.90 -9.35
CA TYR B 324 -15.38 -43.38 -10.31
C TYR B 324 -13.97 -43.46 -9.75
N LEU B 325 -13.78 -43.04 -8.52
CA LEU B 325 -12.45 -43.01 -7.92
C LEU B 325 -12.02 -44.38 -7.39
N HIS B 326 -12.81 -45.45 -7.65
CA HIS B 326 -12.58 -46.80 -7.10
C HIS B 326 -12.51 -46.76 -5.59
N LEU B 327 -13.32 -45.91 -4.98
CA LEU B 327 -13.38 -45.83 -3.53
C LEU B 327 -14.65 -46.57 -3.07
N ALA C 1 10.83 31.93 34.33
CA ALA C 1 11.86 32.95 34.21
C ALA C 1 12.69 32.73 32.95
N TRP C 2 12.79 31.47 32.54
CA TRP C 2 13.60 31.07 31.38
C TRP C 2 13.07 31.50 30.01
N PRO C 3 11.78 31.85 29.84
CA PRO C 3 11.38 32.46 28.55
C PRO C 3 11.98 33.85 28.30
N GLU C 4 12.38 34.58 29.34
CA GLU C 4 12.87 35.94 29.20
C GLU C 4 14.39 36.06 29.26
N GLU C 5 15.12 34.94 29.39
CA GLU C 5 16.58 34.98 29.31
C GLU C 5 17.08 35.61 28.02
N LYS C 6 16.33 35.43 26.93
CA LYS C 6 16.71 35.99 25.62
C LYS C 6 17.04 37.49 25.68
N ASN C 7 16.30 38.25 26.50
CA ASN C 7 16.40 39.70 26.57
C ASN C 7 17.69 40.15 27.24
N TYR C 8 18.32 39.25 27.99
CA TYR C 8 19.45 39.56 28.85
C TYR C 8 20.73 38.88 28.38
N HIS C 9 20.60 37.90 27.50
CA HIS C 9 21.73 37.17 26.96
C HIS C 9 22.82 38.11 26.44
N GLN C 10 24.07 37.76 26.71
CA GLN C 10 25.20 38.49 26.16
C GLN C 10 26.04 37.54 25.32
N PRO C 11 26.56 37.98 24.19
CA PRO C 11 27.45 37.11 23.43
C PRO C 11 28.78 37.01 24.16
N ALA C 12 29.60 36.09 23.67
CA ALA C 12 31.00 35.99 24.04
C ALA C 12 31.79 36.21 22.76
N ILE C 13 32.45 37.39 22.68
CA ILE C 13 33.11 37.87 21.47
C ILE C 13 34.46 37.18 21.35
N LEU C 14 34.75 36.66 20.17
CA LEU C 14 35.99 35.92 19.91
C LEU C 14 37.15 36.87 19.68
N ASN C 15 38.37 36.39 20.00
CA ASN C 15 39.57 37.16 19.72
C ASN C 15 39.97 37.03 18.25
N SER C 16 40.94 37.86 17.84
CA SER C 16 41.25 37.98 16.42
C SER C 16 41.88 36.73 15.86
N SER C 17 42.65 36.01 16.66
CA SER C 17 43.21 34.74 16.20
C SER C 17 42.10 33.72 15.94
N ALA C 18 41.11 33.64 16.84
CA ALA C 18 39.94 32.80 16.58
C ALA C 18 39.22 33.24 15.31
N LEU C 19 39.07 34.56 15.11
CA LEU C 19 38.39 35.06 13.92
C LEU C 19 39.15 34.79 12.64
N ARG C 20 40.48 34.62 12.70
CA ARG C 20 41.21 34.21 11.51
C ARG C 20 40.96 32.74 11.17
N GLN C 21 40.77 31.90 12.20
CA GLN C 21 40.51 30.49 11.94
C GLN C 21 39.12 30.28 11.36
N ILE C 22 38.13 31.05 11.82
CA ILE C 22 36.77 30.88 11.26
C ILE C 22 36.73 31.41 9.84
N ALA C 23 37.59 32.37 9.50
CA ALA C 23 37.63 32.93 8.16
C ALA C 23 38.30 31.97 7.18
N GLU C 24 39.25 31.16 7.64
CA GLU C 24 39.80 30.10 6.81
C GLU C 24 38.97 28.81 6.87
N GLY C 25 38.21 28.61 7.95
CA GLY C 25 37.44 27.39 8.11
C GLY C 25 36.20 27.30 7.24
N THR C 26 35.93 28.29 6.39
CA THR C 26 34.81 28.24 5.47
C THR C 26 35.36 28.44 4.06
N SER C 27 34.70 27.83 3.09
CA SER C 27 35.18 27.81 1.71
C SER C 27 34.00 27.98 0.77
N ILE C 28 33.97 29.12 0.06
CA ILE C 28 32.92 29.39 -0.92
C ILE C 28 32.94 28.34 -2.01
N SER C 29 34.09 27.70 -2.23
CA SER C 29 34.25 26.72 -3.29
C SER C 29 33.41 25.47 -3.03
N GLU C 30 33.57 24.88 -1.85
CA GLU C 30 32.78 23.71 -1.48
C GLU C 30 31.28 24.02 -1.44
N MET C 31 30.91 25.14 -0.82
CA MET C 31 29.50 25.54 -0.80
C MET C 31 28.96 25.70 -2.21
N TRP C 32 29.72 26.35 -3.09
CA TRP C 32 29.29 26.54 -4.46
C TRP C 32 29.03 25.22 -5.17
N GLN C 33 29.91 24.24 -5.00
CA GLN C 33 29.81 22.99 -5.75
C GLN C 33 28.80 22.04 -5.12
N ASN C 34 28.94 21.78 -3.82
CA ASN C 34 28.19 20.73 -3.16
C ASN C 34 26.87 21.22 -2.53
N ASP C 35 26.75 22.51 -2.17
CA ASP C 35 25.58 23.06 -1.48
C ASP C 35 24.74 24.02 -2.31
N LEU C 36 25.38 24.87 -3.12
CA LEU C 36 24.66 25.90 -3.88
C LEU C 36 24.16 25.36 -5.22
N GLN C 37 24.99 24.60 -5.95
CA GLN C 37 24.61 24.19 -7.31
C GLN C 37 23.44 23.19 -7.37
N PRO C 38 23.36 22.13 -6.54
CA PRO C 38 22.19 21.28 -6.57
C PRO C 38 20.88 21.93 -6.24
N LEU C 39 20.87 23.05 -5.53
CA LEU C 39 19.61 23.68 -5.19
C LEU C 39 19.19 24.70 -6.24
N LEU C 40 19.94 24.83 -7.33
CA LEU C 40 19.61 25.77 -8.40
C LEU C 40 18.69 25.14 -9.43
N ILE C 41 17.49 24.75 -8.99
CA ILE C 41 16.52 24.08 -9.84
C ILE C 41 15.14 24.67 -9.60
N GLU C 42 14.25 24.41 -10.56
CA GLU C 42 12.83 24.66 -10.37
C GLU C 42 12.36 23.84 -9.18
N ARG C 43 11.88 24.51 -8.13
CA ARG C 43 11.48 23.72 -6.95
C ARG C 43 10.29 24.36 -6.22
N TYR C 44 9.16 24.39 -6.87
CA TYR C 44 7.98 24.88 -6.16
C TYR C 44 7.32 23.74 -5.39
N PRO C 45 6.49 24.03 -4.38
CA PRO C 45 5.90 22.95 -3.57
C PRO C 45 5.28 21.85 -4.40
N GLY C 46 5.50 20.62 -3.97
CA GLY C 46 4.93 19.44 -4.60
C GLY C 46 5.45 19.13 -5.98
N SER C 47 6.57 19.75 -6.37
CA SER C 47 7.24 19.57 -7.65
C SER C 47 8.44 18.64 -7.51
N PRO C 48 9.02 18.18 -8.62
CA PRO C 48 10.22 17.32 -8.51
C PRO C 48 11.39 17.98 -7.83
N GLY C 49 11.62 19.26 -8.10
CA GLY C 49 12.70 19.98 -7.44
C GLY C 49 12.49 20.13 -5.95
N SER C 50 11.23 20.25 -5.54
CA SER C 50 10.91 20.32 -4.11
C SER C 50 11.35 19.06 -3.38
N TYR C 51 11.20 17.90 -4.02
CA TYR C 51 11.73 16.69 -3.40
C TYR C 51 13.26 16.70 -3.42
N ALA C 52 13.86 16.94 -4.59
CA ALA C 52 15.32 16.97 -4.72
C ALA C 52 15.96 17.98 -3.79
N ALA C 53 15.36 19.16 -3.67
CA ALA C 53 15.85 20.14 -2.71
C ALA C 53 15.76 19.60 -1.31
N ARG C 54 14.63 18.97 -0.98
CA ARG C 54 14.40 18.59 0.40
C ARG C 54 15.41 17.55 0.86
N GLN C 55 15.80 16.59 0.01
CA GLN C 55 16.71 15.54 0.49
C GLN C 55 18.17 15.92 0.37
N HIS C 56 18.51 16.78 -0.57
CA HIS C 56 19.83 17.36 -0.56
C HIS C 56 20.14 18.01 0.79
N ILE C 57 19.23 18.85 1.27
CA ILE C 57 19.44 19.57 2.54
C ILE C 57 19.73 18.59 3.68
N MET C 58 18.79 17.65 3.95
CA MET C 58 18.96 16.70 5.06
C MET C 58 20.20 15.84 4.86
N GLN C 59 20.49 15.44 3.61
CA GLN C 59 21.70 14.69 3.33
C GLN C 59 22.94 15.43 3.85
N ARG C 60 23.08 16.70 3.47
CA ARG C 60 24.23 17.49 3.92
C ARG C 60 24.29 17.60 5.43
N ILE C 61 23.12 17.67 6.09
CA ILE C 61 23.08 17.84 7.53
C ILE C 61 23.45 16.56 8.28
N GLN C 62 23.17 15.39 7.69
CA GLN C 62 23.50 14.11 8.31
C GLN C 62 24.90 13.64 7.97
N ARG C 63 25.56 14.28 6.99
CA ARG C 63 26.99 14.10 6.76
C ARG C 63 27.81 14.56 7.97
N LEU C 64 27.40 15.65 8.61
CA LEU C 64 28.19 16.29 9.65
C LEU C 64 28.27 15.40 10.89
N GLN C 65 29.21 15.73 11.78
CA GLN C 65 29.45 14.97 12.99
C GLN C 65 28.57 15.39 14.17
N ALA C 66 28.11 16.64 14.20
CA ALA C 66 27.12 17.02 15.21
C ALA C 66 25.79 16.32 14.93
N ASP C 67 25.16 15.78 15.98
CA ASP C 67 23.93 14.98 15.79
C ASP C 67 22.76 15.94 15.65
N TRP C 68 22.59 16.42 14.42
CA TRP C 68 21.41 17.21 14.09
C TRP C 68 20.19 16.31 14.07
N VAL C 69 19.17 16.70 14.81
CA VAL C 69 17.89 16.02 14.81
C VAL C 69 17.00 16.72 13.79
N LEU C 70 16.83 16.09 12.63
CA LEU C 70 15.95 16.61 11.59
C LEU C 70 14.49 16.24 11.87
N GLU C 71 13.58 17.14 11.48
CA GLU C 71 12.14 16.89 11.52
C GLU C 71 11.52 17.45 10.26
N ILE C 72 10.74 16.63 9.56
CA ILE C 72 9.96 17.05 8.40
C ILE C 72 8.56 17.39 8.87
N ASP C 73 8.12 18.60 8.55
CA ASP C 73 6.85 19.13 8.99
C ASP C 73 5.96 19.21 7.76
N THR C 74 5.32 18.08 7.42
CA THR C 74 4.42 18.01 6.28
C THR C 74 2.99 18.33 6.70
N PHE C 75 2.26 19.00 5.81
CA PHE C 75 0.98 19.57 6.19
C PHE C 75 0.21 19.98 4.94
N LEU C 76 -1.11 20.14 5.12
CA LEU C 76 -2.05 20.60 4.09
C LEU C 76 -2.52 22.02 4.38
N SER C 77 -2.76 22.78 3.32
CA SER C 77 -3.41 24.06 3.52
C SER C 77 -4.10 24.51 2.23
N GLN C 78 -5.09 25.37 2.41
CA GLN C 78 -5.78 25.95 1.26
C GLN C 78 -4.84 26.92 0.52
N THR C 79 -4.86 26.85 -0.81
CA THR C 79 -4.11 27.74 -1.71
C THR C 79 -5.05 28.15 -2.85
N PRO C 80 -4.61 29.06 -3.73
CA PRO C 80 -5.40 29.36 -4.94
C PRO C 80 -5.71 28.17 -5.82
N TYR C 81 -4.87 27.14 -5.82
CA TYR C 81 -5.28 25.89 -6.45
C TYR C 81 -5.89 25.00 -5.39
N GLY C 82 -5.80 23.71 -5.53
CA GLY C 82 -6.39 22.87 -4.52
C GLY C 82 -5.50 22.74 -3.29
N TYR C 83 -6.09 22.34 -2.16
CA TYR C 83 -5.31 21.99 -0.97
C TYR C 83 -3.97 21.39 -1.39
N ARG C 84 -2.87 22.03 -1.02
CA ARG C 84 -1.58 21.49 -1.41
C ARG C 84 -0.80 21.03 -0.19
N SER C 85 0.24 20.24 -0.44
CA SER C 85 1.10 19.77 0.63
C SER C 85 2.40 20.59 0.57
N PHE C 86 2.90 20.94 1.74
CA PHE C 86 4.12 21.72 1.96
C PHE C 86 4.89 20.94 3.00
N SER C 87 6.22 20.91 2.89
CA SER C 87 7.03 20.18 3.87
C SER C 87 8.18 21.05 4.38
N ASN C 88 7.98 21.69 5.54
CA ASN C 88 9.09 22.42 6.14
C ASN C 88 10.15 21.43 6.61
N ILE C 89 11.43 21.81 6.44
CA ILE C 89 12.52 21.01 6.98
C ILE C 89 12.99 21.69 8.24
N ILE C 90 13.32 20.92 9.25
CA ILE C 90 13.73 21.51 10.52
C ILE C 90 14.80 20.65 11.16
N SER C 91 16.03 21.16 11.21
CA SER C 91 17.14 20.48 11.83
C SER C 91 17.51 21.22 13.10
N THR C 92 17.65 20.49 14.20
CA THR C 92 17.89 21.05 15.52
C THR C 92 18.97 20.23 16.22
N LEU C 93 19.77 20.93 17.01
CA LEU C 93 20.75 20.35 17.91
C LEU C 93 20.27 20.52 19.34
N ASN C 94 20.53 19.52 20.16
CA ASN C 94 20.05 19.54 21.52
C ASN C 94 18.56 19.82 21.58
N PRO C 95 17.70 18.92 21.06
CA PRO C 95 16.26 19.14 21.23
C PRO C 95 15.85 19.27 22.68
N THR C 96 16.60 18.73 23.64
CA THR C 96 16.26 18.92 25.05
C THR C 96 16.53 20.34 25.53
N ALA C 97 17.33 21.11 24.80
CA ALA C 97 17.69 22.43 25.29
C ALA C 97 16.49 23.36 25.25
N LYS C 98 16.36 24.15 26.32
CA LYS C 98 15.21 25.02 26.47
C LYS C 98 15.18 26.11 25.41
N ARG C 99 16.33 26.70 25.09
CA ARG C 99 16.41 27.83 24.19
C ARG C 99 17.17 27.45 22.93
N HIS C 100 16.77 28.03 21.80
CA HIS C 100 17.50 27.84 20.56
C HIS C 100 17.69 29.17 19.85
N LEU C 101 18.89 29.37 19.32
CA LEU C 101 19.12 30.39 18.30
C LEU C 101 18.73 29.81 16.96
N VAL C 102 17.95 30.57 16.19
CA VAL C 102 17.28 30.03 15.02
C VAL C 102 17.70 30.83 13.78
N LEU C 103 18.38 30.16 12.85
CA LEU C 103 18.61 30.68 11.52
C LEU C 103 17.62 30.00 10.57
N ALA C 104 16.86 30.81 9.81
CA ALA C 104 15.74 30.32 9.00
C ALA C 104 15.84 30.80 7.56
N CYS C 105 15.31 29.99 6.64
CA CYS C 105 15.35 30.21 5.20
C CYS C 105 14.18 29.47 4.61
N HIS C 106 13.74 29.90 3.43
CA HIS C 106 12.71 29.18 2.68
C HIS C 106 13.34 28.53 1.45
N TYR C 107 13.02 27.26 1.21
CA TYR C 107 13.72 26.50 0.18
C TYR C 107 12.89 26.29 -1.08
N ASP C 108 11.69 26.86 -1.15
CA ASP C 108 10.89 26.76 -2.35
C ASP C 108 11.23 27.89 -3.31
N SER C 109 11.09 27.60 -4.60
CA SER C 109 11.16 28.63 -5.63
C SER C 109 9.74 28.94 -6.11
N LYS C 110 9.61 29.98 -6.91
CA LYS C 110 8.31 30.44 -7.36
C LYS C 110 8.05 29.84 -8.74
N TYR C 111 6.85 29.29 -8.93
CA TYR C 111 6.54 28.68 -10.21
C TYR C 111 6.44 29.75 -11.27
N PHE C 112 7.17 29.57 -12.36
CA PHE C 112 7.07 30.47 -13.50
C PHE C 112 6.91 29.62 -14.76
N SER C 113 6.30 30.22 -15.78
CA SER C 113 6.08 29.53 -17.04
C SER C 113 7.40 29.26 -17.77
N ASN C 116 10.44 31.41 -21.91
CA ASN C 116 10.89 30.92 -23.21
C ASN C 116 11.57 29.57 -23.07
N ASN C 117 12.90 29.60 -22.98
CA ASN C 117 13.67 28.38 -22.78
C ASN C 117 14.37 28.33 -21.43
N ARG C 118 13.88 29.05 -20.42
CA ARG C 118 14.52 28.97 -19.12
C ARG C 118 13.49 28.98 -17.99
N VAL C 119 13.85 28.31 -16.90
CA VAL C 119 13.02 28.11 -15.73
C VAL C 119 13.58 28.89 -14.55
N PHE C 120 12.69 29.31 -13.65
CA PHE C 120 13.08 30.11 -12.50
C PHE C 120 13.63 29.22 -11.39
N VAL C 121 14.90 29.43 -11.02
CA VAL C 121 15.55 28.68 -9.96
C VAL C 121 15.77 29.50 -8.69
N GLY C 122 15.49 30.79 -8.69
CA GLY C 122 15.61 31.58 -7.48
C GLY C 122 16.96 31.49 -6.79
N ALA C 123 18.05 31.88 -7.48
CA ALA C 123 19.37 31.82 -6.87
C ALA C 123 19.43 32.61 -5.58
N THR C 124 18.93 33.84 -5.61
CA THR C 124 18.92 34.67 -4.41
C THR C 124 17.63 34.53 -3.62
N ASP C 125 16.52 34.20 -4.27
CA ASP C 125 15.22 34.04 -3.62
C ASP C 125 15.37 33.40 -2.26
N SER C 126 16.15 32.32 -2.20
CA SER C 126 16.72 31.87 -0.93
C SER C 126 17.63 30.66 -1.12
N ALA C 127 17.97 30.35 -2.36
CA ALA C 127 18.77 29.16 -2.64
C ALA C 127 20.15 29.32 -2.04
N VAL C 128 20.80 30.46 -2.32
CA VAL C 128 22.07 30.78 -1.68
C VAL C 128 21.93 30.88 -0.17
N PRO C 129 20.95 31.62 0.38
CA PRO C 129 20.85 31.66 1.85
C PRO C 129 20.69 30.29 2.48
N CYS C 130 19.91 29.40 1.85
CA CYS C 130 19.80 28.04 2.37
C CYS C 130 21.13 27.31 2.28
N ALA C 131 21.91 27.58 1.24
CA ALA C 131 23.29 27.09 1.18
C ALA C 131 24.15 27.73 2.27
N MET C 132 23.91 29.01 2.58
CA MET C 132 24.74 29.68 3.58
C MET C 132 24.62 29.01 4.93
N MET C 133 23.44 28.53 5.26
CA MET C 133 23.32 27.81 6.52
C MET C 133 23.96 26.43 6.41
N LEU C 134 23.90 25.80 5.24
CA LEU C 134 24.55 24.49 5.08
C LEU C 134 26.04 24.60 5.33
N GLU C 135 26.70 25.55 4.66
CA GLU C 135 28.13 25.79 4.88
C GLU C 135 28.42 26.07 6.35
N LEU C 136 27.67 26.99 6.96
CA LEU C 136 27.87 27.31 8.36
C LEU C 136 27.89 26.08 9.22
N ALA C 137 27.02 25.10 8.91
CA ALA C 137 26.94 23.89 9.71
C ALA C 137 28.16 23.00 9.47
N ARG C 138 28.58 22.87 8.21
CA ARG C 138 29.78 22.08 7.95
C ARG C 138 31.01 22.73 8.60
N ALA C 139 31.12 24.06 8.50
CA ALA C 139 32.29 24.75 9.05
C ALA C 139 32.32 24.66 10.57
N LEU C 140 31.20 25.00 11.23
CA LEU C 140 31.16 25.04 12.70
C LEU C 140 30.98 23.66 13.33
N ASP C 141 31.04 22.61 12.52
CA ASP C 141 30.71 21.27 13.00
C ASP C 141 31.47 20.92 14.28
N LYS C 142 32.80 21.05 14.26
CA LYS C 142 33.61 20.66 15.41
C LYS C 142 33.26 21.48 16.65
N LYS C 143 32.79 22.71 16.47
CA LYS C 143 32.39 23.56 17.57
C LYS C 143 30.96 23.32 17.98
N LEU C 144 30.11 22.92 17.04
CA LEU C 144 28.79 22.44 17.42
C LEU C 144 28.91 21.12 18.15
N LEU C 145 29.89 20.29 17.76
CA LEU C 145 30.14 19.01 18.41
C LEU C 145 30.35 19.16 19.91
N SER C 146 30.82 20.32 20.37
CA SER C 146 30.95 20.58 21.79
C SER C 146 29.61 20.60 22.49
N LEU C 147 28.53 20.87 21.76
CA LEU C 147 27.21 20.90 22.36
C LEU C 147 26.65 19.51 22.60
N LYS C 148 27.22 18.49 21.93
CA LYS C 148 26.79 17.11 22.14
C LYS C 148 26.84 16.72 23.61
N THR C 149 27.98 16.91 24.25
CA THR C 149 28.10 16.51 25.64
C THR C 149 27.32 17.45 26.56
N VAL C 150 26.55 16.84 27.45
CA VAL C 150 25.67 17.44 28.43
C VAL C 150 26.17 18.72 29.09
N PRO C 155 23.71 28.55 30.62
CA PRO C 155 22.37 28.65 30.03
C PRO C 155 22.09 27.45 29.14
N ASP C 156 20.84 27.29 28.72
CA ASP C 156 20.38 26.10 28.00
C ASP C 156 19.95 26.45 26.58
N LEU C 157 20.95 26.82 25.75
CA LEU C 157 20.75 27.41 24.43
C LEU C 157 21.61 26.69 23.39
N SER C 158 21.01 26.37 22.25
CA SER C 158 21.66 25.65 21.15
C SER C 158 21.15 26.21 19.83
N LEU C 159 21.45 25.51 18.74
CA LEU C 159 21.19 25.99 17.41
C LEU C 159 20.07 25.20 16.73
N GLN C 160 19.25 25.90 15.94
CA GLN C 160 18.23 25.25 15.14
C GLN C 160 18.15 25.90 13.76
N LEU C 161 18.12 25.04 12.74
CA LEU C 161 18.02 25.45 11.34
C LEU C 161 16.62 25.13 10.81
N ILE C 162 15.98 26.10 10.17
CA ILE C 162 14.63 25.92 9.64
C ILE C 162 14.64 26.28 8.16
N PHE C 163 14.14 25.36 7.34
CA PHE C 163 14.06 25.55 5.90
C PHE C 163 12.58 25.60 5.54
N PHE C 164 12.00 26.79 5.53
CA PHE C 164 10.57 26.93 5.31
C PHE C 164 10.17 26.52 3.89
N ASP C 165 8.98 25.93 3.77
CA ASP C 165 8.35 25.73 2.47
C ASP C 165 7.36 26.86 2.22
N GLY C 166 6.94 26.99 0.97
CA GLY C 166 5.81 27.83 0.62
C GLY C 166 5.84 29.26 1.11
N GLU C 167 6.99 29.94 0.98
CA GLU C 167 7.00 31.39 1.12
C GLU C 167 6.23 32.03 -0.02
N GLU C 168 6.39 31.50 -1.22
CA GLU C 168 6.03 32.24 -2.43
C GLU C 168 4.54 32.16 -2.74
N ALA C 169 4.04 33.26 -3.31
CA ALA C 169 2.70 33.29 -3.85
C ALA C 169 2.63 32.36 -5.05
N PHE C 170 1.50 31.65 -5.18
CA PHE C 170 1.18 30.84 -6.35
C PHE C 170 0.47 31.63 -7.43
N LEU C 171 -0.44 32.53 -7.05
CA LEU C 171 -1.22 33.30 -8.03
C LEU C 171 -1.08 34.79 -7.82
N HIS C 172 -1.31 35.30 -6.62
CA HIS C 172 -1.28 36.73 -6.40
C HIS C 172 -1.01 36.97 -4.93
N TRP C 173 -0.05 37.85 -4.63
CA TRP C 173 0.52 37.99 -3.30
C TRP C 173 -0.51 38.60 -2.36
N SER C 174 -0.85 37.88 -1.30
CA SER C 174 -1.93 38.25 -0.38
C SER C 174 -1.69 37.53 0.95
N PRO C 175 -2.36 37.96 2.02
CA PRO C 175 -2.23 37.23 3.30
C PRO C 175 -2.54 35.75 3.17
N GLN C 176 -3.50 35.41 2.31
CA GLN C 176 -3.94 34.04 2.18
C GLN C 176 -3.06 33.21 1.25
N ASP C 177 -2.46 33.84 0.24
CA ASP C 177 -1.65 33.18 -0.78
C ASP C 177 -0.14 33.35 -0.53
N SER C 178 0.26 33.51 0.73
CA SER C 178 1.62 33.94 1.01
C SER C 178 2.46 32.88 1.69
N LEU C 179 2.77 33.12 2.97
CA LEU C 179 3.71 32.32 3.76
C LEU C 179 3.04 31.07 4.34
N TYR C 180 2.79 30.07 3.48
CA TYR C 180 2.09 28.86 3.94
C TYR C 180 2.89 28.14 5.01
N GLY C 181 4.15 27.85 4.71
CA GLY C 181 4.97 27.04 5.59
C GLY C 181 5.23 27.71 6.91
N SER C 182 5.31 29.05 6.91
CA SER C 182 5.60 29.84 8.09
C SER C 182 4.33 30.25 8.84
N ARG C 183 3.21 30.44 8.14
CA ARG C 183 1.94 30.52 8.84
C ARG C 183 1.63 29.23 9.63
N HIS C 184 1.96 28.06 9.07
CA HIS C 184 1.66 26.79 9.74
C HIS C 184 2.57 26.49 10.92
N LEU C 185 3.89 26.73 10.78
CA LEU C 185 4.87 26.32 11.80
C LEU C 185 4.85 27.27 12.97
N ALA C 186 4.50 28.53 12.74
CA ALA C 186 4.28 29.42 13.88
C ALA C 186 3.19 28.85 14.76
N ALA C 187 2.02 28.60 14.16
CA ALA C 187 0.89 28.10 14.95
C ALA C 187 1.24 26.77 15.62
N LYS C 188 1.78 25.82 14.84
CA LYS C 188 2.22 24.54 15.41
C LYS C 188 3.21 24.72 16.56
N MET C 189 4.22 25.58 16.38
CA MET C 189 5.25 25.72 17.41
C MET C 189 4.69 26.36 18.68
N ALA C 190 3.70 27.27 18.56
CA ALA C 190 3.11 27.90 19.74
C ALA C 190 2.22 26.94 20.53
N SER C 191 1.71 25.90 19.87
CA SER C 191 0.90 24.86 20.50
CA SER C 191 0.90 24.87 20.51
C SER C 191 1.71 23.61 20.81
N THR C 192 3.04 23.65 20.61
CA THR C 192 3.86 22.48 20.96
C THR C 192 4.49 22.69 22.31
N PRO C 193 4.28 21.81 23.29
CA PRO C 193 4.86 22.00 24.62
C PRO C 193 6.39 21.90 24.59
N HIS C 194 7.06 22.99 24.95
CA HIS C 194 8.52 23.01 25.04
C HIS C 194 8.96 23.62 26.37
N PRO C 195 9.84 22.96 27.12
CA PRO C 195 10.54 21.73 26.72
C PRO C 195 9.63 20.50 26.93
N PRO C 196 10.11 19.26 26.67
CA PRO C 196 9.26 18.07 26.89
C PRO C 196 8.61 18.01 28.28
N GLY C 197 9.14 18.81 29.21
CA GLY C 197 8.53 18.91 30.53
C GLY C 197 7.06 19.28 30.47
N ALA C 198 6.69 20.19 29.56
CA ALA C 198 5.29 20.54 29.31
C ALA C 198 4.60 21.17 30.52
N ARG C 199 5.31 22.05 31.22
CA ARG C 199 4.71 22.87 32.27
C ARG C 199 4.47 24.29 31.77
N GLY C 200 3.66 24.37 30.71
CA GLY C 200 3.09 25.62 30.24
C GLY C 200 3.94 26.55 29.38
N THR C 201 5.03 26.07 28.77
CA THR C 201 5.80 26.81 27.76
C THR C 201 5.86 26.01 26.48
N SER C 202 6.01 26.71 25.36
CA SER C 202 5.87 26.14 24.01
C SER C 202 7.18 26.20 23.23
N GLN C 203 7.20 25.59 22.03
CA GLN C 203 8.36 25.66 21.14
C GLN C 203 8.60 27.08 20.63
N LEU C 204 7.57 27.92 20.60
CA LEU C 204 7.79 29.33 20.32
C LEU C 204 8.55 30.01 21.45
N HIS C 205 8.25 29.64 22.70
CA HIS C 205 8.86 30.35 23.83
C HIS C 205 10.36 30.13 23.93
N GLY C 206 10.85 29.00 23.43
CA GLY C 206 12.24 28.63 23.37
C GLY C 206 12.99 29.21 22.20
N MET C 207 12.32 29.99 21.35
CA MET C 207 12.99 30.67 20.27
C MET C 207 13.67 31.88 20.87
N ASP C 208 14.99 31.86 20.87
CA ASP C 208 15.73 33.03 21.36
C ASP C 208 15.64 34.16 20.35
N LEU C 209 15.95 33.85 19.10
CA LEU C 209 16.10 34.86 18.08
C LEU C 209 15.95 34.22 16.70
N LEU C 210 15.10 34.78 15.87
CA LEU C 210 14.91 34.28 14.52
C LEU C 210 15.76 35.10 13.55
N VAL C 211 16.85 34.53 13.06
CA VAL C 211 17.67 35.21 12.07
C VAL C 211 17.24 34.70 10.70
N LEU C 212 16.39 35.48 10.04
CA LEU C 212 15.82 35.11 8.75
C LEU C 212 16.67 35.72 7.62
N LEU C 213 17.35 34.85 6.88
CA LEU C 213 18.13 35.19 5.67
C LEU C 213 17.23 35.18 4.44
N ASP C 214 17.38 36.19 3.58
CA ASP C 214 16.62 36.22 2.34
C ASP C 214 17.27 37.18 1.34
N LEU C 215 17.34 36.75 0.07
CA LEU C 215 17.75 37.60 -1.08
C LEU C 215 19.19 38.14 -1.00
N ILE C 216 20.18 37.24 -0.88
CA ILE C 216 21.51 37.69 -0.49
C ILE C 216 22.58 37.75 -1.59
N GLY C 217 22.56 36.82 -2.55
CA GLY C 217 23.70 36.61 -3.46
C GLY C 217 24.10 37.80 -4.31
N ALA C 218 23.28 38.86 -4.35
CA ALA C 218 23.56 39.96 -5.25
C ALA C 218 24.73 40.77 -4.71
N PRO C 219 25.50 41.43 -5.58
CA PRO C 219 26.59 42.28 -5.11
C PRO C 219 26.06 43.56 -4.50
N ASN C 220 26.70 43.99 -3.43
CA ASN C 220 26.42 45.24 -2.71
C ASN C 220 25.08 45.25 -2.01
N PRO C 221 24.81 44.32 -1.09
CA PRO C 221 23.56 44.39 -0.31
C PRO C 221 23.71 45.28 0.90
N THR C 222 22.71 46.12 1.15
CA THR C 222 22.66 46.90 2.38
C THR C 222 21.41 46.50 3.16
N PHE C 223 21.62 45.98 4.38
CA PHE C 223 20.55 45.49 5.23
C PHE C 223 20.20 46.56 6.25
N PRO C 224 18.95 47.06 6.29
CA PRO C 224 18.56 47.97 7.37
C PRO C 224 18.38 47.21 8.68
N ASN C 225 18.36 47.95 9.78
CA ASN C 225 17.96 47.37 11.05
C ASN C 225 16.46 47.55 11.18
N PHE C 226 15.73 46.45 11.06
CA PHE C 226 14.30 46.61 10.93
C PHE C 226 13.61 46.86 12.26
N PHE C 227 14.04 46.18 13.33
CA PHE C 227 13.23 46.15 14.54
C PHE C 227 14.03 46.64 15.73
N PRO C 228 13.48 47.56 16.52
CA PRO C 228 14.18 48.01 17.72
C PRO C 228 14.67 46.89 18.62
N ASN C 229 13.84 45.85 18.83
CA ASN C 229 14.11 44.85 19.85
C ASN C 229 15.25 43.89 19.49
N SER C 230 15.63 43.78 18.22
CA SER C 230 16.82 43.03 17.83
C SER C 230 18.00 43.97 17.45
N ALA C 231 17.89 45.26 17.76
CA ALA C 231 18.93 46.23 17.40
C ALA C 231 20.31 45.80 17.88
N ARG C 232 20.40 45.37 19.15
CA ARG C 232 21.70 45.06 19.73
C ARG C 232 22.40 43.97 18.95
N TRP C 233 21.65 43.00 18.40
CA TRP C 233 22.24 41.96 17.58
C TRP C 233 22.55 42.45 16.17
N PHE C 234 21.82 43.45 15.69
CA PHE C 234 22.25 44.06 14.45
C PHE C 234 23.58 44.81 14.68
N GLU C 235 23.72 45.49 15.81
CA GLU C 235 24.98 46.20 16.11
C GLU C 235 26.13 45.23 16.38
N ARG C 236 25.84 44.02 16.86
CA ARG C 236 26.93 43.04 16.94
C ARG C 236 27.37 42.62 15.55
N LEU C 237 26.47 42.72 14.58
CA LEU C 237 26.85 42.46 13.19
C LEU C 237 27.75 43.58 12.65
N GLN C 238 27.45 44.83 12.99
CA GLN C 238 28.34 45.92 12.57
C GLN C 238 29.76 45.69 13.10
N ALA C 239 29.89 45.42 14.40
CA ALA C 239 31.22 45.13 14.94
C ALA C 239 31.87 43.93 14.27
N ILE C 240 31.09 42.93 13.88
CA ILE C 240 31.72 41.77 13.23
C ILE C 240 32.20 42.14 11.83
N GLU C 241 31.38 42.86 11.07
CA GLU C 241 31.80 43.32 9.75
C GLU C 241 32.98 44.29 9.84
N HIS C 242 33.06 45.05 10.93
CA HIS C 242 34.14 46.02 11.08
C HIS C 242 35.48 45.32 11.29
N GLU C 243 35.56 44.41 12.27
CA GLU C 243 36.85 43.80 12.54
C GLU C 243 37.16 42.63 11.62
N LEU C 244 36.19 42.12 10.87
CA LEU C 244 36.54 41.20 9.81
C LEU C 244 37.30 41.95 8.73
N HIS C 245 36.84 43.16 8.41
CA HIS C 245 37.55 44.00 7.47
C HIS C 245 38.89 44.43 8.06
N GLU C 246 38.86 44.88 9.32
CA GLU C 246 40.06 45.37 9.99
C GLU C 246 41.15 44.32 10.07
N LEU C 247 40.79 43.05 10.15
CA LEU C 247 41.78 41.97 10.10
C LEU C 247 42.09 41.54 8.67
N GLY C 248 41.48 42.17 7.68
CA GLY C 248 41.73 41.78 6.30
C GLY C 248 41.26 40.38 6.01
N LEU C 249 40.06 40.03 6.49
CA LEU C 249 39.46 38.72 6.29
C LEU C 249 38.25 38.75 5.36
N LEU C 250 37.82 39.94 4.94
CA LEU C 250 36.80 40.12 3.91
C LEU C 250 37.48 40.43 2.58
N LYS C 251 36.89 39.93 1.50
CA LYS C 251 37.42 40.18 0.16
C LYS C 251 36.54 41.19 -0.56
N ASP C 252 37.17 42.11 -1.28
CA ASP C 252 36.51 43.18 -2.03
C ASP C 252 35.46 43.90 -1.19
N HIS C 253 35.81 44.15 0.08
CA HIS C 253 34.93 44.83 1.02
C HIS C 253 35.48 46.22 1.32
N SER C 254 34.61 47.24 1.25
CA SER C 254 34.97 48.60 1.59
C SER C 254 34.09 49.12 2.71
N LEU C 255 34.69 49.86 3.64
CA LEU C 255 33.98 50.42 4.78
C LEU C 255 33.13 51.62 4.43
N GLU C 256 33.23 52.13 3.20
CA GLU C 256 32.29 53.15 2.71
C GLU C 256 31.07 52.51 2.07
N GLY C 257 31.21 51.29 1.55
CA GLY C 257 30.06 50.53 1.10
C GLY C 257 29.80 49.32 1.97
N ARG C 258 29.27 49.53 3.17
CA ARG C 258 29.12 48.43 4.11
C ARG C 258 27.77 47.72 3.93
N TYR C 259 27.68 46.53 4.51
CA TYR C 259 26.44 45.76 4.41
C TYR C 259 25.42 46.21 5.44
N PHE C 260 25.82 46.26 6.70
CA PHE C 260 24.95 46.60 7.81
C PHE C 260 25.18 48.07 8.14
N GLN C 261 24.31 48.92 7.62
CA GLN C 261 24.38 50.33 7.92
C GLN C 261 23.22 50.69 8.84
N ASN C 262 23.48 51.60 9.78
CA ASN C 262 22.62 51.83 10.93
C ASN C 262 21.17 52.16 10.54
N TYR C 263 20.92 52.74 9.37
CA TYR C 263 19.61 53.29 9.11
C TYR C 263 18.54 52.22 9.16
N SER C 264 17.43 52.59 9.68
CA SER C 264 16.36 51.65 9.81
C SER C 264 15.22 52.04 8.85
N TYR C 265 14.15 51.23 8.79
CA TYR C 265 13.18 51.12 7.69
C TYR C 265 11.81 51.51 8.22
N GLY C 266 11.02 52.24 7.42
CA GLY C 266 9.76 52.77 7.89
C GLY C 266 8.60 51.83 7.66
N GLY C 267 8.51 51.23 6.47
CA GLY C 267 7.46 50.27 6.17
C GLY C 267 7.79 48.90 6.71
N VAL C 268 7.04 47.91 6.24
CA VAL C 268 7.25 46.52 6.64
C VAL C 268 7.30 45.66 5.38
N ILE C 269 8.19 44.67 5.39
CA ILE C 269 8.30 43.69 4.32
C ILE C 269 7.71 42.38 4.81
N GLN C 270 6.87 41.77 3.98
CA GLN C 270 6.24 40.50 4.31
C GLN C 270 7.21 39.36 4.05
N ASP C 271 7.49 38.56 5.08
CA ASP C 271 8.35 37.39 4.90
C ASP C 271 7.99 36.34 5.93
N ASP C 272 8.66 35.18 5.83
CA ASP C 272 8.37 34.05 6.69
C ASP C 272 8.46 34.39 8.18
N HIS C 273 9.14 35.50 8.50
CA HIS C 273 9.27 35.98 9.87
C HIS C 273 7.97 36.57 10.40
N ILE C 274 7.07 36.98 9.52
CA ILE C 274 5.89 37.73 9.95
C ILE C 274 5.04 36.91 10.92
N PRO C 275 4.74 35.62 10.65
CA PRO C 275 3.96 34.84 11.63
C PRO C 275 4.62 34.70 12.99
N PHE C 276 5.96 34.81 13.07
CA PHE C 276 6.58 34.70 14.38
C PHE C 276 6.74 36.06 15.03
N LEU C 277 6.95 37.10 14.23
CA LEU C 277 6.95 38.45 14.77
C LEU C 277 5.60 38.77 15.41
N ARG C 278 4.52 38.28 14.81
CA ARG C 278 3.22 38.62 15.37
C ARG C 278 2.92 37.84 16.64
N ARG C 279 3.83 36.99 17.10
CA ARG C 279 3.69 36.28 18.36
C ARG C 279 4.76 36.67 19.37
N GLY C 280 5.48 37.78 19.13
CA GLY C 280 6.57 38.23 19.98
C GLY C 280 7.86 37.43 19.95
N VAL C 281 8.21 36.87 18.80
CA VAL C 281 9.54 36.29 18.58
C VAL C 281 10.48 37.41 18.12
N PRO C 282 11.63 37.59 18.77
CA PRO C 282 12.60 38.63 18.32
C PRO C 282 13.18 38.27 16.96
N VAL C 283 13.01 39.17 15.99
CA VAL C 283 13.35 38.92 14.59
C VAL C 283 14.61 39.70 14.22
N LEU C 284 15.56 39.04 13.54
CA LEU C 284 16.66 39.70 12.82
C LEU C 284 16.50 39.40 11.33
N HIS C 285 15.89 40.32 10.59
CA HIS C 285 15.52 40.05 9.21
C HIS C 285 16.67 40.53 8.31
N LEU C 286 17.58 39.61 7.99
CA LEU C 286 18.74 39.87 7.14
C LEU C 286 18.32 39.84 5.67
N ILE C 287 17.42 40.75 5.33
CA ILE C 287 17.04 40.97 3.93
C ILE C 287 17.62 42.32 3.49
N PRO C 288 18.14 42.43 2.27
CA PRO C 288 18.63 43.72 1.79
C PRO C 288 17.48 44.57 1.29
N SER C 289 17.68 45.88 1.42
CA SER C 289 16.81 46.88 0.80
C SER C 289 17.71 47.93 0.17
N PRO C 290 17.69 48.10 -1.15
CA PRO C 290 16.74 47.46 -2.06
C PRO C 290 16.98 45.96 -2.34
N PHE C 291 15.98 45.34 -2.95
CA PHE C 291 16.08 43.95 -3.38
C PHE C 291 17.10 43.84 -4.51
N PRO C 292 17.59 42.62 -4.78
CA PRO C 292 18.36 42.42 -6.00
C PRO C 292 17.58 42.84 -7.23
N GLU C 293 18.28 43.50 -8.17
CA GLU C 293 17.60 43.92 -9.40
C GLU C 293 17.05 42.71 -10.17
N VAL C 294 17.55 41.51 -9.90
CA VAL C 294 17.02 40.31 -10.56
C VAL C 294 15.75 39.80 -9.90
N TRP C 295 15.38 40.33 -8.73
CA TRP C 295 14.29 39.78 -7.92
C TRP C 295 13.06 39.49 -8.76
N HIS C 296 12.58 38.24 -8.68
CA HIS C 296 11.38 37.80 -9.39
C HIS C 296 11.53 38.04 -10.89
N THR C 297 12.74 37.78 -11.40
CA THR C 297 13.07 37.82 -12.82
C THR C 297 13.81 36.54 -13.15
N MET C 298 13.75 36.14 -14.41
CA MET C 298 14.43 34.90 -14.75
C MET C 298 15.95 35.07 -14.82
N ASP C 299 16.45 36.30 -14.74
CA ASP C 299 17.88 36.54 -14.58
C ASP C 299 18.39 36.19 -13.18
N ASP C 300 17.50 36.04 -12.21
CA ASP C 300 17.96 35.60 -10.89
C ASP C 300 18.58 34.22 -10.99
N ASN C 301 19.91 34.15 -11.13
CA ASN C 301 20.55 32.90 -11.49
C ASN C 301 21.96 32.87 -10.93
N GLU C 302 22.62 31.72 -11.11
CA GLU C 302 23.98 31.54 -10.60
C GLU C 302 24.95 32.56 -11.18
N GLU C 303 24.75 33.01 -12.43
CA GLU C 303 25.69 33.92 -13.07
C GLU C 303 25.66 35.34 -12.47
N ASN C 304 24.56 35.74 -11.85
CA ASN C 304 24.44 37.07 -11.25
C ASN C 304 24.62 37.03 -9.73
N LEU C 305 25.35 36.04 -9.23
CA LEU C 305 25.74 35.99 -7.83
C LEU C 305 27.14 36.58 -7.69
N ASP C 306 27.40 37.18 -6.54
CA ASP C 306 28.73 37.71 -6.22
C ASP C 306 29.40 36.72 -5.29
N GLU C 307 30.36 35.97 -5.82
CA GLU C 307 31.00 34.92 -5.04
C GLU C 307 31.70 35.47 -3.80
N SER C 308 32.27 36.67 -3.90
CA SER C 308 33.06 37.19 -2.78
C SER C 308 32.16 37.79 -1.70
N THR C 309 31.10 38.50 -2.10
CA THR C 309 30.13 39.00 -1.13
C THR C 309 29.56 37.88 -0.26
N ILE C 310 29.17 36.76 -0.89
CA ILE C 310 28.60 35.64 -0.13
C ILE C 310 29.60 35.13 0.90
N ASP C 311 30.86 34.96 0.50
CA ASP C 311 31.87 34.49 1.44
C ASP C 311 32.05 35.48 2.58
N ASN C 312 31.97 36.79 2.29
CA ASN C 312 32.07 37.80 3.34
C ASN C 312 30.97 37.62 4.36
N LEU C 313 29.73 37.44 3.91
CA LEU C 313 28.61 37.29 4.85
C LEU C 313 28.64 35.93 5.54
N ASN C 314 29.02 34.87 4.83
CA ASN C 314 29.25 33.60 5.50
C ASN C 314 30.12 33.81 6.73
N LYS C 315 31.28 34.42 6.53
CA LYS C 315 32.21 34.70 7.62
C LYS C 315 31.55 35.55 8.69
N ILE C 316 30.81 36.58 8.28
CA ILE C 316 30.11 37.43 9.25
C ILE C 316 29.11 36.62 10.07
N LEU C 317 28.30 35.77 9.40
CA LEU C 317 27.28 34.97 10.09
C LEU C 317 27.94 33.92 10.98
N GLN C 318 29.05 33.34 10.53
CA GLN C 318 29.71 32.30 11.32
C GLN C 318 30.33 32.84 12.61
N VAL C 319 30.80 34.09 12.60
CA VAL C 319 31.29 34.69 13.83
C VAL C 319 30.13 35.03 14.75
N PHE C 320 29.03 35.54 14.20
CA PHE C 320 27.86 35.87 15.02
C PHE C 320 27.36 34.65 15.78
N VAL C 321 27.23 33.51 15.10
CA VAL C 321 26.60 32.34 15.73
C VAL C 321 27.55 31.66 16.71
N LEU C 322 28.87 31.76 16.49
CA LEU C 322 29.77 31.28 17.54
C LEU C 322 29.79 32.22 18.72
N GLU C 323 29.47 33.49 18.51
CA GLU C 323 29.39 34.41 19.64
C GLU C 323 28.09 34.21 20.41
N TYR C 324 26.95 34.20 19.71
CA TYR C 324 25.68 33.96 20.37
C TYR C 324 25.70 32.71 21.24
N LEU C 325 26.23 31.63 20.70
CA LEU C 325 26.25 30.36 21.42
C LEU C 325 27.41 30.25 22.41
N HIS C 326 28.16 31.33 22.62
CA HIS C 326 29.35 31.35 23.48
C HIS C 326 30.37 30.30 23.06
N LEU C 327 30.48 30.05 21.76
CA LEU C 327 31.46 29.07 21.28
C LEU C 327 32.68 29.81 20.72
N ALA D 1 -12.03 10.42 -5.47
CA ALA D 1 -13.26 9.61 -5.39
C ALA D 1 -13.28 8.75 -4.14
N TRP D 2 -12.10 8.40 -3.64
CA TRP D 2 -12.04 7.53 -2.49
C TRP D 2 -12.54 8.12 -1.16
N PRO D 3 -12.60 9.45 -0.96
CA PRO D 3 -13.21 9.95 0.27
C PRO D 3 -14.66 9.54 0.42
N GLU D 4 -15.34 9.20 -0.68
CA GLU D 4 -16.75 8.82 -0.65
C GLU D 4 -16.96 7.32 -0.71
N GLU D 5 -15.90 6.53 -0.77
CA GLU D 5 -16.06 5.08 -0.63
C GLU D 5 -16.75 4.74 0.67
N LYS D 6 -16.43 5.49 1.73
CA LYS D 6 -17.08 5.30 3.02
C LYS D 6 -18.62 5.29 2.89
N ASN D 7 -19.17 6.11 1.99
CA ASN D 7 -20.61 6.30 1.89
C ASN D 7 -21.33 5.05 1.39
N TYR D 8 -20.61 4.13 0.75
CA TYR D 8 -21.15 2.97 0.09
C TYR D 8 -20.64 1.64 0.65
N HIS D 9 -19.59 1.65 1.47
CA HIS D 9 -19.03 0.45 2.07
C HIS D 9 -20.16 -0.47 2.59
N GLN D 10 -20.02 -1.76 2.31
CA GLN D 10 -20.97 -2.74 2.82
C GLN D 10 -20.24 -3.79 3.66
N PRO D 11 -20.84 -4.24 4.74
CA PRO D 11 -20.20 -5.30 5.52
C PRO D 11 -20.18 -6.62 4.77
N ALA D 12 -19.47 -7.57 5.38
CA ALA D 12 -19.57 -8.99 5.08
C ALA D 12 -19.99 -9.65 6.39
N ILE D 13 -21.23 -10.13 6.47
CA ILE D 13 -21.79 -10.57 7.74
C ILE D 13 -21.28 -11.96 8.08
N LEU D 14 -20.81 -12.13 9.32
CA LEU D 14 -20.21 -13.40 9.72
C LEU D 14 -21.28 -14.47 9.92
N ASN D 15 -20.88 -15.74 9.75
CA ASN D 15 -21.81 -16.84 9.96
C ASN D 15 -21.93 -17.21 11.44
N SER D 16 -22.83 -18.17 11.73
CA SER D 16 -23.18 -18.44 13.12
C SER D 16 -22.07 -19.16 13.88
N SER D 17 -21.32 -20.05 13.23
CA SER D 17 -20.17 -20.66 13.89
C SER D 17 -19.05 -19.63 14.15
N ALA D 18 -18.80 -18.74 13.19
CA ALA D 18 -17.87 -17.65 13.45
C ALA D 18 -18.32 -16.84 14.67
N LEU D 19 -19.62 -16.57 14.78
CA LEU D 19 -20.13 -15.87 15.95
C LEU D 19 -19.95 -16.69 17.22
N ARG D 20 -19.89 -18.02 17.10
CA ARG D 20 -19.53 -18.84 18.24
C ARG D 20 -18.05 -18.71 18.55
N GLN D 21 -17.23 -18.46 17.52
CA GLN D 21 -15.78 -18.30 17.72
C GLN D 21 -15.44 -16.98 18.41
N ILE D 22 -16.13 -15.89 18.05
CA ILE D 22 -15.83 -14.58 18.63
C ILE D 22 -16.34 -14.47 20.07
N ALA D 23 -17.39 -15.21 20.44
CA ALA D 23 -17.93 -15.08 21.79
C ALA D 23 -17.08 -15.79 22.83
N GLU D 24 -16.42 -16.87 22.46
CA GLU D 24 -15.51 -17.53 23.38
C GLU D 24 -14.14 -16.86 23.40
N GLY D 25 -13.73 -16.27 22.28
CA GLY D 25 -12.42 -15.66 22.15
C GLY D 25 -12.28 -14.37 22.90
N THR D 26 -13.31 -14.00 23.67
CA THR D 26 -13.32 -12.81 24.50
C THR D 26 -13.68 -13.21 25.91
N SER D 27 -13.09 -12.56 26.90
CA SER D 27 -13.48 -12.84 28.29
C SER D 27 -13.33 -11.60 29.16
N ILE D 28 -14.47 -11.14 29.68
CA ILE D 28 -14.53 -10.00 30.59
C ILE D 28 -13.65 -10.21 31.81
N SER D 29 -13.32 -11.46 32.13
CA SER D 29 -12.49 -11.73 33.30
C SER D 29 -11.08 -11.21 33.08
N GLU D 30 -10.44 -11.61 31.98
CA GLU D 30 -9.13 -11.07 31.63
C GLU D 30 -9.17 -9.56 31.39
N MET D 31 -10.23 -9.08 30.71
CA MET D 31 -10.40 -7.64 30.52
C MET D 31 -10.45 -6.91 31.86
N TRP D 32 -11.18 -7.46 32.82
CA TRP D 32 -11.34 -6.84 34.13
C TRP D 32 -10.01 -6.66 34.84
N GLN D 33 -9.21 -7.72 34.86
CA GLN D 33 -7.96 -7.73 35.64
C GLN D 33 -6.84 -7.01 34.90
N ASN D 34 -6.64 -7.35 33.62
CA ASN D 34 -5.45 -6.93 32.89
C ASN D 34 -5.58 -5.59 32.18
N ASP D 35 -6.78 -5.21 31.74
CA ASP D 35 -6.98 -4.01 30.92
C ASP D 35 -7.72 -2.89 31.63
N LEU D 36 -8.74 -3.20 32.44
CA LEU D 36 -9.60 -2.18 33.05
C LEU D 36 -9.09 -1.70 34.40
N GLN D 37 -8.65 -2.63 35.26
CA GLN D 37 -8.35 -2.28 36.64
C GLN D 37 -7.23 -1.26 36.81
N PRO D 38 -6.13 -1.29 36.04
CA PRO D 38 -5.07 -0.28 36.22
C PRO D 38 -5.51 1.13 35.91
N LEU D 39 -6.57 1.32 35.15
CA LEU D 39 -6.99 2.68 34.89
C LEU D 39 -7.95 3.20 35.96
N LEU D 40 -8.14 2.47 37.07
CA LEU D 40 -9.13 2.99 38.01
C LEU D 40 -8.43 3.96 38.93
N ILE D 41 -7.81 5.02 38.40
CA ILE D 41 -6.98 5.91 39.20
C ILE D 41 -7.28 7.35 38.81
N GLU D 42 -6.91 8.26 39.69
CA GLU D 42 -6.93 9.69 39.39
C GLU D 42 -6.09 9.97 38.14
N ARG D 43 -6.71 10.48 37.07
CA ARG D 43 -5.96 10.69 35.83
C ARG D 43 -6.46 11.91 35.03
N TYR D 44 -6.33 13.07 35.61
CA TYR D 44 -6.67 14.27 34.87
C TYR D 44 -5.48 14.67 34.01
N PRO D 45 -5.68 15.51 32.99
CA PRO D 45 -4.57 15.85 32.09
C PRO D 45 -3.34 16.34 32.82
N GLY D 46 -2.17 15.93 32.34
CA GLY D 46 -0.93 16.36 32.93
C GLY D 46 -0.70 15.84 34.33
N SER D 47 -1.45 14.81 34.73
CA SER D 47 -1.32 14.20 36.05
C SER D 47 -0.42 12.98 35.99
N PRO D 48 0.05 12.50 37.14
CA PRO D 48 0.81 11.25 37.13
C PRO D 48 -0.01 10.05 36.71
N GLY D 49 -1.28 9.95 37.14
CA GLY D 49 -2.11 8.85 36.69
C GLY D 49 -2.35 8.91 35.20
N SER D 50 -2.43 10.13 34.66
CA SER D 50 -2.62 10.27 33.22
C SER D 50 -1.45 9.67 32.44
N TYR D 51 -0.22 9.90 32.92
CA TYR D 51 0.96 9.30 32.31
C TYR D 51 0.96 7.78 32.50
N ALA D 52 0.72 7.32 33.73
CA ALA D 52 0.59 5.89 33.98
C ALA D 52 -0.55 5.28 33.17
N ALA D 53 -1.66 6.00 33.03
CA ALA D 53 -2.77 5.49 32.21
C ALA D 53 -2.33 5.34 30.77
N ARG D 54 -1.61 6.32 30.25
CA ARG D 54 -1.21 6.32 28.85
C ARG D 54 -0.22 5.21 28.55
N GLN D 55 0.67 4.89 29.48
CA GLN D 55 1.67 3.86 29.22
C GLN D 55 1.12 2.47 29.49
N HIS D 56 0.11 2.34 30.35
CA HIS D 56 -0.65 1.10 30.43
C HIS D 56 -1.23 0.77 29.06
N ILE D 57 -1.91 1.73 28.45
CA ILE D 57 -2.54 1.53 27.14
C ILE D 57 -1.53 1.01 26.14
N MET D 58 -0.44 1.75 25.95
CA MET D 58 0.51 1.42 24.90
C MET D 58 1.22 0.11 25.16
N GLN D 59 1.58 -0.15 26.42
CA GLN D 59 2.18 -1.43 26.77
C GLN D 59 1.31 -2.58 26.29
N ARG D 60 0.03 -2.55 26.66
CA ARG D 60 -0.89 -3.60 26.24
C ARG D 60 -1.00 -3.64 24.71
N ILE D 61 -0.95 -2.47 24.07
CA ILE D 61 -1.04 -2.44 22.61
C ILE D 61 0.21 -3.01 21.94
N GLN D 62 1.37 -2.93 22.62
CA GLN D 62 2.57 -3.53 22.05
C GLN D 62 2.78 -4.97 22.49
N ARG D 63 2.07 -5.43 23.51
CA ARG D 63 2.06 -6.86 23.81
C ARG D 63 1.56 -7.64 22.61
N LEU D 64 0.60 -7.09 21.88
CA LEU D 64 -0.11 -7.80 20.82
C LEU D 64 0.80 -8.08 19.63
N GLN D 65 0.37 -9.03 18.79
CA GLN D 65 1.17 -9.42 17.63
C GLN D 65 0.86 -8.61 16.38
N ALA D 66 -0.34 -8.04 16.25
CA ALA D 66 -0.61 -7.13 15.14
C ALA D 66 0.19 -5.86 15.32
N ASP D 67 0.84 -5.41 14.24
CA ASP D 67 1.81 -4.31 14.29
C ASP D 67 1.09 -2.97 14.32
N TRP D 68 0.62 -2.61 15.51
CA TRP D 68 0.03 -1.30 15.74
C TRP D 68 1.12 -0.23 15.72
N VAL D 69 0.90 0.83 14.94
CA VAL D 69 1.79 2.00 14.94
C VAL D 69 1.23 3.00 15.93
N LEU D 70 1.87 3.09 17.09
CA LEU D 70 1.48 4.07 18.10
C LEU D 70 2.12 5.42 17.84
N GLU D 71 1.35 6.49 18.07
CA GLU D 71 1.86 7.84 18.07
C GLU D 71 1.15 8.60 19.18
N ILE D 72 1.92 9.33 19.98
CA ILE D 72 1.38 10.23 20.99
C ILE D 72 1.41 11.65 20.43
N ASP D 73 0.27 12.32 20.51
CA ASP D 73 0.06 13.66 19.97
C ASP D 73 -0.09 14.60 21.17
N THR D 74 1.06 15.10 21.63
CA THR D 74 1.14 16.07 22.72
C THR D 74 1.02 17.47 22.15
N PHE D 75 0.41 18.36 22.92
CA PHE D 75 0.06 19.68 22.44
C PHE D 75 -0.30 20.51 23.65
N LEU D 76 -0.29 21.83 23.48
CA LEU D 76 -0.71 22.78 24.49
C LEU D 76 -2.03 23.43 24.07
N SER D 77 -2.82 23.82 25.06
CA SER D 77 -3.92 24.73 24.77
C SER D 77 -4.23 25.48 26.04
N GLN D 78 -4.85 26.64 25.89
CA GLN D 78 -5.25 27.40 27.05
C GLN D 78 -6.43 26.73 27.74
N THR D 79 -6.46 26.81 29.06
CA THR D 79 -7.58 26.35 29.87
C THR D 79 -7.93 27.49 30.81
N PRO D 80 -9.07 27.41 31.50
CA PRO D 80 -9.36 28.45 32.51
C PRO D 80 -8.27 28.62 33.55
N TYR D 81 -7.47 27.59 33.79
CA TYR D 81 -6.29 27.68 34.65
C TYR D 81 -5.03 27.93 33.81
N GLY D 82 -3.94 27.35 34.18
CA GLY D 82 -2.73 27.63 33.45
C GLY D 82 -2.50 26.65 32.32
N TYR D 83 -1.77 27.09 31.29
CA TYR D 83 -1.33 26.24 30.19
C TYR D 83 -0.99 24.81 30.66
N ARG D 84 -1.80 23.86 30.20
CA ARG D 84 -1.59 22.46 30.49
C ARG D 84 -1.25 21.73 29.19
N SER D 85 -0.70 20.54 29.35
CA SER D 85 -0.36 19.67 28.25
C SER D 85 -1.37 18.55 28.16
N PHE D 86 -1.73 18.17 26.94
CA PHE D 86 -2.66 17.08 26.67
C PHE D 86 -1.96 16.19 25.68
N SER D 87 -2.10 14.88 25.87
CA SER D 87 -1.45 13.90 25.01
C SER D 87 -2.47 12.86 24.57
N ASN D 88 -2.99 13.02 23.36
CA ASN D 88 -3.86 12.01 22.77
C ASN D 88 -3.08 10.76 22.43
N ILE D 89 -3.72 9.60 22.58
CA ILE D 89 -3.14 8.33 22.14
C ILE D 89 -3.81 7.96 20.84
N ILE D 90 -3.02 7.44 19.89
CA ILE D 90 -3.54 7.02 18.60
C ILE D 90 -2.81 5.74 18.20
N SER D 91 -3.54 4.63 18.15
CA SER D 91 -2.98 3.35 17.73
C SER D 91 -3.54 3.02 16.35
N THR D 92 -2.68 2.66 15.42
CA THR D 92 -3.14 2.45 14.06
C THR D 92 -2.49 1.23 13.45
N LEU D 93 -3.28 0.48 12.69
CA LEU D 93 -2.81 -0.58 11.82
C LEU D 93 -2.90 -0.09 10.38
N ASN D 94 -1.95 -0.51 9.57
CA ASN D 94 -1.85 -0.03 8.21
C ASN D 94 -1.89 1.50 8.20
N PRO D 95 -0.89 2.19 8.75
CA PRO D 95 -0.88 3.67 8.64
C PRO D 95 -0.87 4.14 7.21
N THR D 96 -0.39 3.33 6.27
CA THR D 96 -0.39 3.70 4.87
C THR D 96 -1.76 3.61 4.23
N ALA D 97 -2.72 2.96 4.88
CA ALA D 97 -4.04 2.74 4.30
C ALA D 97 -4.87 4.04 4.21
N LYS D 98 -5.57 4.20 3.09
CA LYS D 98 -6.30 5.44 2.84
C LYS D 98 -7.49 5.63 3.79
N ARG D 99 -8.26 4.56 4.07
CA ARG D 99 -9.47 4.63 4.88
C ARG D 99 -9.28 3.87 6.18
N HIS D 100 -9.79 4.42 7.29
CA HIS D 100 -9.71 3.74 8.58
C HIS D 100 -11.07 3.81 9.28
N LEU D 101 -11.48 2.67 9.83
CA LEU D 101 -12.55 2.64 10.81
C LEU D 101 -11.94 3.01 12.14
N VAL D 102 -12.60 3.90 12.87
CA VAL D 102 -12.04 4.51 14.06
C VAL D 102 -13.01 4.30 15.22
N LEU D 103 -12.56 3.52 16.22
CA LEU D 103 -13.22 3.37 17.51
C LEU D 103 -12.55 4.32 18.48
N ALA D 104 -13.32 5.19 19.12
CA ALA D 104 -12.76 6.29 19.90
C ALA D 104 -13.38 6.39 21.28
N CYS D 105 -12.55 6.85 22.21
CA CYS D 105 -12.83 7.06 23.63
C CYS D 105 -11.84 8.12 24.11
N HIS D 106 -12.13 8.73 25.27
CA HIS D 106 -11.23 9.65 25.96
C HIS D 106 -10.68 8.95 27.21
N TYR D 107 -9.41 9.17 27.55
CA TYR D 107 -8.82 8.45 28.68
C TYR D 107 -8.62 9.32 29.91
N ASP D 108 -9.09 10.55 29.90
CA ASP D 108 -8.96 11.39 31.08
C ASP D 108 -10.14 11.24 32.02
N SER D 109 -9.88 11.45 33.30
CA SER D 109 -10.94 11.64 34.26
C SER D 109 -11.05 13.12 34.61
N LYS D 110 -12.13 13.46 35.29
CA LYS D 110 -12.46 14.83 35.65
C LYS D 110 -12.03 15.13 37.07
N TYR D 111 -11.37 16.26 37.26
CA TYR D 111 -10.88 16.63 38.58
C TYR D 111 -12.04 17.00 39.51
N PHE D 112 -12.09 16.34 40.66
CA PHE D 112 -13.05 16.67 41.71
C PHE D 112 -12.29 16.81 43.02
N SER D 113 -12.93 17.48 43.98
CA SER D 113 -12.33 17.67 45.29
C SER D 113 -12.17 16.33 46.01
N ASN D 116 -15.69 13.60 49.33
CA ASN D 116 -15.31 13.46 50.72
C ASN D 116 -13.98 12.68 50.87
N ASN D 117 -14.10 11.37 51.13
CA ASN D 117 -12.97 10.47 51.30
C ASN D 117 -12.85 9.48 50.14
N ARG D 118 -13.28 9.90 48.94
CA ARG D 118 -13.34 9.04 47.77
C ARG D 118 -12.89 9.82 46.56
N VAL D 119 -12.23 9.14 45.63
CA VAL D 119 -11.64 9.76 44.46
C VAL D 119 -12.44 9.38 43.23
N PHE D 120 -12.55 10.31 42.28
CA PHE D 120 -13.33 10.11 41.06
C PHE D 120 -12.45 9.38 40.04
N VAL D 121 -12.85 8.14 39.71
CA VAL D 121 -12.11 7.33 38.74
C VAL D 121 -12.82 7.19 37.41
N GLY D 122 -14.04 7.69 37.28
CA GLY D 122 -14.74 7.63 36.01
C GLY D 122 -14.78 6.23 35.43
N ALA D 123 -15.33 5.27 36.19
CA ALA D 123 -15.36 3.88 35.74
C ALA D 123 -16.00 3.78 34.37
N THR D 124 -17.17 4.40 34.21
CA THR D 124 -17.87 4.42 32.94
C THR D 124 -17.43 5.60 32.10
N ASP D 125 -17.21 6.73 32.76
CA ASP D 125 -16.69 7.92 32.12
C ASP D 125 -15.28 7.61 31.64
N SER D 126 -15.18 6.79 30.59
CA SER D 126 -13.99 6.43 29.86
C SER D 126 -13.26 5.18 30.28
N ALA D 127 -13.23 4.85 31.56
CA ALA D 127 -12.36 3.76 31.99
C ALA D 127 -12.82 2.43 31.40
N VAL D 128 -14.12 2.08 31.54
CA VAL D 128 -14.62 0.87 30.90
C VAL D 128 -14.49 0.93 29.40
N PRO D 129 -14.93 1.99 28.71
CA PRO D 129 -14.74 2.03 27.25
C PRO D 129 -13.29 1.89 26.79
N CYS D 130 -12.31 2.48 27.50
CA CYS D 130 -10.91 2.30 27.10
C CYS D 130 -10.46 0.87 27.23
N ALA D 131 -10.88 0.20 28.30
CA ALA D 131 -10.59 -1.22 28.44
C ALA D 131 -11.28 -2.04 27.37
N MET D 132 -12.53 -1.69 27.05
CA MET D 132 -13.25 -2.45 26.05
C MET D 132 -12.57 -2.34 24.70
N MET D 133 -11.96 -1.19 24.44
CA MET D 133 -11.21 -1.02 23.20
C MET D 133 -9.92 -1.84 23.22
N LEU D 134 -9.29 -1.98 24.39
CA LEU D 134 -8.10 -2.80 24.50
C LEU D 134 -8.39 -4.27 24.23
N GLU D 135 -9.39 -4.82 24.93
CA GLU D 135 -9.77 -6.23 24.76
C GLU D 135 -10.04 -6.56 23.30
N LEU D 136 -10.85 -5.73 22.64
CA LEU D 136 -11.14 -5.96 21.23
C LEU D 136 -9.86 -6.18 20.42
N ALA D 137 -8.79 -5.45 20.76
CA ALA D 137 -7.53 -5.67 20.08
C ALA D 137 -6.90 -6.99 20.49
N ARG D 138 -6.91 -7.30 21.78
CA ARG D 138 -6.38 -8.59 22.20
C ARG D 138 -7.18 -9.75 21.63
N ALA D 139 -8.51 -9.65 21.64
CA ALA D 139 -9.33 -10.77 21.16
C ALA D 139 -9.16 -10.99 19.67
N LEU D 140 -9.32 -9.92 18.88
CA LEU D 140 -9.25 -10.00 17.43
C LEU D 140 -7.81 -9.99 16.91
N ASP D 141 -6.82 -10.04 17.81
CA ASP D 141 -5.42 -9.97 17.43
C ASP D 141 -5.11 -10.91 16.27
N LYS D 142 -5.49 -12.19 16.44
CA LYS D 142 -5.25 -13.20 15.41
C LYS D 142 -5.90 -12.82 14.10
N LYS D 143 -7.01 -12.08 14.17
CA LYS D 143 -7.72 -11.64 12.97
C LYS D 143 -7.12 -10.36 12.38
N LEU D 144 -6.58 -9.48 13.24
CA LEU D 144 -5.95 -8.25 12.77
C LEU D 144 -4.59 -8.48 12.14
N LEU D 145 -3.81 -9.45 12.62
CA LEU D 145 -2.53 -9.76 12.01
C LEU D 145 -2.68 -10.04 10.51
N SER D 146 -3.89 -10.40 10.08
CA SER D 146 -4.17 -10.61 8.67
C SER D 146 -4.01 -9.34 7.85
N LEU D 147 -4.13 -8.16 8.47
CA LEU D 147 -4.00 -6.91 7.74
C LEU D 147 -2.56 -6.51 7.47
N LYS D 148 -1.60 -7.03 8.24
CA LYS D 148 -0.20 -6.77 7.95
C LYS D 148 0.14 -7.21 6.53
N THR D 149 -0.15 -8.47 6.20
CA THR D 149 0.04 -9.00 4.87
C THR D 149 -1.07 -8.47 3.96
N VAL D 150 -0.68 -7.93 2.80
CA VAL D 150 -1.67 -7.35 1.89
C VAL D 150 -1.68 -8.06 0.53
N PRO D 155 -10.62 -3.74 -0.53
CA PRO D 155 -10.61 -2.32 -0.14
C PRO D 155 -9.31 -1.92 0.59
N ASP D 156 -9.15 -0.63 0.86
CA ASP D 156 -7.97 -0.09 1.54
C ASP D 156 -8.39 0.46 2.89
N LEU D 157 -8.78 -0.45 3.79
CA LEU D 157 -9.42 -0.08 5.05
C LEU D 157 -8.85 -0.89 6.20
N SER D 158 -8.54 -0.24 7.31
CA SER D 158 -8.02 -0.93 8.50
C SER D 158 -8.52 -0.20 9.74
N LEU D 159 -7.96 -0.54 10.91
CA LEU D 159 -8.52 -0.09 12.18
C LEU D 159 -7.65 0.98 12.84
N GLN D 160 -8.30 1.92 13.53
CA GLN D 160 -7.57 2.92 14.27
C GLN D 160 -8.20 3.14 15.64
N LEU D 161 -7.34 3.20 16.65
CA LEU D 161 -7.71 3.45 18.04
C LEU D 161 -7.27 4.85 18.44
N ILE D 162 -8.17 5.63 19.04
CA ILE D 162 -7.89 6.98 19.53
C ILE D 162 -8.36 7.07 20.97
N PHE D 163 -7.45 7.43 21.87
CA PHE D 163 -7.69 7.68 23.29
C PHE D 163 -7.44 9.17 23.55
N PHE D 164 -8.46 10.00 23.41
CA PHE D 164 -8.29 11.45 23.55
C PHE D 164 -7.89 11.82 24.98
N ASP D 165 -7.15 12.92 25.11
CA ASP D 165 -6.95 13.51 26.42
C ASP D 165 -7.91 14.68 26.62
N GLY D 166 -8.12 15.03 27.89
CA GLY D 166 -8.84 16.26 28.26
C GLY D 166 -10.22 16.46 27.65
N GLU D 167 -11.04 15.41 27.62
CA GLU D 167 -12.45 15.59 27.30
C GLU D 167 -13.14 16.47 28.34
N GLU D 168 -12.79 16.32 29.60
CA GLU D 168 -13.58 16.86 30.70
C GLU D 168 -13.36 18.36 30.90
N ALA D 169 -14.42 19.02 31.36
CA ALA D 169 -14.28 20.40 31.78
C ALA D 169 -13.34 20.47 32.98
N PHE D 170 -12.48 21.52 32.98
CA PHE D 170 -11.62 21.84 34.11
C PHE D 170 -12.37 22.60 35.18
N LEU D 171 -13.26 23.52 34.77
CA LEU D 171 -13.95 24.38 35.72
C LEU D 171 -15.46 24.35 35.55
N HIS D 172 -15.92 24.65 34.34
CA HIS D 172 -17.35 24.80 34.07
C HIS D 172 -17.51 24.54 32.58
N TRP D 173 -18.39 23.59 32.25
CA TRP D 173 -18.43 23.02 30.91
C TRP D 173 -18.90 24.08 29.93
N SER D 174 -18.08 24.37 28.92
CA SER D 174 -18.32 25.41 27.95
C SER D 174 -17.59 25.02 26.68
N PRO D 175 -17.92 25.66 25.54
CA PRO D 175 -17.15 25.37 24.31
C PRO D 175 -15.65 25.54 24.48
N GLN D 176 -15.23 26.51 25.29
CA GLN D 176 -13.81 26.84 25.47
C GLN D 176 -13.11 25.93 26.47
N ASP D 177 -13.84 25.41 27.46
CA ASP D 177 -13.33 24.58 28.54
C ASP D 177 -13.65 23.10 28.35
N SER D 178 -13.91 22.65 27.11
CA SER D 178 -14.43 21.29 26.94
C SER D 178 -13.45 20.43 26.18
N LEU D 179 -13.68 20.21 24.88
CA LEU D 179 -13.07 19.13 24.12
C LEU D 179 -11.67 19.50 23.61
N TYR D 180 -10.72 19.60 24.55
CA TYR D 180 -9.36 20.04 24.20
C TYR D 180 -8.68 19.07 23.25
N GLY D 181 -8.63 17.80 23.63
CA GLY D 181 -7.89 16.81 22.85
C GLY D 181 -8.45 16.51 21.48
N SER D 182 -9.78 16.60 21.32
CA SER D 182 -10.42 16.25 20.05
C SER D 182 -10.63 17.45 19.16
N ARG D 183 -10.84 18.64 19.75
CA ARG D 183 -10.78 19.86 18.95
C ARG D 183 -9.41 20.02 18.30
N HIS D 184 -8.33 19.71 19.04
CA HIS D 184 -6.99 19.81 18.44
C HIS D 184 -6.74 18.69 17.44
N LEU D 185 -7.18 17.48 17.78
CA LEU D 185 -6.85 16.37 16.91
C LEU D 185 -7.71 16.36 15.67
N ALA D 186 -8.87 16.99 15.70
CA ALA D 186 -9.61 17.23 14.47
C ALA D 186 -8.81 18.15 13.53
N ALA D 187 -8.43 19.34 14.03
CA ALA D 187 -7.73 20.30 13.16
C ALA D 187 -6.42 19.73 12.64
N LYS D 188 -5.62 19.16 13.53
CA LYS D 188 -4.39 18.47 13.14
C LYS D 188 -4.66 17.41 12.09
N MET D 189 -5.74 16.63 12.25
CA MET D 189 -6.02 15.60 11.26
C MET D 189 -6.46 16.23 9.93
N ALA D 190 -7.16 17.35 9.98
CA ALA D 190 -7.60 18.03 8.77
C ALA D 190 -6.45 18.67 8.02
N SER D 191 -5.32 18.91 8.70
CA SER D 191 -4.13 19.51 8.12
CA SER D 191 -4.15 19.51 8.08
C SER D 191 -3.02 18.51 7.82
N THR D 192 -3.25 17.22 8.07
CA THR D 192 -2.20 16.24 7.80
C THR D 192 -2.48 15.56 6.48
N PRO D 193 -1.56 15.66 5.49
CA PRO D 193 -1.80 15.03 4.18
C PRO D 193 -1.81 13.50 4.30
N HIS D 194 -2.94 12.90 3.94
CA HIS D 194 -3.10 11.44 3.94
C HIS D 194 -3.71 10.96 2.64
N PRO D 195 -3.13 9.95 1.96
CA PRO D 195 -1.97 9.12 2.25
C PRO D 195 -0.69 9.90 1.89
N PRO D 196 0.52 9.28 2.02
CA PRO D 196 1.75 10.01 1.67
C PRO D 196 1.81 10.69 0.30
N GLY D 197 0.97 10.28 -0.65
CA GLY D 197 0.93 10.97 -1.94
C GLY D 197 0.67 12.45 -1.76
N ALA D 198 -0.23 12.79 -0.85
CA ALA D 198 -0.54 14.18 -0.50
C ALA D 198 -1.15 14.91 -1.68
N ARG D 199 -2.05 14.25 -2.40
CA ARG D 199 -2.81 14.87 -3.48
C ARG D 199 -4.18 15.29 -2.98
N GLY D 200 -4.16 16.28 -2.08
CA GLY D 200 -5.37 17.01 -1.74
C GLY D 200 -6.36 16.32 -0.84
N THR D 201 -5.96 15.26 -0.11
CA THR D 201 -6.77 14.60 0.89
C THR D 201 -6.09 14.68 2.25
N SER D 202 -6.90 14.66 3.33
CA SER D 202 -6.42 14.85 4.69
C SER D 202 -6.58 13.55 5.47
N GLN D 203 -6.00 13.51 6.67
CA GLN D 203 -6.22 12.35 7.55
C GLN D 203 -7.66 12.25 8.00
N LEU D 204 -8.37 13.38 8.05
CA LEU D 204 -9.79 13.41 8.29
C LEU D 204 -10.58 12.80 7.15
N HIS D 205 -10.15 13.06 5.92
CA HIS D 205 -10.87 12.47 4.78
C HIS D 205 -10.78 10.96 4.78
N GLY D 206 -9.74 10.41 5.40
CA GLY D 206 -9.51 8.98 5.56
C GLY D 206 -10.25 8.35 6.71
N MET D 207 -11.02 9.10 7.47
CA MET D 207 -11.84 8.49 8.51
C MET D 207 -13.08 7.89 7.87
N ASP D 208 -13.23 6.57 7.97
CA ASP D 208 -14.46 5.93 7.49
C ASP D 208 -15.61 6.22 8.46
N LEU D 209 -15.38 6.01 9.75
CA LEU D 209 -16.46 6.10 10.71
C LEU D 209 -15.86 6.37 12.08
N LEU D 210 -16.41 7.34 12.80
CA LEU D 210 -15.94 7.63 14.16
C LEU D 210 -16.89 6.96 15.14
N VAL D 211 -16.45 5.85 15.72
CA VAL D 211 -17.26 5.12 16.69
C VAL D 211 -16.79 5.53 18.07
N LEU D 212 -17.51 6.46 18.67
CA LEU D 212 -17.18 7.00 19.97
C LEU D 212 -17.95 6.24 21.06
N LEU D 213 -17.22 5.45 21.85
CA LEU D 213 -17.73 4.81 23.05
C LEU D 213 -17.66 5.79 24.22
N ASP D 214 -18.73 5.86 24.99
CA ASP D 214 -18.64 6.71 26.17
C ASP D 214 -19.74 6.33 27.15
N LEU D 215 -19.37 6.23 28.43
CA LEU D 215 -20.32 6.04 29.52
C LEU D 215 -21.09 4.73 29.35
N ILE D 216 -20.36 3.60 29.30
CA ILE D 216 -20.95 2.34 28.85
C ILE D 216 -21.25 1.33 29.99
N GLY D 217 -20.44 1.30 31.04
CA GLY D 217 -20.47 0.19 32.01
C GLY D 217 -21.77 -0.03 32.78
N ALA D 218 -22.74 0.90 32.72
CA ALA D 218 -23.89 0.81 33.61
C ALA D 218 -24.89 -0.30 33.18
N PRO D 219 -25.62 -0.86 34.13
CA PRO D 219 -26.61 -1.88 33.77
C PRO D 219 -27.83 -1.28 33.08
N ASN D 220 -28.29 -1.98 32.04
CA ASN D 220 -29.46 -1.65 31.23
C ASN D 220 -29.28 -0.35 30.46
N PRO D 221 -28.27 -0.25 29.58
CA PRO D 221 -28.16 0.95 28.76
C PRO D 221 -28.97 0.81 27.48
N THR D 222 -29.63 1.91 27.09
CA THR D 222 -30.27 2.04 25.80
C THR D 222 -29.62 3.17 25.00
N PHE D 223 -29.06 2.85 23.84
CA PHE D 223 -28.35 3.82 23.00
C PHE D 223 -29.26 4.35 21.91
N PRO D 224 -29.52 5.65 21.81
CA PRO D 224 -30.29 6.18 20.68
C PRO D 224 -29.47 6.16 19.41
N ASN D 225 -30.19 6.18 18.28
CA ASN D 225 -29.59 6.38 16.97
C ASN D 225 -29.58 7.88 16.72
N PHE D 226 -28.40 8.50 16.82
CA PHE D 226 -28.34 9.95 16.79
C PHE D 226 -28.39 10.52 15.38
N PHE D 227 -27.71 9.91 14.41
CA PHE D 227 -27.48 10.61 13.16
C PHE D 227 -27.93 9.80 11.94
N PRO D 228 -28.73 10.40 11.06
CA PRO D 228 -29.16 9.71 9.83
C PRO D 228 -28.04 9.02 9.04
N ASN D 229 -26.89 9.68 8.87
CA ASN D 229 -25.87 9.18 7.96
C ASN D 229 -25.14 7.94 8.49
N SER D 230 -25.30 7.62 9.78
CA SER D 230 -24.82 6.37 10.37
C SER D 230 -25.96 5.40 10.72
N ALA D 231 -27.20 5.69 10.32
CA ALA D 231 -28.34 4.88 10.74
C ALA D 231 -28.16 3.41 10.42
N ARG D 232 -27.76 3.08 9.18
CA ARG D 232 -27.65 1.69 8.76
C ARG D 232 -26.67 0.88 9.62
N TRP D 233 -25.58 1.52 10.09
CA TRP D 233 -24.64 0.81 10.96
C TRP D 233 -25.20 0.63 12.37
N PHE D 234 -26.10 1.51 12.78
CA PHE D 234 -26.79 1.30 14.05
C PHE D 234 -27.70 0.09 13.95
N GLU D 235 -28.33 -0.10 12.78
CA GLU D 235 -29.20 -1.24 12.55
C GLU D 235 -28.43 -2.54 12.48
N ARG D 236 -27.17 -2.49 12.02
CA ARG D 236 -26.35 -3.69 12.11
C ARG D 236 -26.05 -4.01 13.56
N LEU D 237 -26.05 -3.00 14.42
CA LEU D 237 -25.84 -3.25 15.84
C LEU D 237 -27.05 -3.95 16.45
N GLN D 238 -28.26 -3.56 16.05
CA GLN D 238 -29.46 -4.30 16.44
C GLN D 238 -29.39 -5.75 15.98
N ALA D 239 -29.16 -5.96 14.68
CA ALA D 239 -29.06 -7.31 14.15
C ALA D 239 -27.98 -8.14 14.85
N ILE D 240 -26.86 -7.50 15.24
CA ILE D 240 -25.80 -8.24 15.92
C ILE D 240 -26.23 -8.62 17.33
N GLU D 241 -26.88 -7.70 18.04
CA GLU D 241 -27.44 -8.01 19.35
C GLU D 241 -28.56 -9.05 19.25
N HIS D 242 -29.29 -9.04 18.13
CA HIS D 242 -30.36 -10.01 17.92
C HIS D 242 -29.78 -11.41 17.74
N GLU D 243 -28.76 -11.57 16.87
CA GLU D 243 -28.25 -12.89 16.56
C GLU D 243 -27.25 -13.40 17.60
N LEU D 244 -26.67 -12.53 18.41
CA LEU D 244 -25.91 -13.05 19.54
C LEU D 244 -26.86 -13.65 20.57
N HIS D 245 -27.98 -12.97 20.81
CA HIS D 245 -28.94 -13.47 21.76
C HIS D 245 -29.59 -14.74 21.25
N GLU D 246 -30.11 -14.72 20.02
CA GLU D 246 -30.80 -15.87 19.45
C GLU D 246 -29.95 -17.12 19.50
N LEU D 247 -28.62 -16.98 19.40
CA LEU D 247 -27.74 -18.11 19.63
C LEU D 247 -27.36 -18.28 21.08
N GLY D 248 -27.88 -17.44 21.97
CA GLY D 248 -27.56 -17.59 23.36
C GLY D 248 -26.11 -17.29 23.65
N LEU D 249 -25.60 -16.16 23.12
CA LEU D 249 -24.24 -15.71 23.34
C LEU D 249 -24.19 -14.48 24.24
N LEU D 250 -25.33 -13.91 24.59
CA LEU D 250 -25.43 -12.83 25.54
C LEU D 250 -25.87 -13.37 26.90
N LYS D 251 -25.37 -12.76 27.96
CA LYS D 251 -25.70 -13.16 29.33
C LYS D 251 -26.66 -12.15 29.96
N ASP D 252 -27.65 -12.66 30.71
CA ASP D 252 -28.70 -11.88 31.38
C ASP D 252 -29.28 -10.82 30.47
N HIS D 253 -29.48 -11.20 29.22
CA HIS D 253 -29.94 -10.30 28.16
C HIS D 253 -31.39 -10.62 27.87
N SER D 254 -32.19 -9.58 27.74
CA SER D 254 -33.60 -9.74 27.37
C SER D 254 -33.86 -8.99 26.08
N LEU D 255 -34.65 -9.59 25.19
CA LEU D 255 -34.97 -8.96 23.92
C LEU D 255 -36.01 -7.87 24.08
N GLU D 256 -36.61 -7.75 25.26
CA GLU D 256 -37.50 -6.64 25.57
C GLU D 256 -36.76 -5.48 26.23
N GLY D 257 -35.64 -5.75 26.92
CA GLY D 257 -34.77 -4.68 27.38
C GLY D 257 -33.43 -4.66 26.67
N ARG D 258 -33.43 -4.25 25.41
CA ARG D 258 -32.22 -4.37 24.62
C ARG D 258 -31.38 -3.11 24.71
N TYR D 259 -30.15 -3.19 24.24
CA TYR D 259 -29.30 -1.99 24.26
C TYR D 259 -29.61 -1.07 23.09
N PHE D 260 -29.68 -1.62 21.87
CA PHE D 260 -29.84 -0.81 20.67
C PHE D 260 -31.30 -0.81 20.22
N GLN D 261 -32.04 0.25 20.59
CA GLN D 261 -33.42 0.47 20.16
C GLN D 261 -33.48 1.63 19.17
N ASN D 262 -34.40 1.52 18.21
CA ASN D 262 -34.43 2.36 17.01
C ASN D 262 -34.57 3.86 17.30
N TYR D 263 -35.13 4.25 18.44
CA TYR D 263 -35.65 5.61 18.60
C TYR D 263 -34.57 6.67 18.35
N SER D 264 -35.01 7.83 17.83
CA SER D 264 -34.13 8.94 17.53
C SER D 264 -33.88 9.81 18.76
N TYR D 265 -32.88 10.69 18.65
CA TYR D 265 -32.56 11.64 19.70
C TYR D 265 -32.71 13.05 19.14
N GLY D 266 -33.38 13.93 19.88
CA GLY D 266 -33.71 15.23 19.33
C GLY D 266 -32.66 16.29 19.52
N GLY D 267 -32.11 16.43 20.73
CA GLY D 267 -31.10 17.42 20.98
C GLY D 267 -29.74 16.96 20.50
N VAL D 268 -28.71 17.67 20.96
CA VAL D 268 -27.33 17.32 20.66
C VAL D 268 -26.58 17.22 21.98
N ILE D 269 -25.75 16.20 22.12
CA ILE D 269 -24.89 16.03 23.28
C ILE D 269 -23.46 16.35 22.87
N GLN D 270 -22.77 17.17 23.66
CA GLN D 270 -21.39 17.53 23.37
C GLN D 270 -20.44 16.44 23.83
N ASP D 271 -19.68 15.89 22.88
CA ASP D 271 -18.66 14.89 23.20
C ASP D 271 -17.51 15.05 22.20
N ASP D 272 -16.46 14.25 22.40
CA ASP D 272 -15.26 14.33 21.54
C ASP D 272 -15.60 14.11 20.07
N HIS D 273 -16.79 13.59 19.77
CA HIS D 273 -17.22 13.43 18.38
C HIS D 273 -17.55 14.77 17.75
N ILE D 274 -17.91 15.76 18.56
CA ILE D 274 -18.46 17.00 18.01
C ILE D 274 -17.49 17.70 17.08
N PRO D 275 -16.21 17.89 17.42
CA PRO D 275 -15.31 18.55 16.46
C PRO D 275 -15.14 17.80 15.15
N PHE D 276 -15.40 16.50 15.14
CA PHE D 276 -15.31 15.76 13.89
C PHE D 276 -16.61 15.74 13.13
N LEU D 277 -17.74 15.73 13.85
CA LEU D 277 -19.02 15.87 13.18
C LEU D 277 -19.10 17.17 12.42
N ARG D 278 -18.46 18.22 12.93
CA ARG D 278 -18.57 19.51 12.25
C ARG D 278 -17.73 19.59 10.99
N ARG D 279 -16.96 18.55 10.65
CA ARG D 279 -16.13 18.53 9.44
C ARG D 279 -16.51 17.43 8.48
N GLY D 280 -17.73 16.90 8.61
CA GLY D 280 -18.27 15.82 7.80
C GLY D 280 -17.69 14.44 8.04
N VAL D 281 -17.38 14.10 9.29
CA VAL D 281 -16.99 12.73 9.66
C VAL D 281 -18.26 11.97 10.06
N PRO D 282 -18.57 10.83 9.42
CA PRO D 282 -19.71 10.00 9.86
C PRO D 282 -19.47 9.41 11.26
N VAL D 283 -20.34 9.77 12.20
CA VAL D 283 -20.15 9.44 13.61
C VAL D 283 -21.12 8.31 14.02
N LEU D 284 -20.60 7.33 14.78
CA LEU D 284 -21.42 6.38 15.51
C LEU D 284 -21.19 6.59 17.01
N HIS D 285 -22.05 7.39 17.64
CA HIS D 285 -21.83 7.84 19.01
C HIS D 285 -22.50 6.89 19.99
N LEU D 286 -21.72 5.91 20.46
CA LEU D 286 -22.15 4.88 21.39
C LEU D 286 -22.20 5.41 22.82
N ILE D 287 -23.04 6.41 23.03
CA ILE D 287 -23.35 6.93 24.37
C ILE D 287 -24.80 6.61 24.71
N PRO D 288 -25.10 6.18 25.94
CA PRO D 288 -26.49 5.89 26.30
C PRO D 288 -27.24 7.15 26.73
N SER D 289 -28.54 7.13 26.46
CA SER D 289 -29.47 8.14 26.96
C SER D 289 -30.66 7.38 27.52
N PRO D 290 -30.94 7.48 28.84
CA PRO D 290 -30.31 8.44 29.75
C PRO D 290 -28.89 8.06 30.16
N PHE D 291 -28.14 9.02 30.72
CA PHE D 291 -26.80 8.76 31.21
C PHE D 291 -26.88 7.87 32.44
N PRO D 292 -25.80 7.14 32.73
CA PRO D 292 -25.73 6.42 34.00
C PRO D 292 -26.00 7.33 35.19
N GLU D 293 -26.75 6.82 36.16
CA GLU D 293 -27.09 7.60 37.35
C GLU D 293 -25.85 8.00 38.16
N VAL D 294 -24.77 7.25 38.01
CA VAL D 294 -23.52 7.57 38.70
C VAL D 294 -22.71 8.65 37.98
N TRP D 295 -23.10 9.02 36.76
CA TRP D 295 -22.32 9.93 35.93
C TRP D 295 -21.87 11.12 36.72
N HIS D 296 -20.56 11.37 36.70
CA HIS D 296 -19.95 12.52 37.36
C HIS D 296 -20.28 12.58 38.85
N THR D 297 -20.36 11.40 39.48
CA THR D 297 -20.49 11.24 40.92
C THR D 297 -19.43 10.23 41.32
N MET D 298 -18.90 10.35 42.54
CA MET D 298 -17.78 9.49 42.91
C MET D 298 -18.19 8.05 43.15
N ASP D 299 -19.49 7.75 43.18
CA ASP D 299 -19.99 6.40 43.14
C ASP D 299 -19.87 5.79 41.76
N ASP D 300 -19.61 6.59 40.74
CA ASP D 300 -19.24 6.00 39.46
C ASP D 300 -18.03 5.13 39.67
N ASN D 301 -18.19 3.83 39.84
CA ASN D 301 -17.04 3.07 40.31
C ASN D 301 -17.20 1.62 39.88
N GLU D 302 -16.16 0.86 40.18
CA GLU D 302 -16.15 -0.56 39.81
C GLU D 302 -17.31 -1.31 40.45
N GLU D 303 -17.71 -0.93 41.68
CA GLU D 303 -18.74 -1.69 42.37
C GLU D 303 -20.07 -1.56 41.68
N ASN D 304 -20.29 -0.44 40.96
CA ASN D 304 -21.54 -0.20 40.27
C ASN D 304 -21.45 -0.49 38.76
N LEU D 305 -20.49 -1.32 38.34
CA LEU D 305 -20.39 -1.79 36.96
C LEU D 305 -21.00 -3.18 36.81
N ASP D 306 -21.67 -3.44 35.67
CA ASP D 306 -22.28 -4.73 35.38
C ASP D 306 -21.38 -5.53 34.46
N GLU D 307 -20.61 -6.47 35.05
CA GLU D 307 -19.68 -7.29 34.28
C GLU D 307 -20.33 -7.95 33.08
N SER D 308 -21.61 -8.33 33.20
CA SER D 308 -22.25 -9.07 32.12
C SER D 308 -22.69 -8.15 30.99
N THR D 309 -23.21 -6.96 31.31
CA THR D 309 -23.53 -5.98 30.29
C THR D 309 -22.28 -5.62 29.46
N ILE D 310 -21.14 -5.39 30.11
CA ILE D 310 -19.94 -5.01 29.38
C ILE D 310 -19.54 -6.13 28.40
N ASP D 311 -19.60 -7.39 28.86
CA ASP D 311 -19.21 -8.51 28.00
C ASP D 311 -20.13 -8.62 26.77
N ASN D 312 -21.43 -8.40 26.97
CA ASN D 312 -22.32 -8.41 25.82
C ASN D 312 -21.92 -7.35 24.81
N LEU D 313 -21.59 -6.16 25.28
CA LEU D 313 -21.23 -5.07 24.39
C LEU D 313 -19.87 -5.31 23.75
N ASN D 314 -18.92 -5.86 24.51
CA ASN D 314 -17.66 -6.31 23.92
C ASN D 314 -17.91 -7.18 22.69
N LYS D 315 -18.70 -8.25 22.87
CA LYS D 315 -19.01 -9.18 21.79
C LYS D 315 -19.67 -8.45 20.63
N ILE D 316 -20.65 -7.59 20.92
CA ILE D 316 -21.37 -6.86 19.87
C ILE D 316 -20.40 -5.94 19.11
N LEU D 317 -19.55 -5.21 19.82
CA LEU D 317 -18.63 -4.32 19.12
C LEU D 317 -17.58 -5.09 18.33
N GLN D 318 -17.07 -6.19 18.89
CA GLN D 318 -16.05 -6.98 18.21
C GLN D 318 -16.58 -7.62 16.93
N VAL D 319 -17.86 -7.97 16.89
CA VAL D 319 -18.44 -8.49 15.66
C VAL D 319 -18.66 -7.36 14.67
N PHE D 320 -19.09 -6.20 15.15
CA PHE D 320 -19.31 -5.05 14.26
C PHE D 320 -18.05 -4.72 13.47
N VAL D 321 -16.90 -4.65 14.15
CA VAL D 321 -15.69 -4.22 13.47
C VAL D 321 -15.09 -5.35 12.62
N LEU D 322 -15.29 -6.61 13.01
CA LEU D 322 -14.87 -7.68 12.11
C LEU D 322 -15.79 -7.80 10.89
N GLU D 323 -17.04 -7.34 11.00
CA GLU D 323 -17.89 -7.25 9.82
C GLU D 323 -17.51 -6.03 9.00
N TYR D 324 -17.33 -4.88 9.66
CA TYR D 324 -16.85 -3.69 8.97
C TYR D 324 -15.57 -3.96 8.17
N LEU D 325 -14.59 -4.59 8.81
CA LEU D 325 -13.30 -4.85 8.18
C LEU D 325 -13.28 -6.08 7.26
N HIS D 326 -14.43 -6.71 7.01
CA HIS D 326 -14.53 -7.91 6.15
C HIS D 326 -13.61 -9.03 6.62
N LEU D 327 -13.39 -9.11 7.93
CA LEU D 327 -12.57 -10.16 8.52
C LEU D 327 -13.41 -11.18 9.26
C01 G5R E . 19.27 -4.54 -37.25
C03 G5R E . 19.11 -6.86 -38.00
C04 G5R E . 17.73 -6.86 -37.76
C05 G5R E . 16.98 -7.92 -38.17
C07 G5R E . 14.62 -6.97 -38.73
C08 G5R E . 13.76 -7.77 -39.73
C09 G5R E . 14.49 -9.13 -40.20
C10 G5R E . 14.04 -9.32 -41.72
C11 G5R E . 13.27 -8.23 -42.06
C12 G5R E . 13.56 -7.07 -40.89
C13 G5R E . 14.86 -8.69 -36.86
C15 G5R E . 15.05 -10.40 -35.01
C16 G5R E . 16.16 -11.09 -34.23
C17 G5R E . 15.93 -10.80 -32.72
C19 G5R E . 17.50 -12.70 -31.94
C21 G5R E . 18.18 -11.71 -30.01
C22 G5R E . 17.27 -10.87 -30.67
C23 G5R E . 16.76 -9.48 -30.28
C25 G5R E . 17.57 -9.01 -38.85
C26 G5R E . 18.94 -9.02 -39.08
C27 G5R E . 19.70 -7.95 -38.65
C29 G5R E . 21.93 -9.04 -38.47
C30 G5R E . 23.32 -8.70 -39.17
C32 G5R E . 24.75 -10.27 -38.60
C33 G5R E . 26.01 -10.61 -37.69
C35 G5R E . 26.57 -8.32 -37.64
C36 G5R E . 25.31 -8.02 -38.62
N06 G5R E . 15.46 -7.88 -37.91
N14 G5R E . 15.69 -9.51 -36.12
N18 G5R E . 16.89 -11.48 -31.83
N20 G5R E . 18.32 -12.84 -30.78
N31 G5R E . 24.29 -8.93 -38.39
O02 G5R E . 19.96 -5.68 -37.53
O24 G5R E . 13.68 -8.66 -36.64
O28 G5R E . 21.09 -7.93 -38.90
O34 G5R E . 26.41 -9.51 -36.91
ZN ZN F . 19.37 -14.60 -30.77
C01 G5R G . -34.07 -25.93 -22.35
C03 G5R G . -34.06 -23.51 -22.44
C04 G5R G . -32.80 -23.51 -23.03
C05 G5R G . -32.32 -22.35 -23.56
C07 G5R G . -30.93 -22.80 -25.66
C08 G5R G . -30.80 -21.72 -26.74
C09 G5R G . -31.56 -20.37 -26.33
C10 G5R G . -32.25 -19.84 -27.67
C11 G5R G . -31.98 -20.76 -28.64
C12 G5R G . -31.43 -22.14 -27.88
C13 G5R G . -29.65 -21.93 -23.68
C15 G5R G . -30.42 -21.27 -21.22
C16 G5R G . -29.76 -21.69 -19.89
C17 G5R G . -28.40 -20.99 -19.56
C19 G5R G . -28.72 -19.10 -17.87
C21 G5R G . -28.32 -20.14 -15.93
C22 G5R G . -28.18 -21.08 -16.97
C23 G5R G . -27.80 -22.55 -16.80
C25 G5R G . -33.09 -21.17 -23.52
C26 G5R G . -34.36 -21.18 -22.92
C27 G5R G . -34.83 -22.33 -22.38
C29 G5R G . -36.27 -22.56 -20.36
C30 G5R G . -37.79 -23.00 -20.14
C32 G5R G . -37.80 -21.56 -18.42
C33 G5R G . -38.19 -21.41 -16.89
C35 G5R G . -39.91 -23.05 -17.22
C36 G5R G . -39.49 -23.11 -18.79
N06 G5R G . -30.94 -22.32 -24.25
N14 G5R G . -29.39 -21.48 -22.39
N18 G5R G . -28.43 -20.41 -18.17
N20 G5R G . -28.66 -18.94 -16.47
N31 G5R G . -38.14 -22.85 -18.93
O02 G5R G . -34.61 -24.79 -21.84
O24 G5R G . -28.71 -22.02 -24.40
O28 G5R G . -36.14 -22.31 -21.79
O34 G5R G . -38.88 -22.55 -16.40
ZN ZN H . -29.20 -18.18 -14.65
C01 G5R I . 11.57 46.66 -0.12
C03 G5R I . 9.88 46.11 -1.76
C04 G5R I . 9.03 45.70 -0.70
C05 G5R I . 7.76 45.31 -0.97
C07 G5R I . 6.19 45.94 1.02
C08 G5R I . 4.66 46.04 0.84
C09 G5R I . 4.22 45.85 -0.70
C10 G5R I . 3.04 46.91 -0.93
C11 G5R I . 2.89 47.60 0.25
C12 G5R I . 4.25 47.29 1.17
C13 G5R I . 6.75 43.47 0.53
C15 G5R I . 7.24 41.02 0.14
C16 G5R I . 7.96 40.10 -0.86
C17 G5R I . 8.91 39.08 -0.15
C19 G5R I . 8.83 37.92 -2.41
C21 G5R I . 10.61 36.53 -2.25
C22 G5R I . 10.48 37.28 -1.07
C23 G5R I . 11.37 37.19 0.17
C25 G5R I . 7.27 45.31 -2.29
C26 G5R I . 8.11 45.70 -3.33
C27 G5R I . 9.39 46.10 -3.08
C29 G5R I . 11.51 45.94 -4.44
C30 G5R I . 12.18 46.90 -5.52
C32 G5R I . 12.41 45.11 -6.75
C33 G5R I . 13.39 44.33 -7.71
C35 G5R I . 14.73 46.32 -8.03
C36 G5R I . 13.53 47.06 -7.23
N06 G5R I . 6.87 44.88 0.21
N14 G5R I . 7.40 42.53 -0.23
N18 G5R I . 9.39 38.12 -1.18
N20 G5R I . 9.59 36.92 -3.08
N31 G5R I . 13.03 46.27 -6.22
O02 G5R I . 11.29 46.56 -1.45
O24 G5R I . 6.07 43.12 1.46
O28 G5R I . 10.19 46.52 -4.20
O34 G5R I . 14.66 44.92 -7.93
ZN ZN J . 10.53 35.61 -4.32
C01 G5R K . -28.65 13.13 27.86
C03 G5R K . -27.66 14.42 29.65
C04 G5R K . -27.15 15.36 28.72
C05 G5R K . -26.69 16.56 29.15
C07 G5R K . -27.11 18.34 27.27
C08 G5R K . -26.79 19.83 27.08
C09 G5R K . -26.72 20.57 28.51
C10 G5R K . -27.71 21.83 28.35
C11 G5R K . -27.95 21.96 27.01
C12 G5R K . -27.80 20.42 26.37
C13 G5R K . -24.73 17.63 27.97
C15 G5R K . -22.35 17.01 28.56
C16 G5R K . -21.56 16.00 29.41
C17 G5R K . -20.57 15.26 28.46
C19 G5R K . -19.12 14.20 30.33
C21 G5R K . -18.70 12.23 29.32
C22 G5R K . -19.49 13.02 28.47
C23 G5R K . -20.04 12.69 27.07
C25 G5R K . -26.68 16.86 30.53
C26 G5R K . -27.17 15.92 31.46
C27 G5R K . -27.64 14.71 31.02
C29 G5R K . -28.00 14.18 33.39
C30 G5R K . -29.11 13.38 34.19
C32 G5R K . -27.64 12.55 35.62
C33 G5R K . -27.04 11.21 36.21
C35 G5R K . -29.05 10.06 35.62
C36 G5R K . -29.64 11.46 35.10
N06 G5R K . -26.16 17.54 28.12
N14 G5R K . -23.90 16.86 28.76
N18 G5R K . -19.75 14.20 29.11
N20 G5R K . -18.46 12.95 30.47
N31 G5R K . -28.63 12.29 34.62
O02 G5R K . -28.17 13.09 29.13
O24 G5R K . -24.24 18.36 27.18
O28 G5R K . -28.13 13.76 31.98
O34 G5R K . -27.64 10.06 35.64
ZN ZN L . -17.58 12.94 32.44
#